data_8EJF
#
_entry.id   8EJF
#
_cell.length_a   1.00
_cell.length_b   1.00
_cell.length_c   1.00
_cell.angle_alpha   90.00
_cell.angle_beta   90.00
_cell.angle_gamma   90.00
#
_symmetry.space_group_name_H-M   'P 1'
#
loop_
_entity.id
_entity.type
_entity.pdbx_description
1 polymer 'Glycoprotein GP1'
2 polymer 'Glycoprotein GP2'
3 branched alpha-D-mannopyranose-(1-3)-[alpha-D-mannopyranose-(1-6)]beta-D-mannopyranose-(1-4)-2-acetamido-2-deoxy-beta-D-glucopyranose-(1-4)-2-acetamido-2-deoxy-beta-D-glucopyranose
4 branched 2-acetamido-2-deoxy-beta-D-glucopyranose-(1-4)-2-acetamido-2-deoxy-beta-D-glucopyranose
5 branched 2-acetamido-2-deoxy-beta-D-glucopyranose-(1-4)-[alpha-L-fucopyranose-(1-6)]2-acetamido-2-deoxy-beta-D-glucopyranose
6 branched beta-D-mannopyranose-(1-4)-2-acetamido-2-deoxy-beta-D-glucopyranose-(1-4)-2-acetamido-2-deoxy-beta-D-glucopyranose
7 non-polymer 2-acetamido-2-deoxy-beta-D-glucopyranose
#
loop_
_entity_poly.entity_id
_entity_poly.type
_entity_poly.pdbx_seq_one_letter_code
_entity_poly.pdbx_strand_id
1 'polypeptide(L)'
;MGQIVTFFQEVPHVIEEVMNIVLIALSILAVLKGLYNIATCGLIGLVTFFLLCGRSCSSNLYKGVYELQSLDLNMETLNM
TMPLSCTKNNSHHYIRVGNETGLELTLTNTSLLDHKFCNLSDAHKKNLYDHALMSIISTFHLSIPNFNQYEAMSCDFNGG
KITVQYNLSHSYAGDAARHCGTIANGVLQTFMRMAWGGSYIALDSGCGNWDCIMTSYQYLIIQNTTWEDHCQFSRPSPIG
YLSLLSQRTRDIYISRRRR
;
A,B,C
2 'polypeptide(L)'
;GTFTWTLSDSEGNATPGGYCLTRWMLIEAELKCFGNTAVAKCNEKHDEEFCDMLRLFDFNKQAISRLRSPAQMSIQLINK
AVNALINDQLIMKNHLRDIMCIPYCNYSKYWYLNHTVTGRTSLPKCWLVSNGSYLNETHFSDDIEQQADNMITEMLQKEY
MDRQGGSGGSGGSGGSGGSEKAAKAEEAARKMEELFKKHKIVAVLRANSVEEAIEKAVAVFAGGVHLIEITFTVPDADTV
IKALSVLKEKGAIIGAGTVTSVEQCRKAVESGAEFIVSPHLDEEISQFCKEKGVFYMPGVMTPTELVKAMKLGHDILKLF
PGEVVGPEFVKAMKGPFPNVKFVPTGGVDLDNVCEWFDAGVLAVGVGDALVEGDPDEVREKAKEFVEKIRGCTEGSLEWS
HPQFEK
;
a,b,c
#
loop_
_chem_comp.id
_chem_comp.type
_chem_comp.name
_chem_comp.formula
BMA D-saccharide, beta linking beta-D-mannopyranose 'C6 H12 O6'
FUC L-saccharide, alpha linking alpha-L-fucopyranose 'C6 H12 O5'
MAN D-saccharide, alpha linking alpha-D-mannopyranose 'C6 H12 O6'
NAG D-saccharide, beta linking 2-acetamido-2-deoxy-beta-D-glucopyranose 'C8 H15 N O6'
#
# COMPACT_ATOMS: atom_id res chain seq x y z
N SER A 59 29.85 -16.68 19.99
CA SER A 59 29.25 -17.97 20.28
C SER A 59 29.77 -19.14 19.40
N ASN A 60 30.61 -18.85 18.38
CA ASN A 60 31.21 -19.79 17.42
C ASN A 60 30.22 -20.58 16.58
N LEU A 61 29.95 -21.83 16.93
CA LEU A 61 29.09 -22.70 16.13
C LEU A 61 27.66 -22.79 16.67
N TYR A 62 26.69 -23.07 15.79
CA TYR A 62 25.30 -23.10 16.21
C TYR A 62 24.51 -24.36 15.91
N LYS A 63 24.63 -25.38 16.77
CA LYS A 63 23.99 -26.69 16.61
C LYS A 63 24.40 -27.41 15.34
N GLY A 64 25.67 -27.35 15.05
CA GLY A 64 26.29 -27.97 13.91
C GLY A 64 27.37 -27.02 13.57
N VAL A 65 28.09 -27.23 12.50
CA VAL A 65 29.15 -26.30 12.28
C VAL A 65 28.69 -25.16 11.42
N TYR A 66 28.46 -24.02 12.02
CA TYR A 66 28.01 -22.88 11.27
C TYR A 66 28.74 -21.64 11.70
N GLU A 67 29.07 -20.78 10.76
CA GLU A 67 29.68 -19.50 11.11
C GLU A 67 28.68 -18.38 10.83
N LEU A 68 28.83 -17.20 11.49
CA LEU A 68 27.91 -16.07 11.20
C LEU A 68 28.28 -15.32 9.91
N GLN A 69 29.58 -15.24 9.61
CA GLN A 69 30.04 -14.63 8.37
C GLN A 69 29.35 -13.34 7.94
N SER A 70 29.34 -12.29 8.75
CA SER A 70 28.55 -11.11 8.43
C SER A 70 28.94 -10.30 7.19
N LEU A 71 27.93 -9.55 6.70
CA LEU A 71 28.01 -8.66 5.56
C LEU A 71 27.80 -7.22 6.00
N ASP A 72 28.36 -6.28 5.24
CA ASP A 72 28.13 -4.84 5.43
C ASP A 72 27.97 -4.28 4.02
N LEU A 73 26.76 -3.83 3.70
CA LEU A 73 26.45 -3.44 2.32
C LEU A 73 26.97 -2.08 1.90
N ASN A 74 27.49 -2.03 0.69
CA ASN A 74 28.03 -0.81 0.15
C ASN A 74 26.97 -0.02 -0.55
N MET A 75 26.14 0.63 0.24
CA MET A 75 24.99 1.37 -0.26
C MET A 75 25.37 2.55 -1.12
N GLU A 76 26.63 2.95 -1.11
CA GLU A 76 27.12 4.05 -1.89
C GLU A 76 26.93 3.78 -3.37
N THR A 77 26.98 2.53 -3.80
CA THR A 77 26.94 2.22 -5.22
C THR A 77 25.55 2.42 -5.81
N LEU A 78 24.58 2.71 -4.93
CA LEU A 78 23.20 3.04 -5.29
C LEU A 78 23.02 4.58 -5.63
N ASN A 79 24.10 5.38 -5.48
CA ASN A 79 24.25 6.83 -5.63
C ASN A 79 23.67 7.40 -6.95
N MET A 80 23.80 6.67 -8.07
CA MET A 80 23.36 7.13 -9.39
C MET A 80 21.90 6.87 -9.68
N THR A 81 21.16 6.23 -8.77
CA THR A 81 19.75 6.09 -9.07
C THR A 81 18.83 6.66 -8.00
N MET A 82 19.19 6.68 -6.73
CA MET A 82 18.25 7.24 -5.74
C MET A 82 19.06 7.98 -4.68
N PRO A 83 18.50 8.94 -3.95
CA PRO A 83 19.24 9.71 -2.97
C PRO A 83 19.68 8.89 -1.79
N LEU A 84 20.84 9.24 -1.26
CA LEU A 84 21.37 8.57 -0.07
C LEU A 84 21.60 9.56 1.05
N SER A 85 21.03 9.32 2.22
CA SER A 85 21.25 10.27 3.30
C SER A 85 22.24 9.71 4.31
N CYS A 86 22.92 10.61 5.08
CA CYS A 86 23.90 10.26 6.11
C CYS A 86 24.05 11.38 7.14
N THR A 87 24.81 11.06 8.19
CA THR A 87 25.17 12.01 9.22
C THR A 87 26.66 12.35 9.19
N LYS A 88 26.98 13.64 9.28
CA LYS A 88 28.39 14.06 9.35
C LYS A 88 28.84 14.26 10.80
N ASN A 89 28.05 15.02 11.59
CA ASN A 89 28.27 15.34 13.01
C ASN A 89 26.93 15.77 13.61
N ASN A 90 26.90 16.22 14.88
CA ASN A 90 25.67 16.50 15.63
C ASN A 90 24.71 17.51 14.97
N SER A 91 25.25 18.48 14.27
CA SER A 91 24.47 19.51 13.64
C SER A 91 24.34 19.37 12.14
N HIS A 92 24.94 18.36 11.55
CA HIS A 92 24.90 18.25 10.10
C HIS A 92 24.62 16.88 9.55
N HIS A 93 23.68 16.88 8.61
CA HIS A 93 23.26 15.71 7.88
C HIS A 93 23.28 16.04 6.39
N TYR A 94 23.49 15.02 5.56
CA TYR A 94 23.59 15.23 4.11
C TYR A 94 22.82 14.24 3.26
N ILE A 95 22.43 14.68 2.06
CA ILE A 95 21.78 13.81 1.07
C ILE A 95 22.49 13.82 -0.27
N ARG A 96 23.00 12.69 -0.75
CA ARG A 96 23.66 12.67 -2.05
C ARG A 96 22.59 12.52 -3.10
N VAL A 97 22.60 13.30 -4.17
CA VAL A 97 21.57 13.09 -5.19
C VAL A 97 22.12 12.75 -6.56
N GLY A 98 23.42 12.86 -6.75
CA GLY A 98 23.99 12.55 -8.05
C GLY A 98 25.49 12.71 -8.00
N ASN A 99 26.16 12.71 -9.19
CA ASN A 99 27.63 12.79 -9.23
C ASN A 99 28.08 14.19 -8.80
N GLU A 100 28.82 14.22 -7.68
CA GLU A 100 29.38 15.36 -6.96
C GLU A 100 28.33 16.36 -6.52
N THR A 101 27.10 15.90 -6.25
CA THR A 101 26.04 16.82 -5.78
C THR A 101 25.08 16.24 -4.77
N GLY A 102 24.58 17.12 -3.89
CA GLY A 102 23.60 16.73 -2.86
C GLY A 102 23.18 17.88 -1.94
N LEU A 103 22.36 17.57 -0.95
CA LEU A 103 21.87 18.57 0.01
C LEU A 103 22.54 18.53 1.34
N GLU A 104 22.65 19.70 1.93
CA GLU A 104 23.16 19.91 3.26
C GLU A 104 22.04 20.29 4.19
N LEU A 105 21.85 19.51 5.24
CA LEU A 105 20.81 19.74 6.22
C LEU A 105 21.47 20.27 7.48
N THR A 106 21.24 21.53 7.80
CA THR A 106 21.92 22.13 8.94
C THR A 106 21.03 22.48 10.11
N LEU A 107 21.43 22.04 11.30
CA LEU A 107 20.70 22.40 12.49
C LEU A 107 21.48 23.49 13.19
N THR A 108 20.90 24.65 13.29
CA THR A 108 21.62 25.76 13.87
C THR A 108 20.84 26.69 14.80
N ASN A 109 21.51 27.74 15.31
CA ASN A 109 20.80 28.78 16.12
C ASN A 109 20.79 30.10 15.33
N THR A 110 21.46 30.15 14.17
CA THR A 110 21.51 31.36 13.31
C THR A 110 20.49 31.28 12.23
N SER A 111 20.42 32.32 11.41
CA SER A 111 19.42 32.38 10.36
C SER A 111 19.99 33.01 9.11
N LEU A 112 19.67 32.46 7.95
CA LEU A 112 20.21 33.03 6.73
C LEU A 112 19.15 33.78 5.95
N LEU A 113 17.94 33.26 6.01
CA LEU A 113 16.85 33.81 5.26
C LEU A 113 15.83 34.52 6.15
N ASP A 114 15.71 35.84 6.01
CA ASP A 114 14.82 36.62 6.85
C ASP A 114 13.51 36.96 6.16
N HIS A 115 13.30 36.35 5.01
CA HIS A 115 12.06 36.51 4.27
C HIS A 115 11.04 35.64 4.88
N LYS A 116 9.79 36.05 4.77
CA LYS A 116 8.66 35.27 5.26
C LYS A 116 7.84 34.76 4.10
N PHE A 117 8.45 34.79 2.94
CA PHE A 117 7.79 34.36 1.74
C PHE A 117 8.49 33.10 1.29
N CYS A 118 7.76 32.13 0.71
CA CYS A 118 8.38 30.96 0.08
C CYS A 118 8.04 31.07 -1.39
N ASN A 119 9.01 31.51 -2.17
CA ASN A 119 8.72 31.88 -3.54
C ASN A 119 8.72 30.69 -4.51
N LEU A 120 7.70 29.83 -4.31
CA LEU A 120 7.41 28.60 -5.03
C LEU A 120 6.67 28.95 -6.30
N SER A 121 5.96 30.08 -6.30
CA SER A 121 5.26 30.48 -7.49
C SER A 121 6.28 30.86 -8.54
N ASP A 122 7.46 31.31 -8.13
CA ASP A 122 8.52 31.56 -9.08
C ASP A 122 9.21 30.26 -9.38
N ALA A 123 9.51 29.48 -8.35
CA ALA A 123 10.26 28.26 -8.60
C ALA A 123 9.56 27.33 -9.55
N HIS A 124 8.26 27.25 -9.51
CA HIS A 124 7.62 26.29 -10.38
C HIS A 124 7.12 26.93 -11.67
N LYS A 125 7.42 28.20 -11.90
CA LYS A 125 6.97 28.87 -13.12
C LYS A 125 8.14 29.34 -13.96
N LYS A 126 9.15 29.89 -13.31
CA LYS A 126 10.32 30.41 -14.00
C LYS A 126 11.33 29.29 -14.13
N ASN A 127 11.10 28.26 -13.35
CA ASN A 127 11.99 27.13 -13.21
C ASN A 127 13.35 27.60 -12.72
N LEU A 128 14.40 27.42 -13.51
CA LEU A 128 15.73 27.83 -13.07
C LEU A 128 16.12 27.12 -11.78
N TYR A 129 15.67 25.89 -11.58
CA TYR A 129 15.99 25.17 -10.37
C TYR A 129 16.44 23.79 -10.73
N ASP A 130 17.17 23.19 -9.82
CA ASP A 130 17.64 21.84 -10.00
C ASP A 130 16.57 20.80 -9.77
N HIS A 131 16.40 19.97 -10.76
CA HIS A 131 15.46 18.89 -10.68
C HIS A 131 16.06 17.85 -9.76
N ALA A 132 15.20 17.03 -9.18
CA ALA A 132 15.54 16.00 -8.19
C ALA A 132 15.75 16.68 -6.85
N LEU A 133 16.63 17.67 -6.78
CA LEU A 133 16.79 18.36 -5.51
C LEU A 133 15.46 18.98 -5.12
N MET A 134 14.73 19.54 -6.09
CA MET A 134 13.42 20.07 -5.79
C MET A 134 12.44 19.00 -5.34
N SER A 135 12.54 17.81 -5.93
CA SER A 135 11.59 16.77 -5.59
C SER A 135 11.83 16.26 -4.19
N ILE A 136 13.09 16.23 -3.79
CA ILE A 136 13.45 15.77 -2.47
C ILE A 136 12.96 16.75 -1.46
N ILE A 137 13.16 18.05 -1.68
CA ILE A 137 12.68 18.98 -0.69
C ILE A 137 11.18 19.02 -0.65
N SER A 138 10.49 18.88 -1.78
CA SER A 138 9.05 18.86 -1.71
C SER A 138 8.58 17.62 -0.97
N THR A 139 9.24 16.47 -1.18
CA THR A 139 8.84 15.26 -0.49
C THR A 139 9.02 15.46 1.01
N PHE A 140 10.15 16.03 1.39
CA PHE A 140 10.43 16.30 2.78
C PHE A 140 9.43 17.24 3.39
N HIS A 141 9.20 18.35 2.74
CA HIS A 141 8.34 19.38 3.23
C HIS A 141 6.92 18.91 3.42
N LEU A 142 6.44 18.15 2.47
CA LEU A 142 5.07 17.70 2.51
C LEU A 142 4.88 16.49 3.42
N SER A 143 5.96 16.02 4.05
CA SER A 143 5.87 14.89 4.96
C SER A 143 5.72 15.40 6.39
N ILE A 144 5.81 16.71 6.56
CA ILE A 144 5.67 17.32 7.85
C ILE A 144 4.19 17.45 8.16
N PRO A 145 3.68 17.00 9.31
CA PRO A 145 2.30 17.15 9.72
C PRO A 145 1.97 18.56 10.17
N ASN A 146 0.72 19.02 10.01
CA ASN A 146 0.28 20.26 10.64
C ASN A 146 1.17 21.48 10.43
N PHE A 147 1.65 21.77 9.22
CA PHE A 147 2.60 22.90 9.17
C PHE A 147 2.21 24.18 8.44
N ASN A 148 1.17 24.19 7.62
CA ASN A 148 0.80 25.42 6.89
C ASN A 148 2.06 26.20 6.49
N GLN A 149 2.17 27.44 6.98
CA GLN A 149 3.43 28.14 6.87
C GLN A 149 3.77 28.71 8.25
N TYR A 150 2.91 29.59 8.77
CA TYR A 150 3.16 30.22 10.06
C TYR A 150 4.48 30.99 10.03
N GLU A 151 4.73 31.74 8.95
CA GLU A 151 5.96 32.52 8.71
C GLU A 151 7.17 31.64 8.36
N ALA A 152 7.38 30.62 9.18
CA ALA A 152 8.43 29.63 9.09
C ALA A 152 8.33 28.90 7.77
N MET A 153 9.45 28.36 7.28
CA MET A 153 9.50 27.63 6.01
C MET A 153 9.44 28.56 4.84
N SER A 154 10.01 29.75 5.00
CA SER A 154 10.15 30.66 3.89
C SER A 154 11.26 30.06 3.04
N CYS A 155 11.39 30.49 1.76
CA CYS A 155 12.40 29.98 0.81
C CYS A 155 12.77 31.05 -0.22
N ASP A 156 14.01 30.97 -0.70
CA ASP A 156 14.47 31.94 -1.68
C ASP A 156 15.32 31.35 -2.77
N PHE A 157 14.76 31.27 -3.97
CA PHE A 157 15.40 30.62 -5.09
C PHE A 157 16.08 31.60 -6.00
N ASN A 158 16.16 32.88 -5.61
CA ASN A 158 16.76 33.88 -6.47
C ASN A 158 18.28 33.91 -6.31
N GLY A 159 18.87 32.82 -6.76
CA GLY A 159 20.31 32.57 -6.71
C GLY A 159 20.72 31.73 -5.51
N GLY A 160 19.86 31.65 -4.50
CA GLY A 160 20.13 30.85 -3.30
C GLY A 160 19.57 29.45 -3.52
N LYS A 161 18.95 29.32 -4.67
CA LYS A 161 18.30 28.15 -5.15
C LYS A 161 17.46 27.45 -4.11
N ILE A 162 17.83 26.25 -3.75
CA ILE A 162 16.99 25.50 -2.85
C ILE A 162 16.91 26.02 -1.40
N THR A 163 17.75 26.99 -1.02
CA THR A 163 17.74 27.45 0.36
C THR A 163 16.32 27.71 0.92
N VAL A 164 16.00 26.94 1.95
CA VAL A 164 14.75 26.98 2.70
C VAL A 164 15.00 26.85 4.19
N GLN A 165 14.24 27.54 5.04
CA GLN A 165 14.47 27.26 6.46
C GLN A 165 13.20 27.17 7.28
N TYR A 166 13.22 26.18 8.17
CA TYR A 166 12.08 25.79 9.00
C TYR A 166 11.76 26.50 10.32
N ASN A 167 12.70 27.28 10.91
CA ASN A 167 12.44 28.09 12.13
C ASN A 167 11.78 27.28 13.30
N LEU A 168 12.56 26.38 13.93
CA LEU A 168 12.16 25.43 14.99
C LEU A 168 11.87 26.19 16.27
N SER A 169 12.26 27.45 16.29
CA SER A 169 12.05 28.35 17.41
C SER A 169 10.56 28.55 17.67
N HIS A 170 9.69 28.22 16.70
CA HIS A 170 8.24 28.36 16.92
C HIS A 170 7.67 27.23 17.78
N SER A 171 8.21 27.14 18.99
CA SER A 171 7.83 26.26 20.06
C SER A 171 7.39 27.28 21.07
N TYR A 172 7.85 28.52 20.79
CA TYR A 172 7.61 29.74 21.53
C TYR A 172 8.19 29.70 22.94
N ALA A 173 7.96 30.78 23.72
CA ALA A 173 8.43 30.85 25.10
C ALA A 173 9.87 30.37 25.23
N GLY A 174 10.09 29.35 26.05
CA GLY A 174 11.39 28.77 26.26
C GLY A 174 11.21 27.54 27.11
N ASP A 175 12.27 26.71 27.21
CA ASP A 175 12.18 25.43 27.92
C ASP A 175 11.13 24.68 27.11
N ALA A 176 10.74 23.47 27.47
CA ALA A 176 9.67 22.94 26.65
C ALA A 176 8.52 23.93 26.77
N ALA A 177 8.01 24.35 25.65
CA ALA A 177 6.95 25.33 25.55
C ALA A 177 5.71 24.68 25.00
N ARG A 178 5.43 24.76 23.69
CA ARG A 178 4.25 24.07 23.18
C ARG A 178 4.54 22.58 23.02
N HIS A 179 4.65 21.95 24.17
CA HIS A 179 5.00 20.57 24.29
C HIS A 179 3.87 19.78 23.64
N CYS A 180 4.23 18.82 22.77
CA CYS A 180 3.38 17.93 21.98
C CYS A 180 2.50 18.69 20.98
N GLY A 181 2.80 19.97 20.72
CA GLY A 181 1.98 20.72 19.77
C GLY A 181 2.74 21.53 18.73
N THR A 182 3.96 21.93 19.04
CA THR A 182 4.74 22.73 18.10
C THR A 182 5.01 22.08 16.75
N ILE A 183 4.97 22.93 15.72
CA ILE A 183 5.26 22.53 14.36
C ILE A 183 6.70 22.09 14.27
N ALA A 184 7.51 22.58 15.19
CA ALA A 184 8.90 22.23 15.26
C ALA A 184 9.06 20.73 15.44
N ASN A 185 8.15 20.08 16.17
CA ASN A 185 8.32 18.67 16.36
C ASN A 185 7.97 18.00 15.07
N GLY A 186 6.99 18.56 14.36
CA GLY A 186 6.63 17.98 13.06
C GLY A 186 7.86 18.02 12.14
N VAL A 187 8.63 19.11 12.24
CA VAL A 187 9.82 19.28 11.43
C VAL A 187 10.89 18.30 11.88
N LEU A 188 11.10 18.18 13.19
CA LEU A 188 12.11 17.29 13.70
C LEU A 188 11.81 15.85 13.38
N GLN A 189 10.55 15.45 13.44
CA GLN A 189 10.24 14.08 13.14
C GLN A 189 10.43 13.80 11.68
N THR A 190 10.17 14.78 10.84
CA THR A 190 10.38 14.56 9.43
C THR A 190 11.89 14.48 9.17
N PHE A 191 12.65 15.36 9.83
CA PHE A 191 14.11 15.42 9.71
C PHE A 191 14.72 14.08 10.02
N MET A 192 14.24 13.46 11.08
CA MET A 192 14.75 12.19 11.54
C MET A 192 14.26 10.99 10.73
N ARG A 193 13.49 11.24 9.69
CA ARG A 193 13.11 10.19 8.77
C ARG A 193 13.97 10.42 7.52
N MET A 194 14.23 11.69 7.18
CA MET A 194 15.04 12.01 6.01
C MET A 194 16.39 11.37 6.13
N ALA A 195 16.90 11.38 7.34
CA ALA A 195 18.13 10.72 7.69
C ALA A 195 17.78 10.06 8.99
N TRP A 196 18.16 8.81 9.19
CA TRP A 196 17.73 8.19 10.42
C TRP A 196 18.79 7.20 10.79
N GLY A 197 18.69 6.60 11.96
CA GLY A 197 19.68 5.63 12.42
C GLY A 197 20.83 6.39 13.09
N GLY A 198 21.44 7.27 12.31
CA GLY A 198 22.52 8.17 12.68
C GLY A 198 21.99 9.56 13.05
N SER A 199 20.67 9.68 13.18
CA SER A 199 20.05 10.95 13.52
C SER A 199 20.03 11.16 15.02
N TYR A 200 20.37 10.13 15.77
CA TYR A 200 20.31 10.11 17.22
C TYR A 200 21.26 11.09 17.89
N ILE A 201 22.26 11.57 17.16
CA ILE A 201 23.20 12.51 17.76
C ILE A 201 22.74 13.95 17.54
N ALA A 202 21.60 14.11 16.90
CA ALA A 202 20.98 15.38 16.71
C ALA A 202 20.43 15.72 18.06
N LEU A 203 19.74 16.83 18.21
CA LEU A 203 19.28 17.14 19.55
C LEU A 203 18.13 16.30 20.05
N ASP A 204 17.53 15.50 19.19
CA ASP A 204 16.50 14.61 19.67
C ASP A 204 17.17 13.64 20.60
N SER A 205 16.72 13.53 21.83
CA SER A 205 17.41 12.63 22.73
C SER A 205 16.49 11.88 23.66
N GLY A 206 16.62 10.56 23.60
CA GLY A 206 15.85 9.63 24.41
C GLY A 206 14.77 8.92 23.58
N CYS A 207 14.76 7.58 23.63
CA CYS A 207 13.79 6.74 22.92
C CYS A 207 12.65 6.42 23.87
N GLY A 208 11.51 6.02 23.34
CA GLY A 208 10.41 5.71 24.22
C GLY A 208 9.69 7.01 24.59
N ASN A 209 10.06 8.07 23.89
CA ASN A 209 9.56 9.40 24.09
C ASN A 209 9.19 9.90 22.72
N TRP A 210 8.05 9.45 22.27
CA TRP A 210 7.63 9.74 20.92
C TRP A 210 6.97 11.07 20.78
N ASP A 211 7.47 11.85 19.83
CA ASP A 211 6.98 13.17 19.56
C ASP A 211 7.30 13.95 20.83
N CYS A 212 6.92 15.25 20.89
CA CYS A 212 7.10 16.14 22.06
C CYS A 212 8.61 16.25 22.35
N ILE A 213 9.40 16.33 21.29
CA ILE A 213 10.84 16.35 21.40
C ILE A 213 11.39 17.66 21.95
N MET A 214 10.89 18.78 21.43
CA MET A 214 11.24 20.11 21.94
C MET A 214 12.76 20.39 22.05
N THR A 215 13.48 20.33 20.94
CA THR A 215 14.93 20.55 20.94
C THR A 215 15.34 22.01 21.09
N SER A 216 16.63 22.21 21.38
CA SER A 216 17.27 23.51 21.52
C SER A 216 17.71 24.24 20.23
N TYR A 217 17.78 23.57 19.07
CA TYR A 217 18.15 24.32 17.86
C TYR A 217 16.98 25.14 17.45
N GLN A 218 17.24 26.28 16.82
CA GLN A 218 16.18 27.19 16.47
C GLN A 218 15.81 27.09 15.01
N TYR A 219 16.74 26.62 14.19
CA TYR A 219 16.48 26.56 12.77
C TYR A 219 16.96 25.27 12.12
N LEU A 220 16.21 24.82 11.13
CA LEU A 220 16.66 23.78 10.21
C LEU A 220 16.78 24.42 8.85
N ILE A 221 18.00 24.43 8.35
CA ILE A 221 18.27 25.06 7.08
C ILE A 221 18.66 24.04 6.04
N ILE A 222 18.00 24.07 4.90
CA ILE A 222 18.37 23.13 3.86
C ILE A 222 18.90 23.88 2.65
N GLN A 223 20.11 23.50 2.23
CA GLN A 223 20.80 24.12 1.08
C GLN A 223 21.44 23.10 0.15
N ASN A 224 21.71 23.46 -1.13
CA ASN A 224 22.43 22.61 -2.08
C ASN A 224 23.94 22.75 -1.83
N THR A 225 24.66 21.61 -1.84
CA THR A 225 26.10 21.53 -1.65
C THR A 225 26.77 20.63 -2.66
N THR A 226 28.09 20.54 -2.55
CA THR A 226 28.82 19.66 -3.42
C THR A 226 28.95 18.34 -2.70
N TRP A 227 29.19 17.27 -3.43
CA TRP A 227 29.29 16.02 -2.69
C TRP A 227 30.68 15.65 -2.27
N GLU A 228 31.05 16.21 -1.15
CA GLU A 228 32.34 15.98 -0.56
C GLU A 228 32.16 14.77 0.34
N ASP A 229 33.22 14.29 0.96
CA ASP A 229 33.09 13.12 1.80
C ASP A 229 32.54 13.50 3.18
N HIS A 230 31.26 13.78 3.19
CA HIS A 230 30.51 14.25 4.35
C HIS A 230 30.06 13.17 5.35
N CYS A 231 29.87 11.91 4.89
CA CYS A 231 29.27 10.83 5.68
C CYS A 231 30.28 10.17 6.60
N GLN A 232 30.66 10.91 7.61
CA GLN A 232 31.63 10.51 8.62
C GLN A 232 31.01 9.83 9.84
N PHE A 233 29.77 10.14 10.18
CA PHE A 233 29.18 9.56 11.38
C PHE A 233 28.38 8.32 11.08
N SER A 234 27.71 8.32 9.94
CA SER A 234 26.90 7.16 9.57
C SER A 234 27.08 6.85 8.09
N ARG A 235 26.85 5.60 7.72
CA ARG A 235 26.99 5.19 6.33
C ARG A 235 25.80 5.76 5.56
N PRO A 236 25.96 6.17 4.29
CA PRO A 236 24.91 6.60 3.39
C PRO A 236 23.87 5.53 3.24
N SER A 237 22.63 5.95 3.16
CA SER A 237 21.54 5.02 2.99
C SER A 237 20.34 5.58 2.27
N PRO A 238 19.70 4.82 1.37
CA PRO A 238 18.52 5.20 0.65
C PRO A 238 17.30 5.11 1.52
N ILE A 239 17.44 4.50 2.69
CA ILE A 239 16.29 4.20 3.51
C ILE A 239 15.58 5.45 3.99
N GLY A 240 16.31 6.48 4.39
CA GLY A 240 15.64 7.68 4.91
C GLY A 240 14.66 8.23 3.88
N TYR A 241 15.14 8.46 2.67
CA TYR A 241 14.28 8.97 1.62
C TYR A 241 13.14 8.00 1.37
N LEU A 242 13.44 6.72 1.29
CA LEU A 242 12.40 5.77 1.00
C LEU A 242 11.34 5.81 2.10
N SER A 243 11.75 5.97 3.35
CA SER A 243 10.77 6.03 4.41
C SER A 243 9.85 7.23 4.25
N LEU A 244 10.40 8.40 3.91
CA LEU A 244 9.50 9.55 3.73
C LEU A 244 8.56 9.39 2.56
N LEU A 245 9.09 8.84 1.48
CA LEU A 245 8.37 8.65 0.25
C LEU A 245 7.27 7.61 0.33
N SER A 246 7.60 6.49 0.93
CA SER A 246 6.71 5.37 1.06
C SER A 246 5.65 5.66 2.07
N GLN A 247 4.38 5.50 1.69
CA GLN A 247 3.23 5.71 2.59
C GLN A 247 3.00 7.15 3.05
N ARG A 248 4.01 7.77 3.64
CA ARG A 248 4.03 9.12 4.22
C ARG A 248 3.33 9.14 5.58
N THR A 249 2.18 8.44 5.66
CA THR A 249 1.21 8.27 6.76
C THR A 249 0.25 9.43 6.85
N ARG A 250 0.49 10.42 6.02
CA ARG A 250 -0.30 11.62 5.82
C ARG A 250 -0.27 12.50 7.05
N ASP A 251 -0.88 12.03 8.14
CA ASP A 251 -0.91 12.69 9.44
C ASP A 251 -1.16 14.18 9.18
N ILE A 252 -2.25 14.47 8.48
CA ILE A 252 -2.49 15.82 7.99
C ILE A 252 -2.79 16.89 9.04
N TYR A 253 -3.67 16.59 10.00
CA TYR A 253 -4.16 17.50 11.07
C TYR A 253 -5.08 18.59 10.58
N ILE A 254 -4.64 19.28 9.55
CA ILE A 254 -5.36 20.40 8.97
C ILE A 254 -6.65 19.95 8.29
N SER A 255 -7.79 20.61 8.62
CA SER A 255 -9.12 20.38 8.05
C SER A 255 -9.55 18.91 8.07
N GLY B 1 16.91 -22.00 -13.83
CA GLY B 1 17.11 -21.08 -12.73
C GLY B 1 16.61 -19.66 -13.06
N THR B 2 15.39 -19.34 -12.59
CA THR B 2 14.76 -18.01 -12.71
C THR B 2 14.26 -17.55 -11.34
N PHE B 3 14.15 -16.23 -11.16
CA PHE B 3 13.64 -15.63 -9.94
C PHE B 3 12.44 -14.74 -10.20
N THR B 4 11.61 -14.55 -9.20
CA THR B 4 10.47 -13.66 -9.30
C THR B 4 10.83 -12.33 -8.69
N TRP B 5 11.85 -12.30 -7.82
CA TRP B 5 12.18 -11.04 -7.18
C TRP B 5 12.91 -10.08 -8.10
N THR B 6 13.41 -10.58 -9.22
CA THR B 6 14.20 -9.75 -10.12
C THR B 6 13.38 -9.03 -11.15
N LEU B 7 13.88 -7.88 -11.54
CA LEU B 7 13.23 -7.14 -12.60
C LEU B 7 13.66 -7.63 -13.95
N SER B 8 14.82 -8.24 -14.03
CA SER B 8 15.36 -8.66 -15.30
C SER B 8 14.59 -9.83 -15.86
N ASP B 9 14.70 -10.04 -17.16
CA ASP B 9 14.07 -11.21 -17.75
C ASP B 9 15.03 -12.38 -17.67
N SER B 10 15.30 -12.82 -16.45
CA SER B 10 16.23 -13.91 -16.18
C SER B 10 17.54 -13.68 -16.91
N GLU B 11 18.03 -12.45 -16.85
CA GLU B 11 19.24 -12.05 -17.54
C GLU B 11 20.47 -12.83 -17.09
N GLY B 12 20.56 -13.13 -15.80
CA GLY B 12 21.71 -13.86 -15.30
C GLY B 12 21.72 -13.98 -13.78
N ASN B 13 22.72 -14.72 -13.29
CA ASN B 13 22.99 -14.99 -11.87
C ASN B 13 21.91 -15.78 -11.13
N ALA B 14 21.01 -16.42 -11.89
CA ALA B 14 19.98 -17.27 -11.30
C ALA B 14 20.24 -18.73 -11.57
N THR B 15 21.28 -18.99 -12.37
CA THR B 15 21.59 -20.35 -12.76
C THR B 15 22.91 -20.99 -12.26
N PRO B 16 24.04 -20.27 -12.00
CA PRO B 16 25.33 -20.88 -11.69
C PRO B 16 25.49 -21.32 -10.24
N GLY B 17 24.49 -22.02 -9.73
CA GLY B 17 24.46 -22.58 -8.39
C GLY B 17 23.90 -21.62 -7.34
N GLY B 18 23.96 -20.32 -7.64
CA GLY B 18 23.57 -19.27 -6.71
C GLY B 18 23.77 -17.87 -7.25
N TYR B 19 23.36 -16.91 -6.45
CA TYR B 19 23.44 -15.49 -6.79
C TYR B 19 24.58 -14.90 -5.96
N CYS B 20 25.54 -14.21 -6.60
CA CYS B 20 26.72 -13.64 -5.93
C CYS B 20 26.58 -12.15 -5.73
N LEU B 21 26.97 -11.73 -4.55
CA LEU B 21 27.00 -10.34 -4.22
C LEU B 21 28.40 -9.89 -4.53
N THR B 22 28.52 -8.94 -5.43
CA THR B 22 29.84 -8.48 -5.85
C THR B 22 30.44 -7.43 -4.96
N ARG B 23 31.64 -7.02 -5.32
CA ARG B 23 32.42 -6.10 -4.49
C ARG B 23 31.85 -4.70 -4.46
N TRP B 24 30.86 -4.44 -5.30
CA TRP B 24 30.17 -3.19 -5.32
C TRP B 24 28.82 -3.31 -4.65
N MET B 25 28.54 -4.46 -4.07
CA MET B 25 27.33 -4.62 -3.29
C MET B 25 27.79 -4.65 -1.86
N LEU B 26 29.00 -5.18 -1.69
CA LEU B 26 29.64 -5.38 -0.41
C LEU B 26 30.72 -4.35 -0.16
N ILE B 27 30.95 -3.98 1.10
CA ILE B 27 32.10 -3.10 1.30
C ILE B 27 33.38 -3.93 1.37
N GLU B 28 33.26 -5.16 1.89
CA GLU B 28 34.39 -6.03 2.10
C GLU B 28 34.52 -7.20 1.15
N ALA B 29 35.70 -7.29 0.56
CA ALA B 29 36.10 -8.35 -0.36
C ALA B 29 35.13 -8.50 -1.52
N GLU B 30 34.78 -9.73 -1.85
CA GLU B 30 33.93 -9.97 -3.00
C GLU B 30 33.24 -11.31 -2.99
N LEU B 31 32.25 -11.41 -3.85
CA LEU B 31 31.58 -12.66 -4.16
C LEU B 31 31.05 -13.47 -3.02
N LYS B 32 30.13 -12.90 -2.29
CA LYS B 32 29.49 -13.66 -1.24
C LYS B 32 28.35 -14.33 -2.00
N CYS B 33 28.42 -15.67 -2.20
CA CYS B 33 27.50 -16.41 -3.08
C CYS B 33 26.54 -17.27 -2.31
N PHE B 34 25.27 -16.99 -2.55
CA PHE B 34 24.19 -17.66 -1.86
C PHE B 34 23.51 -18.63 -2.79
N GLY B 35 23.37 -19.85 -2.35
CA GLY B 35 22.82 -20.86 -3.23
C GLY B 35 21.45 -20.48 -3.70
N ASN B 36 21.12 -20.91 -4.91
CA ASN B 36 19.85 -20.53 -5.52
C ASN B 36 18.63 -20.94 -4.74
N THR B 37 18.70 -22.02 -3.98
CA THR B 37 17.53 -22.45 -3.25
C THR B 37 17.33 -21.57 -2.03
N ALA B 38 18.38 -20.87 -1.63
CA ALA B 38 18.27 -19.98 -0.50
C ALA B 38 17.77 -18.67 -1.02
N VAL B 39 18.34 -18.22 -2.13
CA VAL B 39 18.04 -16.92 -2.69
C VAL B 39 16.60 -16.87 -3.10
N ALA B 40 16.11 -17.98 -3.61
CA ALA B 40 14.74 -18.13 -4.06
C ALA B 40 13.75 -17.79 -2.96
N LYS B 41 14.16 -17.83 -1.70
CA LYS B 41 13.22 -17.46 -0.65
C LYS B 41 12.67 -16.04 -0.88
N CYS B 42 13.49 -15.11 -1.44
CA CYS B 42 13.19 -13.72 -1.72
C CYS B 42 12.11 -13.62 -2.80
N ASN B 43 11.83 -14.72 -3.46
CA ASN B 43 10.82 -14.74 -4.48
C ASN B 43 9.42 -14.63 -3.93
N GLU B 44 9.20 -15.13 -2.70
CA GLU B 44 7.86 -15.16 -2.11
C GLU B 44 7.75 -14.79 -0.62
N LYS B 45 8.85 -14.73 0.13
CA LYS B 45 8.69 -14.48 1.59
C LYS B 45 7.90 -13.20 1.90
N HIS B 46 8.16 -12.15 1.13
CA HIS B 46 7.56 -10.83 1.22
C HIS B 46 7.82 -10.07 2.52
N ASP B 47 8.83 -10.48 3.30
CA ASP B 47 9.15 -9.72 4.50
C ASP B 47 10.58 -10.00 5.00
N GLU B 48 11.57 -9.37 4.36
CA GLU B 48 12.97 -9.60 4.74
C GLU B 48 13.87 -8.45 4.35
N GLU B 49 14.54 -7.84 5.31
CA GLU B 49 15.37 -6.69 4.98
C GLU B 49 16.44 -7.02 3.96
N PHE B 50 17.03 -8.20 4.04
CA PHE B 50 18.07 -8.50 3.06
C PHE B 50 17.55 -8.53 1.62
N CYS B 51 16.41 -9.24 1.39
CA CYS B 51 15.75 -9.43 0.10
C CYS B 51 15.31 -8.08 -0.44
N ASP B 52 14.92 -7.18 0.46
CA ASP B 52 14.50 -5.89 -0.01
C ASP B 52 15.72 -5.14 -0.54
N MET B 53 16.86 -5.26 0.14
CA MET B 53 18.04 -4.60 -0.39
C MET B 53 18.47 -5.25 -1.69
N LEU B 54 18.27 -6.55 -1.80
CA LEU B 54 18.67 -7.26 -2.99
C LEU B 54 17.91 -6.75 -4.19
N ARG B 55 16.60 -6.54 -4.04
CA ARG B 55 15.83 -6.02 -5.15
C ARG B 55 16.26 -4.60 -5.49
N LEU B 56 16.60 -3.81 -4.48
CA LEU B 56 16.98 -2.45 -4.72
C LEU B 56 18.28 -2.40 -5.52
N PHE B 57 19.22 -3.30 -5.21
CA PHE B 57 20.45 -3.35 -5.97
C PHE B 57 20.23 -3.82 -7.39
N ASP B 58 19.30 -4.76 -7.57
CA ASP B 58 19.01 -5.28 -8.90
C ASP B 58 18.46 -4.16 -9.75
N PHE B 59 17.60 -3.34 -9.16
CA PHE B 59 17.07 -2.19 -9.85
C PHE B 59 18.18 -1.27 -10.25
N ASN B 60 19.05 -0.93 -9.30
CA ASN B 60 20.10 0.00 -9.59
C ASN B 60 20.92 -0.46 -10.75
N LYS B 61 21.26 -1.75 -10.78
CA LYS B 61 22.07 -2.23 -11.88
C LYS B 61 21.36 -2.06 -13.20
N GLN B 62 20.07 -2.41 -13.26
CA GLN B 62 19.36 -2.27 -14.52
C GLN B 62 19.18 -0.84 -14.93
N ALA B 63 18.90 0.03 -13.98
CA ALA B 63 18.66 1.41 -14.29
C ALA B 63 19.90 2.08 -14.83
N ILE B 64 21.04 1.77 -14.26
CA ILE B 64 22.24 2.42 -14.75
C ILE B 64 22.64 1.84 -16.08
N SER B 65 22.65 0.52 -16.18
CA SER B 65 23.07 -0.13 -17.40
C SER B 65 22.22 0.22 -18.60
N ARG B 66 20.90 0.24 -18.43
CA ARG B 66 20.03 0.50 -19.56
C ARG B 66 19.67 1.96 -19.80
N LEU B 67 19.63 2.81 -18.77
CA LEU B 67 19.21 4.18 -19.01
C LEU B 67 20.35 5.16 -19.14
N ARG B 68 21.54 4.84 -18.59
CA ARG B 68 22.72 5.73 -18.53
C ARG B 68 22.54 6.79 -17.44
N SER B 69 21.40 7.49 -17.50
CA SER B 69 20.96 8.52 -16.57
C SER B 69 21.97 9.65 -16.31
N PRO B 70 22.43 10.37 -17.35
CA PRO B 70 23.32 11.50 -17.22
C PRO B 70 22.54 12.63 -16.59
N ALA B 71 23.24 13.53 -15.88
CA ALA B 71 22.69 14.76 -15.28
C ALA B 71 21.72 14.51 -14.12
N GLN B 72 20.61 13.86 -14.41
CA GLN B 72 19.60 13.58 -13.41
C GLN B 72 19.51 12.11 -13.10
N MET B 73 19.09 11.80 -11.87
CA MET B 73 18.90 10.40 -11.46
C MET B 73 17.50 9.90 -11.71
N SER B 74 16.66 10.70 -12.36
CA SER B 74 15.31 10.27 -12.62
C SER B 74 14.60 9.84 -11.34
N ILE B 75 14.51 10.78 -10.40
CA ILE B 75 13.92 10.51 -9.10
C ILE B 75 12.46 10.05 -9.27
N GLN B 76 11.83 10.50 -10.33
CA GLN B 76 10.49 10.13 -10.67
C GLN B 76 10.38 8.65 -11.08
N LEU B 77 11.49 8.06 -11.55
CA LEU B 77 11.49 6.65 -11.88
C LEU B 77 11.55 5.92 -10.59
N ILE B 78 12.29 6.51 -9.65
CA ILE B 78 12.42 5.90 -8.35
C ILE B 78 11.09 5.91 -7.67
N ASN B 79 10.36 7.00 -7.75
CA ASN B 79 9.09 7.01 -7.06
C ASN B 79 8.22 5.83 -7.57
N LYS B 80 8.28 5.55 -8.86
CA LYS B 80 7.56 4.40 -9.38
C LYS B 80 8.16 3.10 -8.88
N ALA B 81 9.48 3.03 -8.90
CA ALA B 81 10.17 1.84 -8.51
C ALA B 81 9.96 1.47 -7.06
N VAL B 82 9.84 2.44 -6.16
CA VAL B 82 9.71 2.02 -4.79
C VAL B 82 8.37 1.39 -4.57
N ASN B 83 7.34 1.88 -5.23
CA ASN B 83 6.07 1.22 -4.99
C ASN B 83 6.13 -0.20 -5.50
N ALA B 84 6.91 -0.41 -6.56
CA ALA B 84 7.12 -1.74 -7.11
C ALA B 84 8.08 -2.63 -6.28
N LEU B 85 9.07 -2.01 -5.63
CA LEU B 85 10.14 -2.75 -4.97
C LEU B 85 10.35 -2.79 -3.46
N ILE B 86 9.92 -1.80 -2.68
CA ILE B 86 10.48 -1.76 -1.31
C ILE B 86 9.73 -2.27 -0.08
N ASN B 87 8.59 -2.92 -0.18
CA ASN B 87 8.04 -3.46 1.07
C ASN B 87 7.91 -2.43 2.20
N ASP B 88 7.16 -1.39 1.92
CA ASP B 88 6.87 -0.28 2.78
C ASP B 88 6.56 -0.68 4.22
N GLN B 89 5.79 -1.74 4.37
CA GLN B 89 5.37 -2.20 5.67
C GLN B 89 6.57 -2.53 6.55
N LEU B 90 7.62 -3.12 5.98
CA LEU B 90 8.77 -3.51 6.78
C LEU B 90 9.55 -2.31 7.17
N ILE B 91 9.64 -1.35 6.27
CA ILE B 91 10.40 -0.17 6.60
C ILE B 91 9.74 0.50 7.78
N MET B 92 8.42 0.60 7.76
CA MET B 92 7.78 1.22 8.88
C MET B 92 7.95 0.41 10.16
N LYS B 93 7.95 -0.93 10.10
CA LYS B 93 8.19 -1.67 11.34
C LYS B 93 9.55 -1.32 11.94
N ASN B 94 10.58 -1.19 11.09
CA ASN B 94 11.87 -0.85 11.68
C ASN B 94 11.87 0.56 12.22
N HIS B 95 11.12 1.44 11.59
CA HIS B 95 11.01 2.79 12.08
C HIS B 95 10.36 2.81 13.46
N LEU B 96 9.27 2.05 13.63
CA LEU B 96 8.61 2.04 14.92
C LEU B 96 9.53 1.51 15.98
N ARG B 97 10.28 0.48 15.67
CA ARG B 97 11.15 -0.07 16.67
C ARG B 97 12.16 0.97 17.15
N ASP B 98 12.65 1.82 16.24
CA ASP B 98 13.59 2.85 16.68
C ASP B 98 12.90 3.79 17.67
N ILE B 99 11.65 4.14 17.36
CA ILE B 99 10.89 5.05 18.21
C ILE B 99 10.70 4.47 19.60
N MET B 100 10.39 3.19 19.61
CA MET B 100 10.07 2.41 20.79
C MET B 100 11.22 1.83 21.64
N CYS B 101 12.51 2.08 21.31
CA CYS B 101 13.70 1.51 22.02
C CYS B 101 13.79 -0.01 21.79
N ILE B 102 13.33 -0.48 20.66
CA ILE B 102 13.38 -1.88 20.37
C ILE B 102 14.43 -2.02 19.31
N PRO B 103 15.35 -2.98 19.39
CA PRO B 103 16.34 -3.18 18.39
C PRO B 103 15.68 -3.25 17.04
N TYR B 104 16.29 -2.60 16.08
CA TYR B 104 15.72 -2.49 14.76
C TYR B 104 16.80 -2.56 13.72
N CYS B 105 16.39 -2.79 12.46
CA CYS B 105 17.34 -2.87 11.36
C CYS B 105 17.56 -1.50 10.71
N ASN B 106 18.82 -1.08 10.62
CA ASN B 106 19.12 0.13 9.88
C ASN B 106 19.62 -0.19 8.44
N TYR B 107 19.54 -1.48 8.04
CA TYR B 107 19.85 -2.14 6.77
C TYR B 107 21.29 -2.23 6.34
N SER B 108 22.26 -1.86 7.18
CA SER B 108 23.62 -2.02 6.69
C SER B 108 24.25 -3.36 6.96
N LYS B 109 23.84 -4.04 8.02
CA LYS B 109 24.58 -5.23 8.41
C LYS B 109 23.72 -6.43 8.56
N TYR B 110 24.21 -7.51 8.01
CA TYR B 110 23.50 -8.76 7.97
C TYR B 110 24.36 -9.92 8.42
N TRP B 111 23.73 -10.99 8.84
CA TRP B 111 24.42 -12.19 9.30
C TRP B 111 23.73 -13.38 8.74
N TYR B 112 24.44 -14.49 8.64
CA TYR B 112 23.82 -15.70 8.15
C TYR B 112 24.50 -16.87 8.67
N LEU B 113 23.87 -18.00 8.65
CA LEU B 113 24.62 -19.14 9.05
C LEU B 113 25.21 -19.80 7.84
N ASN B 114 26.52 -20.05 7.90
CA ASN B 114 27.33 -20.68 6.87
C ASN B 114 27.79 -22.06 7.31
N HIS B 115 27.22 -23.12 6.73
CA HIS B 115 27.53 -24.50 7.08
C HIS B 115 28.74 -24.84 6.26
N THR B 116 29.90 -24.43 6.75
CA THR B 116 31.18 -24.43 6.04
C THR B 116 31.69 -25.81 5.69
N VAL B 117 31.09 -26.80 6.29
CA VAL B 117 31.36 -28.17 6.01
C VAL B 117 30.94 -28.46 4.56
N THR B 118 29.77 -27.91 4.17
CA THR B 118 29.22 -28.12 2.84
C THR B 118 29.13 -26.84 2.00
N GLY B 119 29.20 -25.67 2.64
CA GLY B 119 29.10 -24.36 2.00
C GLY B 119 27.67 -23.78 1.87
N ARG B 120 26.68 -24.44 2.45
CA ARG B 120 25.31 -23.92 2.35
C ARG B 120 25.11 -22.71 3.26
N THR B 121 24.28 -21.77 2.82
CA THR B 121 23.97 -20.65 3.68
C THR B 121 22.47 -20.41 3.80
N SER B 122 22.10 -19.78 4.91
CA SER B 122 20.72 -19.40 5.28
C SER B 122 20.14 -18.15 4.64
N LEU B 123 21.00 -17.41 3.98
CA LEU B 123 20.79 -16.06 3.49
C LEU B 123 20.95 -15.15 4.64
N PRO B 124 21.37 -13.89 4.40
CA PRO B 124 21.53 -12.90 5.39
C PRO B 124 20.21 -12.51 5.96
N LYS B 125 20.24 -12.16 7.22
CA LYS B 125 19.14 -11.60 7.96
C LYS B 125 19.78 -10.40 8.64
N CYS B 126 19.02 -9.34 8.96
CA CYS B 126 19.59 -8.12 9.56
C CYS B 126 20.10 -8.32 10.99
N TRP B 127 21.30 -7.81 11.23
CA TRP B 127 21.96 -7.91 12.54
C TRP B 127 21.31 -7.11 13.66
N LEU B 128 20.71 -5.97 13.34
CA LEU B 128 20.03 -5.07 14.26
C LEU B 128 20.93 -4.21 15.14
N VAL B 129 20.42 -3.02 15.42
CA VAL B 129 21.03 -2.05 16.30
C VAL B 129 20.08 -1.58 17.36
N SER B 130 20.64 -1.08 18.44
CA SER B 130 19.91 -0.46 19.52
C SER B 130 20.85 0.47 20.26
N ASN B 131 20.34 1.55 20.88
CA ASN B 131 21.12 2.49 21.71
C ASN B 131 22.35 3.06 20.95
N GLY B 132 22.20 3.31 19.63
CA GLY B 132 23.22 3.85 18.74
C GLY B 132 24.19 2.82 18.14
N SER B 133 24.11 1.54 18.51
CA SER B 133 25.06 0.57 17.95
C SER B 133 24.57 -0.85 17.76
N TYR B 134 25.47 -1.71 17.33
CA TYR B 134 25.10 -3.09 17.03
C TYR B 134 24.95 -3.96 18.24
N LEU B 135 24.07 -4.92 18.11
CA LEU B 135 23.84 -5.90 19.15
C LEU B 135 24.95 -6.96 19.23
N ASN B 136 25.14 -7.53 20.44
CA ASN B 136 26.00 -8.70 20.66
C ASN B 136 25.26 -9.96 20.22
N GLU B 137 26.00 -10.98 19.73
CA GLU B 137 25.48 -12.28 19.30
C GLU B 137 24.95 -13.08 20.48
N THR B 138 25.31 -12.62 21.66
CA THR B 138 24.93 -13.24 22.91
C THR B 138 23.54 -12.82 23.33
N HIS B 139 23.05 -11.71 22.81
CA HIS B 139 21.71 -11.30 23.17
C HIS B 139 20.84 -11.57 21.98
N PHE B 140 21.48 -11.59 20.81
CA PHE B 140 20.81 -11.87 19.57
C PHE B 140 20.35 -13.33 19.76
N SER B 141 21.30 -14.13 20.22
CA SER B 141 21.09 -15.46 20.71
C SER B 141 20.26 -16.45 19.92
N ASP B 142 19.09 -16.76 20.50
CA ASP B 142 18.13 -17.73 20.08
C ASP B 142 17.70 -17.58 18.65
N ASP B 143 17.74 -16.37 18.12
CA ASP B 143 17.29 -16.26 16.75
C ASP B 143 18.28 -16.99 15.82
N ILE B 144 19.55 -17.10 16.25
CA ILE B 144 20.58 -17.75 15.48
C ILE B 144 20.32 -19.22 15.59
N GLU B 145 20.00 -19.64 16.79
CA GLU B 145 19.76 -21.05 17.04
C GLU B 145 18.56 -21.48 16.21
N GLN B 146 17.55 -20.61 16.12
CA GLN B 146 16.38 -20.93 15.35
C GLN B 146 16.72 -20.98 13.87
N GLN B 147 17.59 -20.09 13.42
CA GLN B 147 17.97 -20.14 12.02
C GLN B 147 18.73 -21.44 11.75
N ALA B 148 19.54 -21.90 12.71
CA ALA B 148 20.26 -23.14 12.52
C ALA B 148 19.28 -24.27 12.38
N ASP B 149 18.20 -24.25 13.17
CA ASP B 149 17.21 -25.32 13.06
C ASP B 149 16.61 -25.35 11.68
N ASN B 150 16.43 -24.19 11.08
CA ASN B 150 15.86 -24.17 9.77
C ASN B 150 16.85 -24.77 8.77
N MET B 151 18.15 -24.47 8.91
CA MET B 151 19.09 -25.06 7.97
C MET B 151 19.21 -26.55 8.17
N ILE B 152 19.07 -26.99 9.40
CA ILE B 152 19.16 -28.40 9.70
C ILE B 152 18.02 -29.08 9.02
N THR B 153 16.85 -28.49 9.12
CA THR B 153 15.69 -29.06 8.50
C THR B 153 15.91 -29.16 7.01
N GLU B 154 16.44 -28.11 6.38
CA GLU B 154 16.64 -28.14 4.94
C GLU B 154 17.60 -29.23 4.52
N MET B 155 18.66 -29.42 5.30
CA MET B 155 19.64 -30.44 4.98
C MET B 155 19.05 -31.84 5.08
N LEU B 156 18.06 -32.02 5.95
CA LEU B 156 17.41 -33.31 6.06
C LEU B 156 16.36 -33.47 4.96
N GLN B 157 15.67 -32.37 4.62
CA GLN B 157 14.64 -32.41 3.58
C GLN B 157 15.26 -32.42 2.20
N LYS B 158 16.54 -32.10 2.15
CA LYS B 158 17.35 -32.12 0.95
C LYS B 158 17.42 -33.53 0.39
N GLU B 159 17.26 -34.54 1.25
CA GLU B 159 17.32 -35.89 0.75
C GLU B 159 16.38 -36.02 -0.44
N TYR B 160 16.90 -36.61 -1.50
CA TYR B 160 16.06 -36.64 -2.71
C TYR B 160 15.05 -37.77 -2.61
N MET B 161 15.43 -38.90 -2.00
CA MET B 161 14.54 -40.04 -2.06
C MET B 161 13.18 -39.75 -1.42
N ASP B 162 13.20 -39.04 -0.29
CA ASP B 162 11.99 -38.66 0.42
C ASP B 162 12.35 -37.52 1.39
N ARG B 163 11.36 -36.98 2.14
CA ARG B 163 11.46 -35.89 3.14
C ARG B 163 11.47 -34.55 2.40
N SER C 59 -22.73 -28.73 15.08
CA SER C 59 -22.20 -29.86 14.32
C SER C 59 -21.26 -30.80 15.14
N ASN C 60 -20.90 -30.41 16.39
CA ASN C 60 -20.02 -31.14 17.31
C ASN C 60 -18.59 -31.36 16.81
N LEU C 61 -18.29 -32.56 16.32
CA LEU C 61 -16.92 -32.90 15.91
C LEU C 61 -16.71 -32.80 14.40
N TYR C 62 -15.47 -32.55 13.96
CA TYR C 62 -15.20 -32.37 12.54
C TYR C 62 -14.12 -33.24 11.91
N LYS C 63 -14.49 -34.48 11.54
CA LYS C 63 -13.57 -35.48 10.98
C LYS C 63 -12.44 -35.85 11.91
N GLY C 64 -12.78 -36.02 13.16
CA GLY C 64 -11.87 -36.38 14.21
C GLY C 64 -12.43 -35.67 15.38
N VAL C 65 -11.79 -35.71 16.51
CA VAL C 65 -12.41 -35.04 17.62
C VAL C 65 -11.95 -33.62 17.71
N TYR C 66 -12.79 -32.70 17.29
CA TYR C 66 -12.42 -31.30 17.34
C TYR C 66 -13.56 -30.48 17.85
N GLU C 67 -13.28 -29.48 18.65
CA GLU C 67 -14.31 -28.55 19.09
C GLU C 67 -14.09 -27.19 18.43
N LEU C 68 -15.13 -26.34 18.31
CA LEU C 68 -14.95 -25.00 17.73
C LEU C 68 -14.34 -24.00 18.74
N GLN C 69 -14.69 -24.15 20.01
CA GLN C 69 -14.12 -23.31 21.07
C GLN C 69 -13.96 -21.83 20.76
N SER C 70 -15.03 -21.12 20.43
CA SER C 70 -14.87 -19.73 19.96
C SER C 70 -14.35 -18.70 20.96
N LEU C 71 -13.80 -17.62 20.38
CA LEU C 71 -13.25 -16.46 21.06
C LEU C 71 -14.07 -15.22 20.76
N ASP C 72 -14.06 -14.27 21.68
CA ASP C 72 -14.68 -12.94 21.48
C ASP C 72 -13.67 -11.95 22.07
N LEU C 73 -13.05 -11.15 21.20
CA LEU C 73 -11.95 -10.29 21.64
C LEU C 73 -12.36 -9.03 22.39
N ASN C 74 -11.62 -8.75 23.43
CA ASN C 74 -11.88 -7.59 24.25
C ASN C 74 -11.16 -6.38 23.71
N MET C 75 -11.69 -5.83 22.65
CA MET C 75 -11.07 -4.72 21.94
C MET C 75 -10.98 -3.45 22.77
N GLU C 76 -11.70 -3.41 23.88
CA GLU C 76 -11.70 -2.26 24.77
C GLU C 76 -10.30 -2.01 25.31
N THR C 77 -9.49 -3.05 25.48
CA THR C 77 -8.20 -2.88 26.12
C THR C 77 -7.19 -2.18 25.22
N LEU C 78 -7.60 -1.95 23.96
CA LEU C 78 -6.84 -1.20 22.97
C LEU C 78 -7.09 0.36 23.07
N ASN C 79 -7.98 0.80 23.99
CA ASN C 79 -8.48 2.14 24.30
C ASN C 79 -7.38 3.21 24.46
N MET C 80 -6.23 2.85 25.08
CA MET C 80 -5.14 3.78 25.37
C MET C 80 -4.18 3.99 24.23
N THR C 81 -4.37 3.30 23.10
CA THR C 81 -3.45 3.60 22.01
C THR C 81 -4.15 4.03 20.72
N MET C 82 -5.36 3.56 20.41
CA MET C 82 -5.97 4.01 19.15
C MET C 82 -7.46 4.16 19.38
N PRO C 83 -8.20 4.95 18.59
CA PRO C 83 -9.60 5.19 18.82
C PRO C 83 -10.44 3.96 18.57
N LEU C 84 -11.51 3.83 19.34
CA LEU C 84 -12.45 2.73 19.17
C LEU C 84 -13.85 3.24 18.88
N SER C 85 -14.46 2.79 17.80
CA SER C 85 -15.80 3.29 17.53
C SER C 85 -16.85 2.22 17.86
N CYS C 86 -18.10 2.64 18.13
CA CYS C 86 -19.24 1.77 18.46
C CYS C 86 -20.57 2.45 18.16
N THR C 87 -21.63 1.65 18.28
CA THR C 87 -23.00 2.12 18.15
C THR C 87 -23.74 2.08 19.49
N LYS C 88 -24.45 3.16 19.81
CA LYS C 88 -25.28 3.18 21.02
C LYS C 88 -26.75 2.81 20.73
N ASN C 89 -27.33 3.46 19.69
CA ASN C 89 -28.70 3.27 19.21
C ASN C 89 -28.78 3.80 17.78
N ASN C 90 -29.98 3.83 17.16
CA ASN C 90 -30.18 4.16 15.74
C ASN C 90 -29.61 5.52 15.29
N SER C 91 -29.65 6.50 16.17
CA SER C 91 -29.20 7.83 15.88
C SER C 91 -27.86 8.20 16.49
N HIS C 92 -27.25 7.29 17.23
CA HIS C 92 -26.00 7.65 17.90
C HIS C 92 -24.90 6.63 17.83
N HIS C 93 -23.74 7.15 17.48
CA HIS C 93 -22.50 6.40 17.39
C HIS C 93 -21.43 7.15 18.15
N TYR C 94 -20.44 6.42 18.68
CA TYR C 94 -19.39 7.03 19.49
C TYR C 94 -17.99 6.57 19.18
N ILE C 95 -17.00 7.44 19.46
CA ILE C 95 -15.58 7.10 19.31
C ILE C 95 -14.79 7.35 20.59
N ARG C 96 -14.19 6.33 21.19
CA ARG C 96 -13.40 6.55 22.40
C ARG C 96 -12.03 7.00 21.98
N VAL C 97 -11.46 8.05 22.57
CA VAL C 97 -10.10 8.42 22.16
C VAL C 97 -9.09 8.39 23.28
N GLY C 98 -9.54 8.24 24.51
CA GLY C 98 -8.61 8.21 25.62
C GLY C 98 -9.36 7.98 26.92
N ASN C 99 -8.67 8.18 28.08
CA ASN C 99 -9.29 7.91 29.37
C ASN C 99 -10.38 8.96 29.65
N GLU C 100 -11.62 8.46 29.75
CA GLU C 100 -12.89 9.15 29.96
C GLU C 100 -13.19 10.20 28.89
N THR C 101 -12.71 9.98 27.67
CA THR C 101 -12.99 10.94 26.58
C THR C 101 -13.18 10.33 25.19
N GLY C 102 -14.02 10.99 24.39
CA GLY C 102 -14.29 10.55 23.02
C GLY C 102 -15.29 11.43 22.28
N LEU C 103 -15.64 11.04 21.05
CA LEU C 103 -16.59 11.78 20.22
C LEU C 103 -17.96 11.17 20.16
N GLU C 104 -18.93 12.05 20.03
CA GLU C 104 -20.32 11.70 19.84
C GLU C 104 -20.74 12.05 18.43
N LEU C 105 -21.21 11.04 17.71
CA LEU C 105 -21.65 11.21 16.34
C LEU C 105 -23.17 11.15 16.32
N THR C 106 -23.82 12.27 16.05
CA THR C 106 -25.27 12.30 16.13
C THR C 106 -25.98 12.48 14.81
N LEU C 107 -26.95 11.61 14.54
CA LEU C 107 -27.74 11.76 13.35
C LEU C 107 -29.07 12.35 13.75
N THR C 108 -29.35 13.53 13.27
CA THR C 108 -30.56 14.20 13.69
C THR C 108 -31.35 14.96 12.62
N ASN C 109 -32.46 15.61 13.01
CA ASN C 109 -33.22 16.48 12.07
C ASN C 109 -33.07 17.95 12.53
N THR C 110 -32.44 18.19 13.69
CA THR C 110 -32.23 19.55 14.24
C THR C 110 -30.87 20.06 13.87
N SER C 111 -30.59 21.28 14.28
CA SER C 111 -29.31 21.90 13.93
C SER C 111 -28.79 22.73 15.07
N LEU C 112 -27.48 22.66 15.33
CA LEU C 112 -26.94 23.43 16.43
C LEU C 112 -26.14 24.61 15.94
N LEU C 113 -25.47 24.41 14.83
CA LEU C 113 -24.59 25.41 14.29
C LEU C 113 -25.16 26.04 13.01
N ASP C 114 -25.50 27.33 13.07
CA ASP C 114 -26.10 28.00 11.93
C ASP C 114 -25.10 28.84 11.15
N HIS C 115 -23.84 28.69 11.49
CA HIS C 115 -22.76 29.36 10.79
C HIS C 115 -22.50 28.61 9.53
N LYS C 116 -22.03 29.33 8.53
CA LYS C 116 -21.64 28.73 7.26
C LYS C 116 -20.15 28.82 7.08
N PHE C 117 -19.46 29.06 8.18
CA PHE C 117 -18.03 29.20 8.16
C PHE C 117 -17.49 28.01 8.92
N CYS C 118 -16.33 27.47 8.50
CA CYS C 118 -15.63 26.43 9.27
C CYS C 118 -14.31 27.07 9.71
N ASN C 119 -14.27 27.47 10.96
CA ASN C 119 -13.17 28.31 11.40
C ASN C 119 -11.92 27.51 11.80
N LEU C 120 -11.31 26.91 10.75
CA LEU C 120 -10.12 26.07 10.77
C LEU C 120 -8.89 26.96 10.78
N SER C 121 -9.04 28.17 10.23
CA SER C 121 -7.92 29.07 10.24
C SER C 121 -7.64 29.50 11.67
N ASP C 122 -8.67 29.50 12.51
CA ASP C 122 -8.44 29.77 13.91
C ASP C 122 -7.99 28.49 14.58
N ALA C 123 -8.66 27.38 14.29
CA ALA C 123 -8.31 26.16 14.98
C ALA C 123 -6.87 25.77 14.78
N HIS C 124 -6.32 26.00 13.62
CA HIS C 124 -4.97 25.54 13.43
C HIS C 124 -3.93 26.64 13.67
N LYS C 125 -4.37 27.81 14.12
CA LYS C 125 -3.44 28.90 14.37
C LYS C 125 -3.43 29.32 15.82
N LYS C 126 -4.61 29.38 16.43
CA LYS C 126 -4.76 29.78 17.82
C LYS C 126 -4.65 28.55 18.69
N ASN C 127 -4.80 27.42 18.04
CA ASN C 127 -4.86 26.12 18.66
C ASN C 127 -6.02 26.07 19.63
N LEU C 128 -5.76 25.90 20.92
CA LEU C 128 -6.85 25.81 21.90
C LEU C 128 -7.80 24.67 21.56
N TYR C 129 -7.29 23.58 20.98
CA TYR C 129 -8.14 22.47 20.63
C TYR C 129 -7.50 21.20 21.10
N ASP C 130 -8.33 20.20 21.25
CA ASP C 130 -7.86 18.90 21.66
C ASP C 130 -7.19 18.13 20.55
N HIS C 131 -5.99 17.71 20.84
CA HIS C 131 -5.23 16.92 19.91
C HIS C 131 -5.84 15.54 19.92
N ALA C 132 -5.62 14.82 18.82
CA ALA C 132 -6.17 13.48 18.57
C ALA C 132 -7.63 13.64 18.14
N LEU C 133 -8.45 14.31 18.93
CA LEU C 133 -9.82 14.51 18.48
C LEU C 133 -9.80 15.29 17.19
N MET C 134 -8.91 16.28 17.07
CA MET C 134 -8.80 17.00 15.82
C MET C 134 -8.33 16.11 14.68
N SER C 135 -7.43 15.18 14.97
CA SER C 135 -6.90 14.34 13.91
C SER C 135 -7.95 13.39 13.41
N ILE C 136 -8.80 12.92 14.30
CA ILE C 136 -9.85 12.01 13.94
C ILE C 136 -10.86 12.72 13.07
N ILE C 137 -11.26 13.93 13.45
CA ILE C 137 -12.22 14.60 12.61
C ILE C 137 -11.63 14.99 11.28
N SER C 138 -10.34 15.37 11.23
CA SER C 138 -9.78 15.69 9.94
C SER C 138 -9.70 14.43 9.09
N THR C 139 -9.37 13.28 9.68
CA THR C 139 -9.31 12.05 8.93
C THR C 139 -10.67 11.73 8.35
N PHE C 140 -11.69 11.86 9.18
CA PHE C 140 -13.05 11.62 8.77
C PHE C 140 -13.48 12.54 7.66
N HIS C 141 -13.27 13.81 7.86
CA HIS C 141 -13.70 14.82 6.93
C HIS C 141 -13.07 14.67 5.58
N LEU C 142 -11.80 14.38 5.57
CA LEU C 142 -11.06 14.29 4.34
C LEU C 142 -11.26 12.94 3.65
N SER C 143 -12.05 12.05 4.25
CA SER C 143 -12.32 10.76 3.66
C SER C 143 -13.62 10.82 2.85
N ILE C 144 -14.30 11.95 2.93
CA ILE C 144 -15.54 12.15 2.22
C ILE C 144 -15.19 12.54 0.78
N PRO C 145 -15.74 11.89 -0.24
CA PRO C 145 -15.54 12.24 -1.64
C PRO C 145 -16.32 13.48 -2.06
N ASN C 146 -15.82 14.25 -3.03
CA ASN C 146 -16.62 15.31 -3.65
C ASN C 146 -17.30 16.28 -2.68
N PHE C 147 -16.63 16.80 -1.65
CA PHE C 147 -17.43 17.63 -0.74
C PHE C 147 -17.18 19.12 -0.62
N ASN C 148 -16.05 19.64 -1.13
CA ASN C 148 -15.78 21.08 -1.02
C ASN C 148 -16.30 21.62 0.32
N GLN C 149 -17.22 22.58 0.26
CA GLN C 149 -17.95 22.95 1.47
C GLN C 149 -19.43 22.96 1.11
N TYR C 150 -19.82 23.82 0.17
CA TYR C 150 -21.24 23.95 -0.21
C TYR C 150 -22.08 24.34 1.01
N GLU C 151 -21.59 25.31 1.80
CA GLU C 151 -22.22 25.80 3.05
C GLU C 151 -22.11 24.80 4.20
N ALA C 152 -22.48 23.57 3.93
CA ALA C 152 -22.49 22.43 4.82
C ALA C 152 -21.09 22.19 5.33
N MET C 153 -20.95 21.57 6.51
CA MET C 153 -19.66 21.28 7.13
C MET C 153 -19.03 22.51 7.71
N SER C 154 -19.87 23.41 8.20
CA SER C 154 -19.38 24.56 8.92
C SER C 154 -18.92 24.00 10.27
N CYS C 155 -18.10 24.76 11.03
CA CYS C 155 -17.58 24.33 12.34
C CYS C 155 -17.30 25.55 13.24
N ASP C 156 -17.41 25.32 14.55
CA ASP C 156 -17.20 26.40 15.49
C ASP C 156 -16.43 25.99 16.73
N PHE C 157 -15.19 26.41 16.82
CA PHE C 157 -14.30 26.01 17.89
C PHE C 157 -14.22 27.03 18.99
N ASN C 158 -15.07 28.06 18.94
CA ASN C 158 -15.01 29.10 19.95
C ASN C 158 -15.81 28.71 21.20
N GLY C 159 -15.28 27.71 21.86
CA GLY C 159 -15.84 27.11 23.07
C GLY C 159 -16.67 25.87 22.79
N GLY C 160 -17.10 25.69 21.54
CA GLY C 160 -17.88 24.52 21.14
C GLY C 160 -16.93 23.44 20.66
N LYS C 161 -15.67 23.82 20.67
CA LYS C 161 -14.53 23.05 20.27
C LYS C 161 -14.76 22.29 19.00
N ILE C 162 -14.75 20.99 19.06
CA ILE C 162 -14.82 20.23 17.83
C ILE C 162 -16.18 20.28 17.10
N THR C 163 -17.23 20.85 17.70
CA THR C 163 -18.53 20.85 17.03
C THR C 163 -18.48 21.26 15.57
N VAL C 164 -18.88 20.31 14.73
CA VAL C 164 -18.97 20.42 13.26
C VAL C 164 -20.24 19.78 12.75
N GLN C 165 -20.88 20.34 11.71
CA GLN C 165 -22.02 19.59 11.20
C GLN C 165 -22.11 19.57 9.69
N TYR C 166 -22.46 18.38 9.21
CA TYR C 166 -22.51 18.03 7.78
C TYR C 166 -23.71 18.36 6.92
N ASN C 167 -24.90 18.67 7.48
CA ASN C 167 -26.09 19.10 6.71
C ASN C 167 -26.45 18.16 5.51
N LEU C 168 -26.95 16.94 5.83
CA LEU C 168 -27.28 15.85 4.90
C LEU C 168 -28.49 16.22 4.06
N SER C 169 -29.17 17.28 4.47
CA SER C 169 -30.34 17.81 3.81
C SER C 169 -29.99 18.28 2.40
N HIS C 170 -28.69 18.48 2.09
CA HIS C 170 -28.29 18.90 0.74
C HIS C 170 -28.31 17.73 -0.25
N SER C 171 -29.50 17.15 -0.38
CA SER C 171 -29.87 16.10 -1.30
C SER C 171 -30.90 16.83 -2.11
N TYR C 172 -31.35 17.95 -1.49
CA TYR C 172 -32.32 18.90 -1.98
C TYR C 172 -33.70 18.29 -2.17
N ALA C 173 -34.65 19.10 -2.69
CA ALA C 173 -36.02 18.63 -2.95
C ALA C 173 -36.55 17.80 -1.79
N GLY C 174 -36.92 16.55 -2.08
CA GLY C 174 -37.44 15.64 -1.07
C GLY C 174 -37.58 14.29 -1.73
N ASP C 175 -37.79 13.24 -0.91
CA ASP C 175 -37.83 11.86 -1.43
C ASP C 175 -36.44 11.68 -1.98
N ALA C 176 -36.09 10.55 -2.58
CA ALA C 176 -34.76 10.57 -3.13
C ALA C 176 -34.76 11.73 -4.13
N ALA C 177 -33.78 12.58 -4.00
CA ALA C 177 -33.62 13.77 -4.80
C ALA C 177 -32.38 13.64 -5.68
N ARG C 178 -31.22 14.18 -5.26
CA ARG C 178 -30.04 13.99 -6.08
C ARG C 178 -29.45 12.60 -5.85
N HIS C 179 -30.19 11.64 -6.35
CA HIS C 179 -29.90 10.25 -6.20
C HIS C 179 -28.59 10.00 -6.92
N CYS C 180 -27.67 9.29 -6.24
CA CYS C 180 -26.31 8.92 -6.65
C CYS C 180 -25.41 10.14 -6.87
N GLY C 181 -25.82 11.32 -6.40
CA GLY C 181 -24.98 12.51 -6.61
C GLY C 181 -24.77 13.39 -5.38
N THR C 182 -25.70 13.36 -4.44
CA THR C 182 -25.58 14.20 -3.26
C THR C 182 -24.34 13.95 -2.40
N ILE C 183 -23.81 15.06 -1.87
CA ILE C 183 -22.67 15.04 -0.99
C ILE C 183 -23.04 14.31 0.29
N ALA C 184 -24.35 14.29 0.57
CA ALA C 184 -24.86 13.60 1.72
C ALA C 184 -24.51 12.14 1.67
N ASN C 185 -24.46 11.53 0.48
CA ASN C 185 -24.14 10.13 0.44
C ASN C 185 -22.66 10.01 0.72
N GLY C 186 -21.89 10.97 0.25
CA GLY C 186 -20.46 10.92 0.54
C GLY C 186 -20.25 10.94 2.06
N VAL C 187 -21.07 11.73 2.76
CA VAL C 187 -21.00 11.84 4.21
C VAL C 187 -21.45 10.54 4.85
N LEU C 188 -22.56 9.98 4.39
CA LEU C 188 -23.07 8.76 4.95
C LEU C 188 -22.12 7.60 4.76
N GLN C 189 -21.47 7.53 3.60
CA GLN C 189 -20.56 6.43 3.39
C GLN C 189 -19.35 6.58 4.25
N THR C 190 -18.92 7.81 4.50
CA THR C 190 -17.79 7.99 5.35
C THR C 190 -18.19 7.63 6.80
N PHE C 191 -19.39 8.05 7.20
CA PHE C 191 -19.96 7.79 8.52
C PHE C 191 -19.95 6.31 8.81
N MET C 192 -20.37 5.53 7.84
CA MET C 192 -20.47 4.09 7.97
C MET C 192 -19.14 3.36 7.86
N ARG C 193 -18.05 4.09 7.72
CA ARG C 193 -16.74 3.50 7.78
C ARG C 193 -16.18 3.89 9.14
N MET C 194 -16.50 5.10 9.61
CA MET C 194 -16.01 5.56 10.92
C MET C 194 -16.44 4.60 12.00
N ALA C 195 -17.65 4.12 11.85
CA ALA C 195 -18.22 3.11 12.70
C ALA C 195 -18.86 2.19 11.72
N TRP C 196 -18.71 0.89 11.86
CA TRP C 196 -19.29 0.03 10.85
C TRP C 196 -19.68 -1.25 11.52
N GLY C 197 -20.36 -2.14 10.82
CA GLY C 197 -20.78 -3.41 11.39
C GLY C 197 -22.11 -3.20 12.12
N GLY C 198 -22.07 -2.29 13.09
CA GLY C 198 -23.20 -1.83 13.90
C GLY C 198 -23.80 -0.55 13.35
N SER C 199 -23.40 -0.16 12.15
CA SER C 199 -23.89 1.06 11.54
C SER C 199 -25.19 0.80 10.80
N TYR C 200 -25.54 -0.46 10.65
CA TYR C 200 -26.70 -0.92 9.88
C TYR C 200 -28.03 -0.44 10.45
N ILE C 201 -28.04 -0.02 11.71
CA ILE C 201 -29.30 0.43 12.29
C ILE C 201 -29.49 1.93 12.09
N ALA C 202 -28.53 2.55 11.42
CA ALA C 202 -28.59 3.93 11.06
C ALA C 202 -29.59 3.97 9.95
N LEU C 203 -29.85 5.10 9.35
CA LEU C 203 -30.88 5.09 8.31
C LEU C 203 -30.46 4.44 7.01
N ASP C 204 -29.19 4.11 6.86
CA ASP C 204 -28.79 3.40 5.67
C ASP C 204 -29.46 2.06 5.74
N SER C 205 -30.24 1.68 4.73
CA SER C 205 -30.92 0.41 4.84
C SER C 205 -30.99 -0.34 3.52
N GLY C 206 -30.49 -1.56 3.58
CA GLY C 206 -30.45 -2.48 2.46
C GLY C 206 -29.04 -2.62 1.89
N CYS C 207 -28.56 -3.87 1.76
CA CYS C 207 -27.24 -4.19 1.21
C CYS C 207 -27.40 -4.50 -0.27
N GLY C 208 -26.31 -4.42 -1.03
CA GLY C 208 -26.45 -4.72 -2.44
C GLY C 208 -26.94 -3.46 -3.15
N ASN C 209 -26.94 -2.36 -2.43
CA ASN C 209 -27.40 -1.07 -2.87
C ASN C 209 -26.31 -0.10 -2.49
N TRP C 210 -25.28 -0.10 -3.29
CA TRP C 210 -24.12 0.68 -2.97
C TRP C 210 -24.22 2.11 -3.40
N ASP C 211 -23.96 3.00 -2.43
CA ASP C 211 -24.05 4.42 -2.66
C ASP C 211 -25.52 4.66 -2.94
N CYS C 212 -25.92 5.93 -3.21
CA CYS C 212 -27.28 6.35 -3.57
C CYS C 212 -28.22 5.99 -2.40
N ILE C 213 -27.72 6.21 -1.18
CA ILE C 213 -28.43 5.84 0.02
C ILE C 213 -29.62 6.75 0.31
N MET C 214 -29.43 8.05 0.20
CA MET C 214 -30.50 9.03 0.35
C MET C 214 -31.35 8.89 1.63
N THR C 215 -30.73 9.01 2.80
CA THR C 215 -31.45 8.85 4.07
C THR C 215 -32.30 10.05 4.44
N SER C 216 -33.18 9.83 5.45
CA SER C 216 -34.07 10.83 6.02
C SER C 216 -33.49 11.79 7.08
N TYR C 217 -32.31 11.52 7.66
CA TYR C 217 -31.77 12.49 8.63
C TYR C 217 -31.25 13.66 7.86
N GLN C 218 -31.29 14.83 8.48
CA GLN C 218 -30.90 16.03 7.77
C GLN C 218 -29.51 16.48 8.17
N TYR C 219 -29.06 16.08 9.35
CA TYR C 219 -27.77 16.52 9.80
C TYR C 219 -26.95 15.42 10.45
N LEU C 220 -25.64 15.48 10.26
CA LEU C 220 -24.67 14.71 11.04
C LEU C 220 -23.88 15.68 11.86
N ILE C 221 -23.99 15.55 13.15
CA ILE C 221 -23.32 16.46 14.05
C ILE C 221 -22.24 15.74 14.85
N ILE C 222 -21.04 16.27 14.83
CA ILE C 222 -19.99 15.65 15.59
C ILE C 222 -19.51 16.58 16.70
N GLN C 223 -19.54 16.07 17.92
CA GLN C 223 -19.15 16.82 19.13
C GLN C 223 -18.27 16.01 20.08
N ASN C 224 -17.47 16.67 20.96
CA ASN C 224 -16.69 16.01 22.00
C ASN C 224 -17.59 15.70 23.20
N THR C 225 -17.46 14.48 23.75
CA THR C 225 -18.20 13.99 24.91
C THR C 225 -17.32 13.32 25.93
N THR C 226 -17.95 12.88 27.01
CA THR C 226 -17.21 12.15 28.02
C THR C 226 -17.34 10.69 27.69
N TRP C 227 -16.43 9.87 28.19
CA TRP C 227 -16.60 8.47 27.83
C TRP C 227 -17.40 7.66 28.81
N GLU C 228 -18.69 7.74 28.62
CA GLU C 228 -19.63 7.04 29.43
C GLU C 228 -19.82 5.70 28.76
N ASP C 229 -20.60 4.80 29.35
CA ASP C 229 -20.78 3.50 28.74
C ASP C 229 -21.81 3.56 27.62
N HIS C 230 -21.38 4.12 26.52
CA HIS C 230 -22.18 4.38 25.32
C HIS C 230 -22.38 3.18 24.38
N CYS C 231 -21.45 2.22 24.35
CA CYS C 231 -21.41 1.13 23.38
C CYS C 231 -22.35 -0.01 23.77
N GLN C 232 -23.62 0.27 23.63
CA GLN C 232 -24.70 -0.64 23.97
C GLN C 232 -25.17 -1.49 22.80
N PHE C 233 -25.04 -1.01 21.56
CA PHE C 233 -25.54 -1.78 20.41
C PHE C 233 -24.46 -2.63 19.79
N SER C 234 -23.24 -2.12 19.76
CA SER C 234 -22.14 -2.87 19.17
C SER C 234 -20.91 -2.75 20.03
N ARG C 235 -20.02 -3.73 19.93
CA ARG C 235 -18.80 -3.71 20.70
C ARG C 235 -17.87 -2.67 20.09
N PRO C 236 -17.06 -1.94 20.88
CA PRO C 236 -16.04 -1.01 20.43
C PRO C 236 -15.05 -1.69 19.54
N SER C 237 -14.61 -0.98 18.52
CA SER C 237 -13.65 -1.53 17.59
C SER C 237 -12.76 -0.49 16.94
N PRO C 238 -11.47 -0.76 16.77
CA PRO C 238 -10.52 0.09 16.13
C PRO C 238 -10.67 0.04 14.63
N ILE C 239 -11.44 -0.91 14.14
CA ILE C 239 -11.50 -1.17 12.73
C ILE C 239 -12.07 0.01 11.95
N GLY C 240 -13.11 0.66 12.45
CA GLY C 240 -13.70 1.76 11.69
C GLY C 240 -12.66 2.83 11.38
N TYR C 241 -11.97 3.30 12.41
CA TYR C 241 -10.93 4.29 12.21
C TYR C 241 -9.86 3.76 11.28
N LEU C 242 -9.44 2.52 11.49
CA LEU C 242 -8.38 2.00 10.66
C LEU C 242 -8.83 1.95 9.22
N SER C 243 -10.09 1.62 8.96
CA SER C 243 -10.56 1.58 7.60
C SER C 243 -10.49 2.96 6.96
N LEU C 244 -10.90 4.01 7.68
CA LEU C 244 -10.83 5.33 7.05
C LEU C 244 -9.41 5.78 6.80
N LEU C 245 -8.53 5.48 7.75
CA LEU C 245 -7.13 5.86 7.72
C LEU C 245 -6.33 5.14 6.66
N SER C 246 -6.54 3.85 6.58
CA SER C 246 -5.82 2.99 5.67
C SER C 246 -6.30 3.20 4.26
N GLN C 247 -5.39 3.48 3.34
CA GLN C 247 -5.71 3.67 1.92
C GLN C 247 -6.54 4.91 1.57
N ARG C 248 -7.69 5.06 2.21
CA ARG C 248 -8.70 6.12 2.03
C ARG C 248 -9.52 5.89 0.76
N THR C 249 -8.81 5.50 -0.32
CA THR C 249 -9.24 5.24 -1.72
C THR C 249 -9.34 6.51 -2.53
N ARG C 250 -9.14 7.62 -1.84
CA ARG C 250 -9.10 8.97 -2.36
C ARG C 250 -10.46 9.40 -2.88
N ASP C 251 -10.90 8.78 -3.97
CA ASP C 251 -12.21 9.00 -4.58
C ASP C 251 -12.46 10.51 -4.58
N ILE C 252 -11.54 11.26 -5.16
CA ILE C 252 -11.55 12.70 -5.05
C ILE C 252 -12.69 13.44 -5.74
N TYR C 253 -12.98 13.08 -7.01
CA TYR C 253 -14.00 13.71 -7.89
C TYR C 253 -13.62 15.09 -8.39
N ILE C 254 -13.24 15.93 -7.45
CA ILE C 254 -12.89 17.31 -7.72
C ILE C 254 -11.60 17.42 -8.54
N SER C 255 -11.63 18.20 -9.65
CA SER C 255 -10.50 18.49 -10.55
C SER C 255 -9.77 17.23 -11.02
N GLY D 1 12.49 -20.09 20.04
CA GLY D 1 11.16 -19.63 19.73
C GLY D 1 11.10 -18.10 19.55
N THR D 2 11.12 -17.65 18.28
CA THR D 2 10.98 -16.24 17.88
C THR D 2 9.89 -16.12 16.80
N PHE D 3 9.28 -14.93 16.71
CA PHE D 3 8.27 -14.64 15.71
C PHE D 3 8.66 -13.44 14.85
N THR D 4 8.11 -13.38 13.64
CA THR D 4 8.35 -12.25 12.76
C THR D 4 7.19 -11.30 12.86
N TRP D 5 6.03 -11.79 13.32
CA TRP D 5 4.88 -10.90 13.39
C TRP D 5 4.94 -9.91 14.53
N THR D 6 5.83 -10.15 15.48
CA THR D 6 5.91 -9.30 16.66
C THR D 6 6.82 -8.13 16.50
N LEU D 7 6.47 -7.07 17.20
CA LEU D 7 7.34 -5.91 17.21
C LEU D 7 8.45 -6.04 18.22
N SER D 8 8.25 -6.86 19.22
CA SER D 8 9.22 -6.99 20.28
C SER D 8 10.46 -7.71 19.81
N ASP D 9 11.56 -7.52 20.53
CA ASP D 9 12.76 -8.27 20.19
C ASP D 9 12.73 -9.60 20.92
N SER D 10 11.79 -10.45 20.52
CA SER D 10 11.58 -11.76 21.12
C SER D 10 11.52 -11.64 22.64
N GLU D 11 10.78 -10.64 23.12
CA GLU D 11 10.68 -10.36 24.54
C GLU D 11 10.09 -11.51 25.34
N GLY D 12 9.11 -12.21 24.76
CA GLY D 12 8.49 -13.32 25.45
C GLY D 12 7.29 -13.89 24.71
N ASN D 13 6.74 -14.97 25.29
CA ASN D 13 5.57 -15.72 24.82
C ASN D 13 5.75 -16.40 23.47
N ALA D 14 6.99 -16.55 23.01
CA ALA D 14 7.28 -17.26 21.77
C ALA D 14 7.95 -18.59 22.04
N THR D 15 8.27 -18.83 23.31
CA THR D 15 8.97 -20.04 23.69
C THR D 15 8.24 -21.10 24.55
N PRO D 16 7.26 -20.79 25.45
CA PRO D 16 6.69 -21.76 26.38
C PRO D 16 5.61 -22.65 25.78
N GLY D 17 5.89 -23.21 24.62
CA GLY D 17 5.03 -24.13 23.90
C GLY D 17 4.05 -23.43 22.96
N GLY D 18 3.75 -22.16 23.25
CA GLY D 18 2.76 -21.38 22.52
C GLY D 18 2.58 -19.98 23.05
N TYR D 19 1.74 -19.24 22.36
CA TYR D 19 1.42 -17.85 22.69
C TYR D 19 0.03 -17.84 23.31
N CYS D 20 -0.13 -17.23 24.52
CA CYS D 20 -1.39 -17.21 25.24
C CYS D 20 -2.07 -15.86 25.12
N LEU D 21 -3.37 -15.93 24.91
CA LEU D 21 -4.19 -14.76 24.86
C LEU D 21 -4.71 -14.59 26.27
N THR D 22 -4.40 -13.47 26.87
CA THR D 22 -4.80 -13.23 28.25
C THR D 22 -6.19 -12.69 28.41
N ARG D 23 -6.58 -12.50 29.66
CA ARG D 23 -7.94 -12.09 29.98
C ARG D 23 -8.25 -10.67 29.56
N TRP D 24 -7.24 -9.93 29.14
CA TRP D 24 -7.41 -8.61 28.63
C TRP D 24 -7.34 -8.60 27.12
N MET D 25 -7.25 -9.77 26.51
CA MET D 25 -7.29 -9.86 25.07
C MET D 25 -8.65 -10.44 24.77
N LEU D 26 -9.10 -11.28 25.70
CA LEU D 26 -10.35 -12.01 25.62
C LEU D 26 -11.42 -11.40 26.50
N ILE D 27 -12.68 -11.50 26.12
CA ILE D 27 -13.68 -11.03 27.07
C ILE D 27 -13.96 -12.13 28.10
N GLU D 28 -13.87 -13.39 27.66
CA GLU D 28 -14.19 -14.53 28.48
C GLU D 28 -13.02 -15.35 28.98
N ALA D 29 -13.01 -15.53 30.29
CA ALA D 29 -12.03 -16.32 31.01
C ALA D 29 -10.60 -15.87 30.72
N GLU D 30 -9.71 -16.82 30.50
CA GLU D 30 -8.32 -16.47 30.32
C GLU D 30 -7.50 -17.55 29.63
N LEU D 31 -6.34 -17.13 29.17
CA LEU D 31 -5.31 -18.03 28.67
C LEU D 31 -5.69 -18.99 27.59
N LYS D 32 -6.12 -18.46 26.48
CA LYS D 32 -6.42 -19.34 25.35
C LYS D 32 -5.04 -19.45 24.69
N CYS D 33 -4.39 -20.63 24.76
CA CYS D 33 -2.99 -20.82 24.34
C CYS D 33 -2.87 -21.61 23.07
N PHE D 34 -2.24 -20.98 22.11
CA PHE D 34 -2.09 -21.54 20.79
C PHE D 34 -0.66 -21.98 20.59
N GLY D 35 -0.48 -23.21 20.17
CA GLY D 35 0.86 -23.74 20.06
C GLY D 35 1.69 -22.90 19.12
N ASN D 36 2.98 -22.85 19.39
CA ASN D 36 3.88 -22.01 18.62
C ASN D 36 3.93 -22.33 17.15
N THR D 37 3.70 -23.57 16.77
CA THR D 37 3.76 -23.91 15.36
C THR D 37 2.52 -23.43 14.65
N ALA D 38 1.46 -23.16 15.42
CA ALA D 38 0.25 -22.66 14.83
C ALA D 38 0.39 -21.17 14.73
N VAL D 39 0.88 -20.56 15.80
CA VAL D 39 0.97 -19.11 15.90
C VAL D 39 1.89 -18.60 14.85
N ALA D 40 2.95 -19.34 14.59
CA ALA D 40 3.96 -19.01 13.62
C ALA D 40 3.35 -18.79 12.25
N LYS D 41 2.18 -19.31 11.98
CA LYS D 41 1.58 -19.07 10.67
C LYS D 41 1.46 -17.56 10.39
N CYS D 42 1.20 -16.73 11.45
CA CYS D 42 1.03 -15.29 11.41
C CYS D 42 2.32 -14.61 11.01
N ASN D 43 3.42 -15.35 11.02
CA ASN D 43 4.69 -14.81 10.64
C ASN D 43 4.80 -14.53 9.16
N GLU D 44 4.08 -15.32 8.33
CA GLU D 44 4.19 -15.20 6.88
C GLU D 44 2.88 -15.29 6.08
N LYS D 45 1.76 -15.74 6.66
CA LYS D 45 0.55 -15.92 5.84
C LYS D 45 0.14 -14.65 5.07
N HIS D 46 0.26 -13.51 5.75
CA HIS D 46 -0.06 -12.17 5.26
C HIS D 46 -1.54 -11.94 4.91
N ASP D 47 -2.44 -12.80 5.37
CA ASP D 47 -3.86 -12.55 5.12
C ASP D 47 -4.77 -13.31 6.10
N GLU D 48 -4.92 -12.77 7.31
CA GLU D 48 -5.75 -13.43 8.32
C GLU D 48 -6.25 -12.47 9.39
N GLU D 49 -7.57 -12.38 9.53
CA GLU D 49 -8.09 -11.42 10.49
C GLU D 49 -7.60 -11.66 11.90
N PHE D 50 -7.46 -12.92 12.29
CA PHE D 50 -6.99 -13.14 13.65
C PHE D 50 -5.58 -12.60 13.91
N CYS D 51 -4.63 -12.90 12.98
CA CYS D 51 -3.22 -12.53 13.03
C CYS D 51 -3.10 -11.01 12.99
N ASP D 52 -4.03 -10.36 12.28
CA ASP D 52 -3.96 -8.93 12.23
C ASP D 52 -4.33 -8.38 13.59
N MET D 53 -5.34 -8.97 14.25
CA MET D 53 -5.67 -8.48 15.57
C MET D 53 -4.55 -8.79 16.54
N LEU D 54 -3.87 -9.90 16.33
CA LEU D 54 -2.80 -10.29 17.23
C LEU D 54 -1.68 -9.26 17.18
N ARG D 55 -1.33 -8.80 15.98
CA ARG D 55 -0.30 -7.79 15.90
C ARG D 55 -0.75 -6.49 16.52
N LEU D 56 -2.02 -6.16 16.37
CA LEU D 56 -2.51 -4.92 16.92
C LEU D 56 -2.44 -4.94 18.44
N PHE D 57 -2.75 -6.09 19.04
CA PHE D 57 -2.64 -6.20 20.50
C PHE D 57 -1.21 -6.14 20.95
N ASP D 58 -0.30 -6.73 20.18
CA ASP D 58 1.11 -6.73 20.54
C ASP D 58 1.62 -5.31 20.55
N PHE D 59 1.18 -4.52 19.57
CA PHE D 59 1.53 -3.12 19.53
C PHE D 59 1.03 -2.42 20.74
N ASN D 60 -0.25 -2.61 21.06
CA ASN D 60 -0.84 -1.93 22.18
C ASN D 60 -0.05 -2.19 23.42
N LYS D 61 0.31 -3.45 23.66
CA LYS D 61 1.06 -3.75 24.86
C LYS D 61 2.37 -3.01 24.90
N GLN D 62 3.11 -3.00 23.79
CA GLN D 62 4.39 -2.32 23.79
C GLN D 62 4.25 -0.83 23.93
N ALA D 63 3.26 -0.26 23.28
CA ALA D 63 3.08 1.17 23.31
C ALA D 63 2.73 1.65 24.69
N ILE D 64 1.89 0.91 25.40
CA ILE D 64 1.53 1.37 26.72
C ILE D 64 2.67 1.16 27.68
N SER D 65 3.25 -0.03 27.64
CA SER D 65 4.32 -0.37 28.56
C SER D 65 5.53 0.54 28.44
N ARG D 66 5.94 0.82 27.21
CA ARG D 66 7.14 1.62 27.03
C ARG D 66 6.93 3.12 26.93
N LEU D 67 5.78 3.60 26.44
CA LEU D 67 5.63 5.03 26.28
C LEU D 67 4.86 5.70 27.40
N ARG D 68 4.03 4.95 28.15
CA ARG D 68 3.13 5.47 29.20
C ARG D 68 1.90 6.15 28.58
N SER D 69 2.17 7.09 27.68
CA SER D 69 1.20 7.85 26.90
C SER D 69 0.13 8.57 27.72
N PRO D 70 0.50 9.44 28.67
CA PRO D 70 -0.43 10.22 29.46
C PRO D 70 -1.05 11.26 28.54
N ALA D 71 -2.27 11.70 28.87
CA ALA D 71 -3.00 12.78 28.18
C ALA D 71 -3.43 12.43 26.75
N GLN D 72 -2.47 12.19 25.88
CA GLN D 72 -2.74 11.87 24.49
C GLN D 72 -2.38 10.44 24.17
N MET D 73 -3.08 9.88 23.18
CA MET D 73 -2.80 8.52 22.73
C MET D 73 -1.80 8.47 21.59
N SER D 74 -1.22 9.60 21.24
CA SER D 74 -0.25 9.62 20.16
C SER D 74 -0.84 9.00 18.89
N ILE D 75 -1.93 9.60 18.41
CA ILE D 75 -2.62 9.10 17.24
C ILE D 75 -1.68 9.08 16.03
N GLN D 76 -0.72 9.97 16.04
CA GLN D 76 0.28 10.06 15.01
C GLN D 76 1.23 8.85 15.01
N LEU D 77 1.36 8.18 16.17
CA LEU D 77 2.18 6.99 16.25
C LEU D 77 1.37 5.90 15.61
N ILE D 78 0.07 5.97 15.84
CA ILE D 78 -0.82 4.98 15.27
C ILE D 78 -0.80 5.10 13.78
N ASN D 79 -0.84 6.31 13.25
CA ASN D 79 -0.87 6.41 11.81
C ASN D 79 0.38 5.70 11.24
N LYS D 80 1.53 5.83 11.91
CA LYS D 80 2.70 5.10 11.45
C LYS D 80 2.54 3.60 11.65
N ALA D 81 2.02 3.23 12.80
CA ALA D 81 1.85 1.84 13.13
C ALA D 81 0.90 1.11 12.22
N VAL D 82 -0.15 1.75 11.74
CA VAL D 82 -1.05 0.98 10.91
C VAL D 82 -0.41 0.65 9.61
N ASN D 83 0.38 1.56 9.06
CA ASN D 83 0.98 1.19 7.81
C ASN D 83 1.93 0.03 8.01
N ALA D 84 2.54 -0.04 9.19
CA ALA D 84 3.41 -1.14 9.55
C ALA D 84 2.66 -2.45 9.93
N LEU D 85 1.46 -2.32 10.51
CA LEU D 85 0.75 -3.46 11.07
C LEU D 85 -0.56 -4.01 10.52
N ILE D 86 -1.39 -3.24 9.82
CA ILE D 86 -2.76 -3.75 9.63
C ILE D 86 -3.24 -4.42 8.36
N ASN D 87 -2.42 -4.71 7.37
CA ASN D 87 -3.00 -5.46 6.25
C ASN D 87 -4.26 -4.83 5.64
N ASP D 88 -4.11 -3.60 5.20
CA ASP D 88 -5.13 -2.78 4.60
C ASP D 88 -6.00 -3.51 3.59
N GLN D 89 -5.38 -4.35 2.78
CA GLN D 89 -6.09 -5.07 1.75
C GLN D 89 -7.20 -5.94 2.34
N LEU D 90 -6.95 -6.56 3.49
CA LEU D 90 -7.94 -7.44 4.07
C LEU D 90 -9.08 -6.64 4.64
N ILE D 91 -8.75 -5.51 5.22
CA ILE D 91 -9.79 -4.71 5.80
C ILE D 91 -10.73 -4.29 4.69
N MET D 92 -10.19 -3.88 3.56
CA MET D 92 -11.06 -3.49 2.50
C MET D 92 -11.87 -4.67 1.96
N LYS D 93 -11.31 -5.89 1.91
CA LYS D 93 -12.14 -7.01 1.45
C LYS D 93 -13.34 -7.20 2.38
N ASN D 94 -13.15 -7.07 3.69
CA ASN D 94 -14.31 -7.25 4.54
C ASN D 94 -15.30 -6.12 4.37
N HIS D 95 -14.80 -4.93 4.08
CA HIS D 95 -15.67 -3.81 3.85
C HIS D 95 -16.52 -4.07 2.59
N LEU D 96 -15.91 -4.56 1.52
CA LEU D 96 -16.68 -4.80 0.31
C LEU D 96 -17.73 -5.83 0.55
N ARG D 97 -17.39 -6.87 1.29
CA ARG D 97 -18.38 -7.90 1.53
C ARG D 97 -19.60 -7.32 2.25
N ASP D 98 -19.41 -6.38 3.16
CA ASP D 98 -20.56 -5.80 3.84
C ASP D 98 -21.43 -5.07 2.80
N ILE D 99 -20.78 -4.35 1.90
CA ILE D 99 -21.50 -3.60 0.87
C ILE D 99 -22.32 -4.50 0.00
N MET D 100 -21.70 -5.61 -0.37
CA MET D 100 -22.23 -6.61 -1.27
C MET D 100 -23.19 -7.68 -0.73
N CYS D 101 -23.58 -7.67 0.58
CA CYS D 101 -24.44 -8.70 1.23
C CYS D 101 -23.71 -10.05 1.32
N ILE D 102 -22.40 -10.02 1.44
CA ILE D 102 -21.66 -11.23 1.53
C ILE D 102 -21.19 -11.29 2.97
N PRO D 103 -21.28 -12.43 3.65
CA PRO D 103 -20.80 -12.54 5.00
C PRO D 103 -19.40 -12.03 5.07
N TYR D 104 -19.14 -11.29 6.12
CA TYR D 104 -17.84 -10.64 6.28
C TYR D 104 -17.44 -10.65 7.72
N CYS D 105 -16.15 -10.37 7.97
CA CYS D 105 -15.63 -10.33 9.33
C CYS D 105 -15.72 -8.93 9.92
N ASN D 106 -16.35 -8.82 11.09
CA ASN D 106 -16.34 -7.55 11.79
C ASN D 106 -15.26 -7.52 12.92
N TYR D 107 -14.40 -8.57 12.96
CA TYR D 107 -13.24 -8.86 13.80
C TYR D 107 -13.49 -9.16 15.26
N SER D 108 -14.72 -9.31 15.71
CA SER D 108 -14.84 -9.64 17.13
C SER D 108 -14.83 -11.11 17.45
N LYS D 109 -15.25 -11.96 16.54
CA LYS D 109 -15.42 -13.35 16.91
C LYS D 109 -14.71 -14.30 16.01
N TYR D 110 -14.06 -15.24 16.64
CA TYR D 110 -13.23 -16.21 15.96
C TYR D 110 -13.53 -17.62 16.41
N TRP D 111 -13.19 -18.58 15.58
CA TRP D 111 -13.40 -19.99 15.89
C TRP D 111 -12.18 -20.75 15.48
N TYR D 112 -11.97 -21.91 16.07
CA TYR D 112 -10.84 -22.72 15.69
C TYR D 112 -11.12 -24.13 15.96
N LEU D 113 -10.39 -25.00 15.34
CA LEU D 113 -10.60 -26.36 15.72
C LEU D 113 -9.60 -26.74 16.79
N ASN D 114 -10.12 -27.31 17.89
CA ASN D 114 -9.39 -27.77 19.04
C ASN D 114 -9.42 -29.29 19.13
N HIS D 115 -8.29 -29.94 18.85
CA HIS D 115 -8.17 -31.40 18.87
C HIS D 115 -7.89 -31.75 20.30
N THR D 116 -8.96 -31.80 21.10
CA THR D 116 -8.91 -31.89 22.56
C THR D 116 -8.33 -33.18 23.08
N VAL D 117 -8.17 -34.13 22.19
CA VAL D 117 -7.53 -35.37 22.49
C VAL D 117 -6.06 -35.09 22.81
N THR D 118 -5.45 -34.18 22.02
CA THR D 118 -4.05 -33.83 22.18
C THR D 118 -3.81 -32.37 22.60
N GLY D 119 -4.82 -31.51 22.41
CA GLY D 119 -4.76 -30.09 22.72
C GLY D 119 -4.26 -29.17 21.59
N ARG D 120 -4.06 -29.71 20.39
CA ARG D 120 -3.59 -28.87 19.29
C ARG D 120 -4.69 -27.98 18.76
N THR D 121 -4.35 -26.79 18.31
CA THR D 121 -5.35 -25.94 17.69
C THR D 121 -4.90 -25.40 16.34
N SER D 122 -5.89 -25.07 15.51
CA SER D 122 -5.73 -24.49 14.17
C SER D 122 -5.45 -23.01 14.06
N LEU D 123 -5.57 -22.34 15.16
CA LEU D 123 -5.59 -20.89 15.32
C LEU D 123 -6.96 -20.44 14.95
N PRO D 124 -7.42 -19.32 15.52
CA PRO D 124 -8.68 -18.75 15.24
C PRO D 124 -8.74 -18.24 13.83
N LYS D 125 -9.91 -18.31 13.28
CA LYS D 125 -10.26 -17.76 11.99
C LYS D 125 -11.55 -17.02 12.28
N CYS D 126 -11.90 -15.96 11.53
CA CYS D 126 -13.10 -15.15 11.82
C CYS D 126 -14.41 -15.91 11.55
N TRP D 127 -15.33 -15.80 12.51
CA TRP D 127 -16.63 -16.46 12.43
C TRP D 127 -17.58 -15.90 11.38
N LEU D 128 -17.49 -14.61 11.09
CA LEU D 128 -18.31 -13.90 10.11
C LEU D 128 -19.74 -13.60 10.51
N VAL D 129 -20.20 -12.47 10.01
CA VAL D 129 -21.55 -11.99 10.17
C VAL D 129 -22.20 -11.65 8.85
N SER D 130 -23.51 -11.67 8.85
CA SER D 130 -24.32 -11.25 7.72
C SER D 130 -25.69 -10.85 8.24
N ASN D 131 -26.39 -9.93 7.56
CA ASN D 131 -27.76 -9.50 7.88
C ASN D 131 -27.89 -9.05 9.37
N GLY D 132 -26.84 -8.37 9.90
CA GLY D 132 -26.78 -7.85 11.27
C GLY D 132 -26.30 -8.84 12.33
N SER D 133 -26.07 -10.11 12.00
CA SER D 133 -25.66 -11.06 13.04
C SER D 133 -24.75 -12.20 12.61
N TYR D 134 -24.44 -13.07 13.55
CA TYR D 134 -23.51 -14.17 13.28
C TYR D 134 -24.09 -15.30 12.50
N LEU D 135 -23.24 -15.92 11.73
CA LEU D 135 -23.60 -17.10 10.96
C LEU D 135 -23.74 -18.36 11.82
N ASN D 136 -24.59 -19.31 11.36
CA ASN D 136 -24.69 -20.66 11.92
C ASN D 136 -23.53 -21.50 11.40
N GLU D 137 -23.05 -22.47 12.23
CA GLU D 137 -21.97 -23.41 11.89
C GLU D 137 -22.40 -24.38 10.80
N THR D 138 -23.70 -24.41 10.57
CA THR D 138 -24.31 -25.27 9.58
C THR D 138 -24.23 -24.68 8.21
N HIS D 139 -24.00 -23.37 8.11
CA HIS D 139 -23.89 -22.79 6.80
C HIS D 139 -22.44 -22.45 6.60
N PHE D 140 -21.75 -22.27 7.73
CA PHE D 140 -20.34 -21.99 7.74
C PHE D 140 -19.73 -23.27 7.15
N SER D 141 -20.21 -24.39 7.70
CA SER D 141 -20.01 -25.71 7.19
C SER D 141 -18.63 -26.17 6.78
N ASP D 142 -18.48 -26.35 5.47
CA ASP D 142 -17.34 -26.89 4.78
C ASP D 142 -16.05 -26.20 5.10
N ASP D 143 -16.09 -24.94 5.48
CA ASP D 143 -14.82 -24.30 5.77
C ASP D 143 -14.22 -24.93 7.03
N ILE D 144 -15.06 -25.47 7.92
CA ILE D 144 -14.63 -26.08 9.15
C ILE D 144 -14.05 -27.40 8.78
N GLU D 145 -14.73 -28.08 7.88
CA GLU D 145 -14.30 -29.40 7.46
C GLU D 145 -12.93 -29.25 6.79
N GLN D 146 -12.76 -28.17 6.02
CA GLN D 146 -11.49 -27.95 5.34
C GLN D 146 -10.41 -27.62 6.38
N GLN D 147 -10.77 -26.87 7.41
CA GLN D 147 -9.77 -26.59 8.41
C GLN D 147 -9.36 -27.88 9.13
N ALA D 148 -10.32 -28.79 9.33
CA ALA D 148 -10.00 -30.05 9.96
C ALA D 148 -9.03 -30.81 9.10
N ASP D 149 -9.21 -30.77 7.79
CA ASP D 149 -8.29 -31.49 6.91
C ASP D 149 -6.89 -30.95 7.07
N ASN D 150 -6.78 -29.65 7.28
CA ASN D 150 -5.46 -29.09 7.43
C ASN D 150 -4.84 -29.57 8.73
N MET D 151 -5.64 -29.65 9.81
CA MET D 151 -5.05 -30.14 11.06
C MET D 151 -4.68 -31.60 10.96
N ILE D 152 -5.46 -32.35 10.21
CA ILE D 152 -5.19 -33.76 10.06
C ILE D 152 -3.88 -33.90 9.35
N THR D 153 -3.70 -33.10 8.32
CA THR D 153 -2.47 -33.15 7.57
C THR D 153 -1.31 -32.85 8.49
N GLU D 154 -1.43 -31.81 9.33
CA GLU D 154 -0.34 -31.45 10.21
C GLU D 154 0.01 -32.55 11.18
N MET D 155 -1.00 -33.23 11.70
CA MET D 155 -0.77 -34.31 12.65
C MET D 155 -0.05 -35.48 11.99
N LEU D 156 -0.27 -35.67 10.69
CA LEU D 156 0.42 -36.74 10.00
C LEU D 156 1.83 -36.28 9.61
N GLN D 157 1.98 -35.01 9.25
CA GLN D 157 3.29 -34.47 8.85
C GLN D 157 4.15 -34.21 10.07
N LYS D 158 3.51 -34.21 11.23
CA LYS D 158 4.15 -34.05 12.53
C LYS D 158 5.11 -35.19 12.77
N GLU D 159 4.89 -36.35 12.13
CA GLU D 159 5.79 -37.46 12.34
C GLU D 159 7.20 -36.98 12.09
N TYR D 160 8.08 -37.32 13.03
CA TYR D 160 9.45 -36.77 12.90
C TYR D 160 10.22 -37.60 11.89
N MET D 161 10.00 -38.92 11.86
CA MET D 161 10.88 -39.73 11.02
C MET D 161 10.82 -39.33 9.56
N ASP D 162 9.62 -39.03 9.07
CA ASP D 162 9.42 -38.61 7.69
C ASP D 162 8.04 -37.95 7.60
N ARG D 163 7.63 -37.44 6.41
CA ARG D 163 6.36 -36.76 6.07
C ARG D 163 6.44 -35.31 6.53
N SER E 59 8.57 -25.57 -29.02
CA SER E 59 9.40 -26.50 -28.27
C SER E 59 8.69 -27.84 -27.90
N ASN E 60 7.37 -27.96 -28.18
CA ASN E 60 6.51 -29.12 -27.92
C ASN E 60 6.40 -29.52 -26.45
N LEU E 61 7.12 -30.54 -26.01
CA LEU E 61 7.01 -31.06 -24.65
C LEU E 61 8.12 -30.56 -23.72
N TYR E 62 7.83 -30.50 -22.42
CA TYR E 62 8.80 -29.96 -21.48
C TYR E 62 9.19 -30.83 -20.29
N LYS E 63 10.13 -31.76 -20.51
CA LYS E 63 10.58 -32.74 -19.49
C LYS E 63 9.47 -33.64 -18.99
N GLY E 64 8.67 -34.09 -19.91
CA GLY E 64 7.55 -34.97 -19.66
C GLY E 64 6.56 -34.54 -20.68
N VAL E 65 5.38 -35.08 -20.67
CA VAL E 65 4.50 -34.65 -21.71
C VAL E 65 3.67 -33.48 -21.27
N TYR E 66 4.02 -32.30 -21.73
CA TYR E 66 3.29 -31.12 -21.34
C TYR E 66 3.04 -30.24 -22.52
N GLU E 67 1.88 -29.64 -22.60
CA GLU E 67 1.61 -28.67 -23.66
C GLU E 67 1.52 -27.27 -23.06
N LEU E 68 1.74 -26.20 -23.86
CA LEU E 68 1.62 -24.83 -23.32
C LEU E 68 0.15 -24.36 -23.21
N GLN E 69 -0.68 -24.81 -24.15
CA GLN E 69 -2.11 -24.51 -24.12
C GLN E 69 -2.50 -23.08 -23.73
N SER E 70 -2.05 -22.07 -24.45
CA SER E 70 -2.26 -20.69 -24.00
C SER E 70 -3.70 -20.17 -23.96
N LEU E 71 -3.88 -19.13 -23.13
CA LEU E 71 -5.12 -18.41 -22.91
C LEU E 71 -5.00 -16.98 -23.40
N ASP E 72 -6.12 -16.39 -23.78
CA ASP E 72 -6.21 -14.95 -24.12
C ASP E 72 -7.51 -14.47 -23.48
N LEU E 73 -7.38 -13.61 -22.46
CA LEU E 73 -8.54 -13.22 -21.66
C LEU E 73 -9.46 -12.20 -22.30
N ASN E 74 -10.74 -12.44 -22.15
CA ASN E 74 -11.74 -11.56 -22.70
C ASN E 74 -12.08 -10.46 -21.73
N MET E 75 -11.20 -9.50 -21.64
CA MET E 75 -11.32 -8.40 -20.68
C MET E 75 -12.52 -7.52 -20.93
N GLU E 76 -13.13 -7.64 -22.09
CA GLU E 76 -14.30 -6.86 -22.44
C GLU E 76 -15.44 -7.13 -21.48
N THR E 77 -15.53 -8.34 -20.93
CA THR E 77 -16.66 -8.69 -20.11
C THR E 77 -16.64 -8.02 -18.74
N LEU E 78 -15.53 -7.32 -18.47
CA LEU E 78 -15.33 -6.50 -17.27
C LEU E 78 -15.91 -5.04 -17.43
N ASN E 79 -16.45 -4.71 -18.64
CA ASN E 79 -17.00 -3.44 -19.13
C ASN E 79 -18.02 -2.78 -18.19
N MET E 80 -18.88 -3.58 -17.51
CA MET E 80 -19.95 -3.07 -16.65
C MET E 80 -19.51 -2.76 -15.25
N THR E 81 -18.24 -3.01 -14.89
CA THR E 81 -17.86 -2.61 -13.54
C THR E 81 -16.68 -1.66 -13.49
N MET E 82 -15.72 -1.70 -14.42
CA MET E 82 -14.61 -0.76 -14.31
C MET E 82 -14.21 -0.33 -15.71
N PRO E 83 -13.56 0.83 -15.91
CA PRO E 83 -13.23 1.32 -17.23
C PRO E 83 -12.19 0.47 -17.91
N LEU E 84 -12.30 0.37 -19.23
CA LEU E 84 -11.34 -0.37 -20.04
C LEU E 84 -10.70 0.53 -21.07
N SER E 85 -9.37 0.60 -21.11
CA SER E 85 -8.77 1.46 -22.11
C SER E 85 -8.18 0.63 -23.25
N CYS E 86 -8.02 1.24 -24.45
CA CYS E 86 -7.46 0.62 -25.65
C CYS E 86 -6.91 1.66 -26.62
N THR E 87 -6.24 1.14 -27.65
CA THR E 87 -5.73 1.94 -28.74
C THR E 87 -6.48 1.67 -30.04
N LYS E 88 -6.86 2.74 -30.75
CA LYS E 88 -7.50 2.59 -32.07
C LYS E 88 -6.48 2.70 -33.21
N ASN E 89 -5.63 3.75 -33.19
CA ASN E 89 -4.59 4.06 -34.15
C ASN E 89 -3.59 5.00 -33.48
N ASN E 90 -2.58 5.51 -34.22
CA ASN E 90 -1.45 6.30 -33.67
C ASN E 90 -1.85 7.55 -32.87
N SER E 91 -2.94 8.19 -33.28
CA SER E 91 -3.40 9.40 -32.65
C SER E 91 -4.62 9.23 -31.76
N HIS E 92 -5.14 8.02 -31.66
CA HIS E 92 -6.36 7.84 -30.88
C HIS E 92 -6.39 6.66 -29.95
N HIS E 93 -6.80 6.96 -28.73
CA HIS E 93 -6.97 5.99 -27.66
C HIS E 93 -8.35 6.19 -27.05
N TYR E 94 -8.92 5.12 -26.51
CA TYR E 94 -10.27 5.17 -25.95
C TYR E 94 -10.43 4.51 -24.60
N ILE E 95 -11.43 4.98 -23.82
CA ILE E 95 -11.79 4.38 -22.54
C ILE E 95 -13.27 4.01 -22.46
N ARG E 96 -13.62 2.75 -22.30
CA ARG E 96 -15.04 2.39 -22.20
C ARG E 96 -15.45 2.60 -20.76
N VAL E 97 -16.59 3.24 -20.49
CA VAL E 97 -16.97 3.38 -19.08
C VAL E 97 -18.32 2.76 -18.75
N GLY E 98 -19.07 2.35 -19.76
CA GLY E 98 -20.37 1.76 -19.50
C GLY E 98 -21.01 1.33 -20.79
N ASN E 99 -22.33 0.99 -20.75
CA ASN E 99 -23.01 0.50 -21.95
C ASN E 99 -23.19 1.64 -22.96
N GLU E 100 -22.53 1.45 -24.12
CA GLU E 100 -22.42 2.33 -25.29
C GLU E 100 -21.83 3.70 -24.95
N THR E 101 -20.95 3.76 -23.94
CA THR E 101 -20.32 5.04 -23.59
C THR E 101 -18.88 4.95 -23.12
N GLY E 102 -18.11 6.01 -23.41
CA GLY E 102 -16.71 6.10 -23.01
C GLY E 102 -16.00 7.38 -23.46
N LEU E 103 -14.70 7.48 -23.19
CA LEU E 103 -13.90 8.64 -23.56
C LEU E 103 -13.03 8.44 -24.75
N GLU E 104 -12.84 9.51 -25.48
CA GLU E 104 -11.96 9.59 -26.62
C GLU E 104 -10.76 10.44 -26.27
N LEU E 105 -9.58 9.86 -26.39
CA LEU E 105 -8.34 10.54 -26.09
C LEU E 105 -7.65 10.86 -27.41
N THR E 106 -7.58 12.13 -27.77
CA THR E 106 -7.03 12.49 -29.07
C THR E 106 -5.71 13.23 -29.02
N LEU E 107 -4.75 12.75 -29.79
CA LEU E 107 -3.49 13.44 -29.89
C LEU E 107 -3.48 14.18 -31.20
N THR E 108 -3.41 15.49 -31.14
CA THR E 108 -3.50 16.27 -32.35
C THR E 108 -2.57 17.48 -32.46
N ASN E 109 -2.68 18.23 -33.58
CA ASN E 109 -1.92 19.50 -33.72
C ASN E 109 -2.92 20.68 -33.71
N THR E 110 -4.23 20.39 -33.72
CA THR E 110 -5.28 21.42 -33.72
C THR E 110 -5.77 21.68 -32.33
N SER E 111 -6.70 22.60 -32.19
CA SER E 111 -7.20 22.97 -30.87
C SER E 111 -8.68 23.26 -30.93
N LEU E 112 -9.43 22.80 -29.93
CA LEU E 112 -10.85 23.04 -29.93
C LEU E 112 -11.25 24.09 -28.93
N LEU E 113 -10.56 24.08 -27.81
CA LEU E 113 -10.87 24.95 -26.71
C LEU E 113 -9.84 26.06 -26.54
N ASP E 114 -10.23 27.31 -26.79
CA ASP E 114 -9.30 28.43 -26.70
C ASP E 114 -9.42 29.20 -25.40
N HIS E 115 -10.18 28.65 -24.48
CA HIS E 115 -10.34 29.22 -23.16
C HIS E 115 -9.14 28.85 -22.35
N LYS E 116 -8.80 29.71 -21.41
CA LYS E 116 -7.70 29.45 -20.49
C LYS E 116 -8.24 29.23 -19.09
N PHE E 117 -9.52 28.94 -19.02
CA PHE E 117 -10.17 28.73 -17.76
C PHE E 117 -10.56 27.27 -17.74
N CYS E 118 -10.51 26.62 -16.57
CA CYS E 118 -11.04 25.26 -16.40
C CYS E 118 -12.21 25.39 -15.43
N ASN E 119 -13.40 25.37 -15.98
CA ASN E 119 -14.56 25.74 -15.18
C ASN E 119 -15.11 24.58 -14.34
N LEU E 120 -14.29 24.20 -13.35
CA LEU E 120 -14.50 23.13 -12.38
C LEU E 120 -15.36 23.65 -11.25
N SER E 121 -15.33 24.97 -11.02
CA SER E 121 -16.16 25.53 -10.00
C SER E 121 -17.62 25.41 -10.43
N ASP E 122 -17.86 25.40 -11.73
CA ASP E 122 -19.21 25.16 -12.20
C ASP E 122 -19.45 23.67 -12.22
N ALA E 123 -18.49 22.91 -12.73
CA ALA E 123 -18.74 21.49 -12.85
C ALA E 123 -19.05 20.83 -11.53
N HIS E 124 -18.43 21.26 -10.46
CA HIS E 124 -18.68 20.58 -9.22
C HIS E 124 -19.74 21.27 -8.37
N LYS E 125 -20.37 22.30 -8.90
CA LYS E 125 -21.40 23.01 -8.15
C LYS E 125 -22.75 22.95 -8.82
N LYS E 126 -22.76 23.10 -10.13
CA LYS E 126 -23.99 23.08 -10.92
C LYS E 126 -24.26 21.66 -11.32
N ASN E 127 -23.23 20.85 -11.21
CA ASN E 127 -23.22 19.48 -11.66
C ASN E 127 -23.49 19.41 -13.14
N LEU E 128 -24.59 18.79 -13.56
CA LEU E 128 -24.88 18.68 -14.99
C LEU E 128 -23.76 17.96 -15.72
N TYR E 129 -23.08 17.02 -15.07
CA TYR E 129 -22.01 16.31 -15.70
C TYR E 129 -22.17 14.84 -15.47
N ASP E 130 -21.55 14.07 -16.33
CA ASP E 130 -21.58 12.64 -16.21
C ASP E 130 -20.67 12.11 -15.13
N HIS E 131 -21.26 11.34 -14.25
CA HIS E 131 -20.52 10.71 -13.20
C HIS E 131 -19.72 9.59 -13.81
N ALA E 132 -18.65 9.21 -13.14
CA ALA E 132 -17.69 8.19 -13.58
C ALA E 132 -16.78 8.82 -14.62
N LEU E 133 -17.33 9.40 -15.68
CA LEU E 133 -16.46 10.05 -16.64
C LEU E 133 -15.71 11.16 -15.94
N MET E 134 -16.38 11.89 -15.04
CA MET E 134 -15.69 12.91 -14.29
C MET E 134 -14.61 12.33 -13.38
N SER E 135 -14.87 11.16 -12.80
CA SER E 135 -13.91 10.59 -11.87
C SER E 135 -12.68 10.12 -12.61
N ILE E 136 -12.87 9.63 -13.81
CA ILE E 136 -11.77 9.16 -14.61
C ILE E 136 -10.90 10.31 -15.01
N ILE E 137 -11.50 11.42 -15.46
CA ILE E 137 -10.66 12.52 -15.84
C ILE E 137 -9.99 13.15 -14.65
N SER E 138 -10.64 13.20 -13.49
CA SER E 138 -9.96 13.75 -12.34
C SER E 138 -8.80 12.84 -11.94
N THR E 139 -9.00 11.51 -12.02
CA THR E 139 -7.93 10.60 -11.67
C THR E 139 -6.75 10.81 -12.60
N PHE E 140 -7.04 10.92 -13.89
CA PHE E 140 -6.03 11.15 -14.89
C PHE E 140 -5.29 12.45 -14.65
N HIS E 141 -6.03 13.51 -14.49
CA HIS E 141 -5.48 14.83 -14.34
C HIS E 141 -4.59 14.95 -13.14
N LEU E 142 -5.02 14.37 -12.05
CA LEU E 142 -4.30 14.50 -10.81
C LEU E 142 -3.12 13.52 -10.73
N SER E 143 -2.93 12.70 -11.77
CA SER E 143 -1.82 11.76 -11.80
C SER E 143 -0.64 12.38 -12.53
N ILE E 144 -0.84 13.57 -13.08
CA ILE E 144 0.18 14.26 -13.80
C ILE E 144 1.07 14.98 -12.78
N PRO E 145 2.39 14.83 -12.79
CA PRO E 145 3.31 15.53 -11.91
C PRO E 145 3.49 16.99 -12.30
N ASN E 146 3.78 17.88 -11.33
CA ASN E 146 4.21 19.23 -11.66
C ASN E 146 3.35 20.00 -12.67
N PHE E 147 2.02 20.00 -12.56
CA PHE E 147 1.30 20.67 -13.64
C PHE E 147 0.53 21.95 -13.37
N ASN E 148 0.25 22.31 -12.12
CA ASN E 148 -0.51 23.54 -11.84
C ASN E 148 -1.59 23.74 -12.92
N GLN E 149 -1.51 24.87 -13.63
CA GLN E 149 -2.33 25.02 -14.82
C GLN E 149 -1.41 25.50 -15.94
N TYR E 150 -0.80 26.68 -15.76
CA TYR E 150 0.06 27.25 -16.80
C TYR E 150 -0.72 27.44 -18.09
N GLU E 151 -1.95 27.97 -17.99
CA GLU E 151 -2.88 28.19 -19.12
C GLU E 151 -3.49 26.89 -19.67
N ALA E 152 -2.62 25.93 -19.93
CA ALA E 152 -2.91 24.61 -20.45
C ALA E 152 -3.84 23.89 -19.50
N MET E 153 -4.61 22.92 -20.00
CA MET E 153 -5.56 22.15 -19.19
C MET E 153 -6.79 22.95 -18.85
N SER E 154 -7.18 23.84 -19.76
CA SER E 154 -8.41 24.55 -19.61
C SER E 154 -9.50 23.51 -19.91
N CYS E 155 -10.76 23.78 -19.52
CA CYS E 155 -11.90 22.86 -19.73
C CYS E 155 -13.21 23.63 -19.85
N ASP E 156 -14.14 23.04 -20.61
CA ASP E 156 -15.43 23.70 -20.81
C ASP E 156 -16.61 22.75 -20.79
N PHE E 157 -17.38 22.82 -19.72
CA PHE E 157 -18.48 21.90 -19.49
C PHE E 157 -19.80 22.48 -19.90
N ASN E 158 -19.81 23.65 -20.54
CA ASN E 158 -21.05 24.28 -20.92
C ASN E 158 -21.58 23.74 -22.24
N GLY E 159 -21.96 22.48 -22.18
CA GLY E 159 -22.47 21.69 -23.29
C GLY E 159 -21.40 20.84 -23.97
N GLY E 160 -20.13 21.17 -23.73
CA GLY E 160 -19.01 20.40 -24.29
C GLY E 160 -18.62 19.32 -23.31
N LYS E 161 -19.32 19.36 -22.19
CA LYS E 161 -19.18 18.50 -21.06
C LYS E 161 -17.75 18.25 -20.68
N ILE E 162 -17.30 17.03 -20.78
CA ILE E 162 -15.97 16.72 -20.31
C ILE E 162 -14.81 17.32 -21.11
N THR E 163 -15.07 17.92 -22.29
CA THR E 163 -13.97 18.44 -23.09
C THR E 163 -12.95 19.26 -22.29
N VAL E 164 -11.73 18.74 -22.29
CA VAL E 164 -10.54 19.31 -21.65
C VAL E 164 -9.32 19.19 -22.54
N GLN E 165 -8.42 20.18 -22.56
CA GLN E 165 -7.22 19.92 -23.35
C GLN E 165 -5.94 20.39 -22.69
N TYR E 166 -4.93 19.53 -22.83
CA TYR E 166 -3.63 19.65 -22.19
C TYR E 166 -2.52 20.52 -22.80
N ASN E 167 -2.59 20.91 -24.09
CA ASN E 167 -1.61 21.84 -24.73
C ASN E 167 -0.12 21.43 -24.51
N LEU E 168 0.32 20.33 -25.17
CA LEU E 168 1.63 19.69 -25.08
C LEU E 168 2.70 20.58 -25.70
N SER E 169 2.24 21.60 -26.42
CA SER E 169 3.09 22.57 -27.07
C SER E 169 3.89 23.35 -26.05
N HIS E 170 3.51 23.32 -24.76
CA HIS E 170 4.29 24.02 -23.72
C HIS E 170 5.55 23.25 -23.33
N SER E 171 6.40 23.05 -24.34
CA SER E 171 7.71 22.46 -24.28
C SER E 171 8.52 23.63 -24.73
N TYR E 172 7.78 24.57 -25.36
CA TYR E 172 8.24 25.84 -25.89
C TYR E 172 9.22 25.67 -27.03
N ALA E 173 9.74 26.80 -27.57
CA ALA E 173 10.72 26.78 -28.66
C ALA E 173 10.32 25.79 -29.74
N GLY E 174 11.20 24.82 -30.00
CA GLY E 174 10.95 23.79 -30.99
C GLY E 174 12.07 22.79 -30.90
N ASP E 175 11.91 21.63 -31.55
CA ASP E 175 12.88 20.53 -31.43
C ASP E 175 12.80 20.19 -29.94
N ALA E 176 13.57 19.25 -29.43
CA ALA E 176 13.45 19.11 -27.99
C ALA E 176 13.81 20.49 -27.42
N ALA E 177 12.95 20.99 -26.58
CA ALA E 177 13.08 22.30 -25.97
C ALA E 177 13.31 22.15 -24.49
N ARG E 178 12.26 22.23 -23.65
CA ARG E 178 12.49 22.03 -22.22
C ARG E 178 12.59 20.53 -21.91
N HIS E 179 13.69 19.98 -22.38
CA HIS E 179 13.98 18.59 -22.29
C HIS E 179 14.10 18.26 -20.81
N CYS E 180 13.41 17.18 -20.39
CA CYS E 180 13.31 16.63 -19.04
C CYS E 180 12.64 17.60 -18.06
N GLY E 181 11.97 18.64 -18.57
CA GLY E 181 11.32 19.59 -17.67
C GLY E 181 9.88 19.98 -18.02
N THR E 182 9.54 19.89 -19.29
CA THR E 182 8.19 20.27 -19.72
C THR E 182 7.05 19.48 -19.07
N ILE E 183 5.97 20.21 -18.81
CA ILE E 183 4.77 19.64 -18.24
C ILE E 183 4.16 18.67 -19.24
N ALA E 184 4.50 18.87 -20.51
CA ALA E 184 4.05 18.01 -21.57
C ALA E 184 4.50 16.59 -21.33
N ASN E 185 5.68 16.39 -20.74
CA ASN E 185 6.11 15.03 -20.54
C ASN E 185 5.31 14.48 -19.41
N GLY E 186 4.99 15.32 -18.43
CA GLY E 186 4.14 14.84 -17.34
C GLY E 186 2.81 14.34 -17.90
N VAL E 187 2.30 15.06 -18.90
CA VAL E 187 1.04 14.70 -19.53
C VAL E 187 1.20 13.41 -20.34
N LEU E 188 2.28 13.30 -21.11
CA LEU E 188 2.51 12.13 -21.91
C LEU E 188 2.70 10.89 -21.07
N GLN E 189 3.40 11.02 -19.94
CA GLN E 189 3.60 9.86 -19.11
C GLN E 189 2.32 9.44 -18.47
N THR E 190 1.46 10.39 -18.15
CA THR E 190 0.20 10.01 -17.56
C THR E 190 -0.66 9.34 -18.64
N PHE E 191 -0.63 9.89 -19.86
CA PHE E 191 -1.36 9.38 -21.01
C PHE E 191 -1.04 7.93 -21.24
N MET E 192 0.24 7.62 -21.19
CA MET E 192 0.74 6.28 -21.43
C MET E 192 0.53 5.31 -20.28
N ARG E 193 -0.11 5.76 -19.21
CA ARG E 193 -0.49 4.89 -18.14
C ARG E 193 -1.99 4.69 -18.28
N MET E 194 -2.72 5.73 -18.72
CA MET E 194 -4.17 5.64 -18.91
C MET E 194 -4.49 4.53 -19.87
N ALA E 195 -3.65 4.43 -20.88
CA ALA E 195 -3.71 3.37 -21.86
C ALA E 195 -2.28 2.98 -22.00
N TRP E 196 -1.97 1.70 -22.01
CA TRP E 196 -0.56 1.37 -22.09
C TRP E 196 -0.45 0.08 -22.83
N GLY E 197 0.76 -0.36 -23.13
CA GLY E 197 0.97 -1.60 -23.87
C GLY E 197 0.86 -1.31 -25.36
N GLY E 198 -0.29 -0.78 -25.76
CA GLY E 198 -0.65 -0.34 -27.10
C GLY E 198 -0.43 1.16 -27.26
N SER E 199 0.22 1.79 -26.30
CA SER E 199 0.46 3.22 -26.35
C SER E 199 1.72 3.52 -27.13
N TYR E 200 2.48 2.49 -27.45
CA TYR E 200 3.79 2.59 -28.12
C TYR E 200 3.71 3.17 -29.51
N ILE E 201 2.53 3.18 -30.12
CA ILE E 201 2.41 3.72 -31.47
C ILE E 201 2.08 5.21 -31.43
N ALA E 202 1.98 5.75 -30.23
CA ALA E 202 1.76 7.15 -30.02
C ALA E 202 3.10 7.77 -30.34
N LEU E 203 3.26 9.06 -30.20
CA LEU E 203 4.55 9.61 -30.58
C LEU E 203 5.68 9.31 -29.62
N ASP E 204 5.38 8.75 -28.47
CA ASP E 204 6.45 8.36 -27.58
C ASP E 204 7.21 7.27 -28.28
N SER E 205 8.51 7.42 -28.49
CA SER E 205 9.21 6.39 -29.22
C SER E 205 10.59 6.11 -28.69
N GLY E 206 10.81 4.85 -28.36
CA GLY E 206 12.06 4.34 -27.84
C GLY E 206 11.97 4.05 -26.34
N CYS E 207 12.35 2.82 -25.94
CA CYS E 207 12.36 2.37 -24.55
C CYS E 207 13.75 2.59 -23.98
N GLY E 208 13.88 2.62 -22.66
CA GLY E 208 15.19 2.82 -22.10
C GLY E 208 15.50 4.32 -22.10
N ASN E 209 14.48 5.10 -22.40
CA ASN E 209 14.55 6.54 -22.49
C ASN E 209 13.40 7.05 -21.66
N TRP E 210 13.61 7.05 -20.37
CA TRP E 210 12.55 7.38 -19.47
C TRP E 210 12.39 8.85 -19.26
N ASP E 211 11.15 9.31 -19.44
CA ASP E 211 10.81 10.71 -19.33
C ASP E 211 11.59 11.38 -20.45
N CYS E 212 11.50 12.73 -20.57
CA CYS E 212 12.21 13.55 -21.55
C CYS E 212 11.79 13.09 -22.97
N ILE E 213 10.50 12.80 -23.11
CA ILE E 213 9.98 12.27 -24.35
C ILE E 213 9.89 13.29 -25.46
N MET E 214 9.40 14.48 -25.16
CA MET E 214 9.35 15.60 -26.10
C MET E 214 8.74 15.28 -27.47
N THR E 215 7.47 14.88 -27.50
CA THR E 215 6.80 14.52 -28.76
C THR E 215 6.40 15.71 -29.61
N SER E 216 6.04 15.41 -30.87
CA SER E 216 5.58 16.38 -31.85
C SER E 216 4.08 16.79 -31.81
N TYR E 217 3.21 16.07 -31.08
CA TYR E 217 1.82 16.54 -31.03
C TYR E 217 1.77 17.73 -30.13
N GLN E 218 0.83 18.63 -30.39
CA GLN E 218 0.77 19.85 -29.62
C GLN E 218 -0.32 19.81 -28.58
N TYR E 219 -1.32 18.97 -28.79
CA TYR E 219 -2.43 18.91 -27.87
C TYR E 219 -2.88 17.50 -27.55
N LEU E 220 -3.32 17.31 -26.30
CA LEU E 220 -4.07 16.12 -25.89
C LEU E 220 -5.45 16.57 -25.53
N ILE E 221 -6.41 16.08 -26.28
CA ILE E 221 -7.78 16.47 -26.08
C ILE E 221 -8.61 15.31 -25.58
N ILE E 222 -9.32 15.52 -24.49
CA ILE E 222 -10.16 14.45 -23.99
C ILE E 222 -11.62 14.85 -24.05
N GLN E 223 -12.41 14.01 -24.72
CA GLN E 223 -13.86 14.24 -24.91
C GLN E 223 -14.69 12.99 -24.67
N ASN E 224 -16.01 13.13 -24.37
CA ASN E 224 -16.95 12.01 -24.23
C ASN E 224 -17.42 11.57 -25.63
N THR E 225 -17.45 10.25 -25.86
CA THR E 225 -17.89 9.63 -27.10
C THR E 225 -18.84 8.48 -26.89
N THR E 226 -19.28 7.90 -27.99
CA THR E 226 -20.14 6.74 -27.89
C THR E 226 -19.25 5.52 -27.94
N TRP E 227 -19.73 4.40 -27.45
CA TRP E 227 -18.83 3.26 -27.52
C TRP E 227 -18.97 2.42 -28.73
N GLU E 228 -18.29 2.86 -29.75
CA GLU E 228 -18.28 2.19 -31.02
C GLU E 228 -17.14 1.20 -30.94
N ASP E 229 -16.94 0.39 -31.97
CA ASP E 229 -15.85 -0.58 -31.91
C ASP E 229 -14.52 0.07 -32.26
N HIS E 230 -14.03 0.82 -31.30
CA HIS E 230 -12.81 1.62 -31.41
C HIS E 230 -11.49 0.86 -31.20
N CYS E 231 -11.49 -0.25 -30.43
CA CYS E 231 -10.29 -0.96 -29.99
C CYS E 231 -9.77 -1.91 -31.07
N GLN E 232 -9.22 -1.30 -32.10
CA GLN E 232 -8.67 -1.97 -33.25
C GLN E 232 -7.18 -2.28 -33.15
N PHE E 233 -6.42 -1.49 -32.39
CA PHE E 233 -4.98 -1.72 -32.33
C PHE E 233 -4.60 -2.58 -31.14
N SER E 234 -5.30 -2.39 -30.03
CA SER E 234 -5.00 -3.17 -28.83
C SER E 234 -6.28 -3.62 -28.16
N ARG E 235 -6.20 -4.71 -27.41
CA ARG E 235 -7.36 -5.23 -26.72
C ARG E 235 -7.68 -4.30 -25.54
N PRO E 236 -8.94 -4.07 -25.18
CA PRO E 236 -9.37 -3.32 -24.02
C PRO E 236 -8.80 -3.91 -22.76
N SER E 237 -8.44 -3.05 -21.83
CA SER E 237 -7.88 -3.50 -20.58
C SER E 237 -8.14 -2.57 -19.43
N PRO E 238 -8.45 -3.08 -18.23
CA PRO E 238 -8.67 -2.33 -17.03
C PRO E 238 -7.36 -1.87 -16.44
N ILE E 239 -6.26 -2.41 -16.93
CA ILE E 239 -4.99 -2.20 -16.30
C ILE E 239 -4.56 -0.74 -16.34
N GLY E 240 -4.77 -0.04 -17.45
CA GLY E 240 -4.32 1.35 -17.52
C GLY E 240 -4.93 2.17 -16.39
N TYR E 241 -6.24 2.12 -16.27
CA TYR E 241 -6.91 2.84 -15.20
C TYR E 241 -6.41 2.38 -13.85
N LEU E 242 -6.29 1.08 -13.66
CA LEU E 242 -5.85 0.60 -12.37
C LEU E 242 -4.47 1.10 -12.06
N SER E 243 -3.59 1.18 -13.05
CA SER E 243 -2.26 1.68 -12.80
C SER E 243 -2.31 3.13 -12.34
N LEU E 244 -3.11 3.98 -12.98
CA LEU E 244 -3.16 5.36 -12.52
C LEU E 244 -3.73 5.51 -11.13
N LEU E 245 -4.77 4.73 -10.86
CA LEU E 245 -5.49 4.75 -9.60
C LEU E 245 -4.69 4.22 -8.43
N SER E 246 -4.04 3.10 -8.65
CA SER E 246 -3.27 2.42 -7.65
C SER E 246 -2.01 3.16 -7.36
N GLN E 247 -1.74 3.48 -6.09
CA GLN E 247 -0.53 4.17 -5.66
C GLN E 247 -0.37 5.62 -6.14
N ARG E 248 -0.45 5.84 -7.44
CA ARG E 248 -0.27 7.11 -8.16
C ARG E 248 1.21 7.49 -8.26
N THR E 249 1.94 7.30 -7.13
CA THR E 249 3.36 7.59 -6.84
C THR E 249 3.57 9.03 -6.46
N ARG E 250 2.50 9.80 -6.54
CA ARG E 250 2.37 11.19 -6.18
C ARG E 250 3.22 12.07 -7.07
N ASP E 251 4.54 11.94 -6.96
CA ASP E 251 5.53 12.65 -7.78
C ASP E 251 5.04 14.10 -7.91
N ILE E 252 4.83 14.74 -6.77
CA ILE E 252 4.18 16.04 -6.75
C ILE E 252 4.96 17.21 -7.35
N TYR E 253 6.26 17.34 -7.00
CA TYR E 253 7.18 18.43 -7.41
C TYR E 253 6.88 19.76 -6.75
N ILE E 254 5.63 20.16 -6.81
CA ILE E 254 5.17 21.42 -6.30
C ILE E 254 5.23 21.46 -4.77
N SER E 255 5.85 22.53 -4.20
CA SER E 255 5.99 22.80 -2.76
C SER E 255 6.54 21.61 -1.97
N GLY F 1 -13.97 -27.67 -0.26
CA GLY F 1 -13.33 -26.83 -1.25
C GLY F 1 -13.75 -25.36 -1.11
N THR F 2 -12.88 -24.56 -0.44
CA THR F 2 -13.05 -23.10 -0.27
C THR F 2 -11.74 -22.39 -0.69
N PHE F 3 -11.86 -21.13 -1.09
CA PHE F 3 -10.72 -20.30 -1.46
C PHE F 3 -10.66 -19.03 -0.63
N THR F 4 -9.46 -18.47 -0.50
CA THR F 4 -9.28 -17.22 0.21
C THR F 4 -9.23 -16.09 -0.79
N TRP F 5 -8.92 -16.41 -2.05
CA TRP F 5 -8.81 -15.33 -3.02
C TRP F 5 -10.16 -14.79 -3.47
N THR F 6 -11.23 -15.51 -3.18
CA THR F 6 -12.55 -15.11 -3.63
C THR F 6 -13.25 -14.20 -2.68
N LEU F 7 -14.09 -13.36 -3.25
CA LEU F 7 -14.92 -12.51 -2.43
C LEU F 7 -16.17 -13.20 -1.96
N SER F 8 -16.59 -14.22 -2.69
CA SER F 8 -17.82 -14.90 -2.38
C SER F 8 -17.70 -15.72 -1.12
N ASP F 9 -18.82 -16.03 -0.50
CA ASP F 9 -18.77 -16.91 0.66
C ASP F 9 -18.84 -18.35 0.19
N SER F 10 -17.78 -18.78 -0.49
CA SER F 10 -17.68 -20.12 -1.04
C SER F 10 -18.94 -20.47 -1.84
N GLU F 11 -19.40 -19.51 -2.64
CA GLU F 11 -20.62 -19.67 -3.41
C GLU F 11 -20.56 -20.83 -4.39
N GLY F 12 -19.41 -21.05 -5.00
CA GLY F 12 -19.28 -22.14 -5.95
C GLY F 12 -17.95 -22.15 -6.68
N ASN F 13 -17.76 -23.19 -7.51
CA ASN F 13 -16.58 -23.45 -8.34
C ASN F 13 -15.28 -23.70 -7.57
N ALA F 14 -15.40 -24.00 -6.28
CA ALA F 14 -14.24 -24.34 -5.46
C ALA F 14 -14.24 -25.81 -5.10
N THR F 15 -15.31 -26.50 -5.46
CA THR F 15 -15.45 -27.90 -5.11
C THR F 15 -15.43 -28.96 -6.25
N PRO F 16 -15.86 -28.72 -7.51
CA PRO F 16 -16.01 -29.76 -8.53
C PRO F 16 -14.70 -30.13 -9.23
N GLY F 17 -13.66 -30.36 -8.45
CA GLY F 17 -12.35 -30.77 -8.90
C GLY F 17 -11.43 -29.60 -9.26
N GLY F 18 -12.03 -28.44 -9.56
CA GLY F 18 -11.31 -27.27 -10.03
C GLY F 18 -12.21 -26.10 -10.36
N TYR F 19 -11.56 -24.99 -10.70
CA TYR F 19 -12.23 -23.74 -11.04
C TYR F 19 -12.15 -23.59 -12.56
N CYS F 20 -13.29 -23.36 -13.24
CA CYS F 20 -13.35 -23.25 -14.70
C CYS F 20 -13.49 -21.81 -15.14
N LEU F 21 -12.73 -21.50 -16.17
CA LEU F 21 -12.79 -20.21 -16.79
C LEU F 21 -13.77 -20.36 -17.92
N THR F 22 -14.83 -19.59 -17.87
CA THR F 22 -15.88 -19.70 -18.87
C THR F 22 -15.62 -18.92 -20.12
N ARG F 23 -16.54 -19.02 -21.05
CA ARG F 23 -16.39 -18.42 -22.38
C ARG F 23 -16.45 -16.90 -22.35
N TRP F 24 -16.82 -16.35 -21.22
CA TRP F 24 -16.84 -14.93 -21.03
C TRP F 24 -15.64 -14.47 -20.22
N MET F 25 -14.74 -15.38 -19.93
CA MET F 25 -13.51 -15.02 -19.26
C MET F 25 -12.46 -15.13 -20.34
N LEU F 26 -12.70 -16.07 -21.23
CA LEU F 26 -11.81 -16.42 -22.33
C LEU F 26 -12.30 -15.87 -23.64
N ILE F 27 -11.40 -15.53 -24.56
CA ILE F 27 -11.93 -15.16 -25.87
C ILE F 27 -12.23 -16.41 -26.69
N GLU F 28 -11.43 -17.46 -26.47
CA GLU F 28 -11.52 -18.69 -27.24
C GLU F 28 -12.11 -19.88 -26.51
N ALA F 29 -13.11 -20.45 -27.16
CA ALA F 29 -13.82 -21.64 -26.71
C ALA F 29 -14.38 -21.48 -25.31
N GLU F 30 -14.22 -22.50 -24.47
CA GLU F 30 -14.80 -22.47 -23.15
C GLU F 30 -14.17 -23.44 -22.18
N LEU F 31 -14.46 -23.20 -20.92
CA LEU F 31 -14.15 -24.12 -19.84
C LEU F 31 -12.72 -24.58 -19.70
N LYS F 32 -11.84 -23.65 -19.50
CA LYS F 32 -10.46 -24.03 -19.25
C LYS F 32 -10.47 -24.26 -17.74
N CYS F 33 -10.35 -25.53 -17.29
CA CYS F 33 -10.54 -25.92 -15.88
C CYS F 33 -9.25 -26.29 -15.21
N PHE F 34 -8.98 -25.56 -14.15
CA PHE F 34 -7.75 -25.71 -13.40
C PHE F 34 -8.03 -26.40 -12.09
N GLY F 35 -7.29 -27.44 -11.81
CA GLY F 35 -7.58 -28.22 -10.63
C GLY F 35 -7.49 -27.36 -9.39
N ASN F 36 -8.29 -27.71 -8.39
CA ASN F 36 -8.37 -26.92 -7.17
C ASN F 36 -7.06 -26.77 -6.44
N THR F 37 -6.17 -27.74 -6.54
CA THR F 37 -4.93 -27.63 -5.82
C THR F 37 -4.00 -26.68 -6.51
N ALA F 38 -4.27 -26.40 -7.78
CA ALA F 38 -3.46 -25.47 -8.52
C ALA F 38 -4.01 -24.10 -8.27
N VAL F 39 -5.33 -23.99 -8.32
CA VAL F 39 -6.01 -22.71 -8.20
C VAL F 39 -5.75 -22.14 -6.84
N ALA F 40 -5.71 -23.00 -5.84
CA ALA F 40 -5.49 -22.64 -4.46
C ALA F 40 -4.18 -21.87 -4.30
N LYS F 41 -3.25 -21.98 -5.24
CA LYS F 41 -2.02 -21.22 -5.10
C LYS F 41 -2.32 -19.71 -4.97
N CYS F 42 -3.40 -19.20 -5.66
CA CYS F 42 -3.84 -17.82 -5.70
C CYS F 42 -4.34 -17.39 -4.33
N ASN F 43 -4.54 -18.34 -3.42
CA ASN F 43 -4.98 -18.04 -2.10
C ASN F 43 -3.93 -17.35 -1.27
N GLU F 44 -2.64 -17.65 -1.53
CA GLU F 44 -1.54 -17.12 -0.72
C GLU F 44 -0.29 -16.64 -1.47
N LYS F 45 -0.12 -16.96 -2.76
CA LYS F 45 1.14 -16.58 -3.41
C LYS F 45 1.45 -15.07 -3.32
N HIS F 46 0.41 -14.26 -3.48
CA HIS F 46 0.44 -12.80 -3.43
C HIS F 46 1.27 -12.12 -4.52
N ASP F 47 1.60 -12.84 -5.59
CA ASP F 47 2.32 -12.19 -6.69
C ASP F 47 2.22 -12.96 -8.01
N GLU F 48 1.08 -12.81 -8.70
CA GLU F 48 0.86 -13.53 -9.95
C GLU F 48 -0.15 -12.84 -10.84
N GLU F 49 0.26 -12.49 -12.06
CA GLU F 49 -0.67 -11.77 -12.92
C GLU F 49 -1.93 -12.54 -13.20
N PHE F 50 -1.83 -13.86 -13.35
CA PHE F 50 -3.05 -14.60 -13.63
C PHE F 50 -4.08 -14.52 -12.49
N CYS F 51 -3.62 -14.74 -11.23
CA CYS F 51 -4.40 -14.75 -10.00
C CYS F 51 -5.01 -13.37 -9.78
N ASP F 52 -4.29 -12.34 -10.19
CA ASP F 52 -4.82 -11.02 -10.01
C ASP F 52 -5.99 -10.84 -10.98
N MET F 53 -5.86 -11.33 -12.21
CA MET F 53 -7.00 -11.22 -13.11
C MET F 53 -8.14 -12.07 -12.63
N LEU F 54 -7.84 -13.19 -12.01
CA LEU F 54 -8.88 -14.08 -11.55
C LEU F 54 -9.72 -13.40 -10.48
N ARG F 55 -9.07 -12.69 -9.55
CA ARG F 55 -9.83 -11.98 -8.55
C ARG F 55 -10.65 -10.87 -9.16
N LEU F 56 -10.12 -10.21 -10.18
CA LEU F 56 -10.82 -9.12 -10.79
C LEU F 56 -12.09 -9.63 -11.48
N PHE F 57 -12.00 -10.79 -12.11
CA PHE F 57 -13.19 -11.37 -12.74
C PHE F 57 -14.21 -11.80 -11.71
N ASP F 58 -13.74 -12.32 -10.57
CA ASP F 58 -14.63 -12.78 -9.53
C ASP F 58 -15.41 -11.59 -9.00
N PHE F 59 -14.73 -10.46 -8.85
CA PHE F 59 -15.38 -9.24 -8.43
C PHE F 59 -16.43 -8.85 -9.41
N ASN F 60 -16.06 -8.82 -10.70
CA ASN F 60 -16.99 -8.39 -11.71
C ASN F 60 -18.24 -9.21 -11.66
N LYS F 61 -18.11 -10.52 -11.54
CA LYS F 61 -19.29 -11.35 -11.49
C LYS F 61 -20.17 -11.00 -10.33
N GLN F 62 -19.59 -10.83 -9.15
CA GLN F 62 -20.41 -10.51 -7.99
C GLN F 62 -21.04 -9.15 -8.08
N ALA F 63 -20.29 -8.19 -8.59
CA ALA F 63 -20.80 -6.84 -8.66
C ALA F 63 -21.96 -6.74 -9.61
N ILE F 64 -21.88 -7.43 -10.73
CA ILE F 64 -22.99 -7.33 -11.66
C ILE F 64 -24.17 -8.09 -11.17
N SER F 65 -23.94 -9.32 -10.71
CA SER F 65 -25.02 -10.17 -10.26
C SER F 65 -25.80 -9.59 -9.09
N ARG F 66 -25.09 -9.05 -8.10
CA ARG F 66 -25.75 -8.55 -6.92
C ARG F 66 -26.17 -7.09 -6.96
N LEU F 67 -25.46 -6.22 -7.69
CA LEU F 67 -25.81 -4.81 -7.64
C LEU F 67 -26.65 -4.36 -8.82
N ARG F 68 -26.61 -5.08 -9.96
CA ARG F 68 -27.28 -4.70 -11.22
C ARG F 68 -26.52 -3.59 -11.94
N SER F 69 -26.25 -2.51 -11.20
CA SER F 69 -25.50 -1.33 -11.61
C SER F 69 -25.99 -0.67 -12.91
N PRO F 70 -27.25 -0.24 -12.99
CA PRO F 70 -27.80 0.45 -14.13
C PRO F 70 -27.19 1.84 -14.16
N ALA F 71 -27.10 2.44 -15.34
CA ALA F 71 -26.64 3.82 -15.57
C ALA F 71 -25.15 4.05 -15.27
N GLN F 72 -24.76 3.86 -14.02
CA GLN F 72 -23.39 4.05 -13.61
C GLN F 72 -22.72 2.75 -13.23
N MET F 73 -21.40 2.71 -13.38
CA MET F 73 -20.62 1.53 -13.01
C MET F 73 -20.11 1.59 -11.59
N SER F 74 -20.51 2.60 -10.83
CA SER F 74 -20.05 2.72 -9.46
C SER F 74 -18.53 2.68 -9.39
N ILE F 75 -17.90 3.64 -10.07
CA ILE F 75 -16.45 3.71 -10.12
C ILE F 75 -15.86 3.83 -8.72
N GLN F 76 -16.62 4.42 -7.82
CA GLN F 76 -16.25 4.58 -6.44
C GLN F 76 -16.19 3.23 -5.70
N LEU F 77 -16.94 2.23 -6.20
CA LEU F 77 -16.90 0.91 -5.61
C LEU F 77 -15.61 0.30 -6.07
N ILE F 78 -15.26 0.61 -7.31
CA ILE F 78 -14.04 0.08 -7.86
C ILE F 78 -12.87 0.65 -7.12
N ASN F 79 -12.89 1.94 -6.82
CA ASN F 79 -11.74 2.48 -6.11
C ASN F 79 -11.53 1.70 -4.79
N LYS F 80 -12.62 1.33 -4.13
CA LYS F 80 -12.48 0.52 -2.93
C LYS F 80 -11.98 -0.88 -3.26
N ALA F 81 -12.55 -1.45 -4.30
CA ALA F 81 -12.22 -2.79 -4.70
C ALA F 81 -10.78 -2.95 -5.12
N VAL F 82 -10.19 -1.96 -5.77
CA VAL F 82 -8.84 -2.20 -6.19
C VAL F 82 -7.92 -2.26 -5.01
N ASN F 83 -8.16 -1.44 -4.00
CA ASN F 83 -7.25 -1.55 -2.89
C ASN F 83 -7.38 -2.91 -2.25
N ALA F 84 -8.58 -3.48 -2.30
CA ALA F 84 -8.83 -4.81 -1.79
C ALA F 84 -8.30 -5.95 -2.72
N LEU F 85 -8.31 -5.72 -4.02
CA LEU F 85 -8.02 -6.77 -4.99
C LEU F 85 -6.79 -6.79 -5.89
N ILE F 86 -6.16 -5.66 -6.23
CA ILE F 86 -5.22 -5.74 -7.36
C ILE F 86 -3.72 -5.85 -7.21
N ASN F 87 -3.15 -6.01 -6.02
CA ASN F 87 -1.69 -6.22 -6.02
C ASN F 87 -0.91 -5.15 -6.78
N ASP F 88 -1.08 -3.92 -6.34
CA ASP F 88 -0.47 -2.73 -6.89
C ASP F 88 1.01 -2.88 -7.20
N GLN F 89 1.73 -3.55 -6.33
CA GLN F 89 3.15 -3.72 -6.49
C GLN F 89 3.48 -4.44 -7.79
N LEU F 90 2.67 -5.42 -8.19
CA LEU F 90 2.98 -6.17 -9.39
C LEU F 90 2.69 -5.34 -10.60
N ILE F 91 1.63 -4.56 -10.52
CA ILE F 91 1.31 -3.74 -11.66
C ILE F 91 2.45 -2.79 -11.90
N MET F 92 2.98 -2.19 -10.85
CA MET F 92 4.07 -1.30 -11.08
C MET F 92 5.32 -2.03 -11.59
N LYS F 93 5.58 -3.27 -11.15
CA LYS F 93 6.74 -3.95 -11.73
C LYS F 93 6.59 -4.13 -13.23
N ASN F 94 5.38 -4.45 -13.71
CA ASN F 94 5.26 -4.60 -15.14
C ASN F 94 5.39 -3.27 -15.84
N HIS F 95 4.94 -2.21 -15.19
CA HIS F 95 5.08 -0.89 -15.75
C HIS F 95 6.56 -0.54 -15.90
N LEU F 96 7.37 -0.80 -14.87
CA LEU F 96 8.78 -0.47 -14.96
C LEU F 96 9.43 -1.24 -16.06
N ARG F 97 9.08 -2.50 -16.20
CA ARG F 97 9.71 -3.28 -17.24
C ARG F 97 9.43 -2.68 -18.61
N ASP F 98 8.23 -2.14 -18.83
CA ASP F 98 7.96 -1.53 -20.13
C ASP F 98 8.89 -0.34 -20.33
N ILE F 99 9.08 0.45 -19.28
CA ILE F 99 9.93 1.63 -19.35
C ILE F 99 11.35 1.27 -19.70
N MET F 100 11.81 0.21 -19.06
CA MET F 100 13.16 -0.31 -19.14
C MET F 100 13.55 -1.23 -20.31
N CYS F 101 12.64 -1.52 -21.29
CA CYS F 101 12.88 -2.46 -22.42
C CYS F 101 13.01 -3.91 -21.92
N ILE F 102 12.34 -4.23 -20.84
CA ILE F 102 12.41 -5.56 -20.32
C ILE F 102 11.05 -6.17 -20.61
N PRO F 103 10.98 -7.40 -21.10
CA PRO F 103 9.72 -8.03 -21.35
C PRO F 103 8.86 -7.93 -20.13
N TYR F 104 7.60 -7.63 -20.37
CA TYR F 104 6.67 -7.40 -19.29
C TYR F 104 5.32 -7.94 -19.63
N CYS F 105 4.45 -8.08 -18.62
CA CYS F 105 3.10 -8.59 -18.83
C CYS F 105 2.12 -7.45 -19.11
N ASN F 106 1.40 -7.56 -20.22
CA ASN F 106 0.32 -6.61 -20.48
C ASN F 106 -1.06 -7.19 -20.09
N TYR F 107 -1.07 -8.38 -19.42
CA TYR F 107 -2.14 -9.19 -18.85
C TYR F 107 -3.11 -9.85 -19.80
N SER F 108 -2.89 -9.83 -21.11
CA SER F 108 -3.87 -10.54 -21.92
C SER F 108 -3.57 -11.99 -22.16
N LYS F 109 -2.31 -12.39 -22.14
CA LYS F 109 -2.00 -13.75 -22.56
C LYS F 109 -1.21 -14.51 -21.56
N TYR F 110 -1.64 -15.73 -21.37
CA TYR F 110 -1.07 -16.61 -20.38
C TYR F 110 -0.76 -17.98 -20.95
N TRP F 111 0.14 -18.69 -20.32
CA TRP F 111 0.52 -20.03 -20.74
C TRP F 111 0.62 -20.90 -19.53
N TYR F 112 0.50 -22.20 -19.72
CA TYR F 112 0.63 -23.10 -18.59
C TYR F 112 1.09 -24.41 -19.06
N LEU F 113 1.60 -25.21 -18.18
CA LEU F 113 1.91 -26.52 -18.63
C LEU F 113 0.76 -27.44 -18.31
N ASN F 114 0.31 -28.17 -19.34
CA ASN F 114 -0.78 -29.13 -19.31
C ASN F 114 -0.26 -30.55 -19.48
N HIS F 115 -0.26 -31.34 -18.39
CA HIS F 115 0.24 -32.71 -18.40
C HIS F 115 -0.91 -33.54 -18.88
N THR F 116 -1.08 -33.58 -20.20
CA THR F 116 -2.26 -34.12 -20.89
C THR F 116 -2.44 -35.61 -20.71
N VAL F 117 -1.42 -36.25 -20.20
CA VAL F 117 -1.45 -37.64 -19.87
C VAL F 117 -2.45 -37.84 -18.73
N THR F 118 -2.42 -36.90 -17.76
CA THR F 118 -3.29 -36.97 -16.59
C THR F 118 -4.30 -35.81 -16.49
N GLY F 119 -4.05 -34.72 -17.21
CA GLY F 119 -4.88 -33.52 -17.23
C GLY F 119 -4.52 -32.44 -16.18
N ARG F 120 -3.43 -32.62 -15.46
CA ARG F 120 -3.05 -31.62 -14.46
C ARG F 120 -2.48 -30.38 -15.10
N THR F 121 -2.73 -29.22 -14.50
CA THR F 121 -2.12 -28.01 -15.01
C THR F 121 -1.42 -27.21 -13.92
N SER F 122 -0.45 -26.41 -14.35
CA SER F 122 0.36 -25.51 -13.53
C SER F 122 -0.24 -24.18 -13.13
N LEU F 123 -1.35 -23.87 -13.73
CA LEU F 123 -2.02 -22.58 -13.74
C LEU F 123 -1.31 -21.72 -14.72
N PRO F 124 -2.01 -20.75 -15.31
CA PRO F 124 -1.46 -19.83 -16.24
C PRO F 124 -0.49 -18.92 -15.56
N LYS F 125 0.51 -18.53 -16.31
CA LYS F 125 1.49 -17.54 -15.95
C LYS F 125 1.52 -16.64 -17.17
N CYS F 126 1.87 -15.35 -17.04
CA CYS F 126 1.85 -14.40 -18.17
C CYS F 126 2.92 -14.70 -19.22
N TRP F 127 2.49 -14.67 -20.48
CA TRP F 127 3.37 -14.93 -21.62
C TRP F 127 4.43 -13.87 -21.90
N LEU F 128 4.12 -12.62 -21.60
CA LEU F 128 5.00 -11.46 -21.77
C LEU F 128 5.17 -10.96 -23.19
N VAL F 129 5.34 -9.66 -23.27
CA VAL F 129 5.61 -8.94 -24.51
C VAL F 129 6.83 -8.06 -24.39
N SER F 130 7.41 -7.76 -25.53
CA SER F 130 8.51 -6.83 -25.65
C SER F 130 8.52 -6.30 -27.08
N ASN F 131 9.02 -5.06 -27.29
CA ASN F 131 9.18 -4.44 -28.62
C ASN F 131 7.86 -4.44 -29.42
N GLY F 132 6.71 -4.24 -28.73
CA GLY F 132 5.37 -4.19 -29.31
C GLY F 132 4.67 -5.55 -29.48
N SER F 133 5.33 -6.68 -29.20
CA SER F 133 4.68 -7.97 -29.42
C SER F 133 5.08 -9.10 -28.49
N TYR F 134 4.51 -10.27 -28.74
CA TYR F 134 4.75 -11.42 -27.87
C TYR F 134 6.08 -12.08 -28.06
N LEU F 135 6.57 -12.63 -26.99
CA LEU F 135 7.82 -13.38 -27.01
C LEU F 135 7.67 -14.77 -27.63
N ASN F 136 8.76 -15.30 -28.20
CA ASN F 136 8.88 -16.69 -28.67
C ASN F 136 9.13 -17.59 -27.45
N GLU F 137 8.62 -18.85 -27.50
CA GLU F 137 8.80 -19.87 -26.46
C GLU F 137 10.23 -20.33 -26.36
N THR F 138 11.00 -19.97 -27.38
CA THR F 138 12.40 -20.30 -27.49
C THR F 138 13.26 -19.36 -26.70
N HIS F 139 12.74 -18.18 -26.37
CA HIS F 139 13.54 -17.27 -25.59
C HIS F 139 12.94 -17.25 -24.22
N PHE F 140 11.66 -17.59 -24.15
CA PHE F 140 10.94 -17.68 -22.91
C PHE F 140 11.64 -18.82 -22.18
N SER F 141 11.84 -19.90 -22.93
CA SER F 141 12.68 -21.02 -22.60
C SER F 141 12.59 -21.65 -21.23
N ASP F 142 13.66 -21.45 -20.47
CA ASP F 142 13.95 -22.01 -19.18
C ASP F 142 12.86 -21.79 -18.18
N ASP F 143 12.08 -20.73 -18.31
CA ASP F 143 11.06 -20.54 -17.31
C ASP F 143 10.00 -21.65 -17.44
N ILE F 144 9.85 -22.22 -18.64
CA ILE F 144 8.89 -23.27 -18.91
C ILE F 144 9.46 -24.51 -18.31
N GLU F 145 10.75 -24.69 -18.50
CA GLU F 145 11.41 -25.88 -18.01
C GLU F 145 11.31 -25.87 -16.48
N GLN F 146 11.46 -24.68 -15.88
CA GLN F 146 11.37 -24.58 -14.43
C GLN F 146 9.95 -24.85 -13.99
N GLN F 147 8.96 -24.40 -14.75
CA GLN F 147 7.60 -24.68 -14.35
C GLN F 147 7.35 -26.19 -14.44
N ALA F 148 7.94 -26.86 -15.43
CA ALA F 148 7.78 -28.29 -15.54
C ALA F 148 8.34 -28.97 -14.32
N ASP F 149 9.49 -28.48 -13.84
CA ASP F 149 10.09 -29.09 -12.65
C ASP F 149 9.15 -28.98 -11.47
N ASN F 150 8.42 -27.88 -11.39
CA ASN F 150 7.52 -27.73 -10.29
C ASN F 150 6.38 -28.72 -10.42
N MET F 151 5.87 -28.94 -11.64
CA MET F 151 4.79 -29.91 -11.77
C MET F 151 5.26 -31.31 -11.51
N ILE F 152 6.50 -31.58 -11.87
CA ILE F 152 7.07 -32.90 -11.65
C ILE F 152 7.13 -33.13 -10.17
N THR F 153 7.58 -32.12 -9.45
CA THR F 153 7.68 -32.24 -8.03
C THR F 153 6.31 -32.52 -7.45
N GLU F 154 5.28 -31.79 -7.90
CA GLU F 154 3.94 -32.00 -7.35
C GLU F 154 3.44 -33.39 -7.60
N MET F 155 3.71 -33.93 -8.78
CA MET F 155 3.25 -35.27 -9.10
C MET F 155 3.93 -36.32 -8.24
N LEU F 156 5.16 -36.04 -7.80
CA LEU F 156 5.84 -36.98 -6.93
C LEU F 156 5.39 -36.78 -5.48
N GLN F 157 5.12 -35.53 -5.09
CA GLN F 157 4.67 -35.24 -3.73
C GLN F 157 3.21 -35.58 -3.56
N LYS F 158 2.52 -35.78 -4.68
CA LYS F 158 1.14 -36.19 -4.75
C LYS F 158 0.97 -37.55 -4.10
N GLU F 159 2.03 -38.36 -4.07
CA GLU F 159 1.90 -39.66 -3.46
C GLU F 159 1.30 -39.49 -2.08
N TYR F 160 0.30 -40.31 -1.79
CA TYR F 160 -0.40 -40.09 -0.50
C TYR F 160 0.41 -40.73 0.61
N MET F 161 1.04 -41.88 0.34
CA MET F 161 1.66 -42.58 1.46
C MET F 161 2.73 -41.75 2.15
N ASP F 162 3.53 -41.04 1.37
CA ASP F 162 4.57 -40.18 1.90
C ASP F 162 4.98 -39.20 0.78
N ARG F 163 5.94 -38.27 1.05
CA ARG F 163 6.49 -37.24 0.15
C ARG F 163 5.53 -36.06 0.09
C1 NAG G . 28.80 5.92 -7.75
C2 NAG G . 30.16 5.30 -7.21
C3 NAG G . 30.97 4.79 -8.45
C4 NAG G . 30.15 3.70 -9.24
C5 NAG G . 28.76 4.31 -9.64
C6 NAG G . 27.77 3.27 -10.14
C7 NAG G . 31.44 6.11 -5.26
C8 NAG G . 32.12 7.22 -4.52
N2 NAG G . 30.90 6.34 -6.47
O3 NAG G . 32.20 4.22 -7.98
O4 NAG G . 30.82 3.46 -10.51
O5 NAG G . 28.08 4.87 -8.46
O6 NAG G . 27.57 2.20 -9.21
O7 NAG G . 31.41 4.98 -4.74
C1 NAG G . 31.61 2.20 -10.65
C2 NAG G . 31.85 1.94 -12.19
C3 NAG G . 32.70 0.63 -12.34
C4 NAG G . 34.04 0.76 -11.55
C5 NAG G . 33.72 1.05 -10.05
C6 NAG G . 34.98 1.26 -9.18
C7 NAG G . 29.90 2.77 -13.49
C8 NAG G . 28.56 2.52 -14.12
N2 NAG G . 30.55 1.77 -12.87
O3 NAG G . 32.98 0.40 -13.73
O4 NAG G . 34.71 -0.54 -11.59
O5 NAG G . 32.88 2.27 -9.94
O6 NAG G . 34.73 0.97 -7.80
O7 NAG G . 30.38 3.92 -13.56
C1 BMA G . 35.99 -0.63 -12.38
C2 BMA G . 36.82 -1.82 -11.79
C3 BMA G . 38.16 -1.92 -12.56
C4 BMA G . 37.85 -2.15 -14.08
C5 BMA G . 36.99 -0.95 -14.58
C6 BMA G . 36.57 -1.11 -16.03
O2 BMA G . 36.05 -3.01 -11.89
O3 BMA G . 39.00 -2.90 -11.89
O4 BMA G . 39.06 -2.20 -14.82
O5 BMA G . 35.74 -0.84 -13.79
O6 BMA G . 35.85 0.04 -16.47
C1 MAN G . 39.34 -4.29 -12.45
C2 MAN G . 38.16 -5.33 -12.29
C3 MAN G . 37.95 -5.63 -10.78
C4 MAN G . 39.28 -6.18 -10.16
C5 MAN G . 40.42 -5.11 -10.37
C6 MAN G . 41.77 -5.59 -9.86
O2 MAN G . 38.47 -6.52 -13.03
O3 MAN G . 36.90 -6.60 -10.62
O4 MAN G . 39.06 -6.41 -8.76
O5 MAN G . 40.56 -4.82 -11.82
O6 MAN G . 41.75 -5.93 -8.47
C1 MAN G . 35.80 0.18 -17.95
C2 MAN G . 34.98 1.47 -18.31
C3 MAN G . 33.49 1.21 -17.94
C4 MAN G . 32.94 -0.06 -18.69
C5 MAN G . 33.84 -1.30 -18.28
C6 MAN G . 33.45 -2.58 -19.01
O2 MAN G . 35.13 1.81 -19.68
O3 MAN G . 32.71 2.35 -18.32
O4 MAN G . 31.58 -0.26 -18.31
O5 MAN G . 35.26 -1.01 -18.62
O6 MAN G . 34.27 -3.68 -18.60
C1 NAG H . 30.51 19.68 11.49
C2 NAG H . 30.61 20.77 12.63
C3 NAG H . 30.50 22.18 11.95
C4 NAG H . 31.66 22.37 10.92
C5 NAG H . 31.57 21.22 9.85
C6 NAG H . 32.72 21.25 8.84
C7 NAG H . 29.76 20.00 14.81
C8 NAG H . 28.59 19.69 15.71
N2 NAG H . 29.54 20.56 13.63
O3 NAG H . 30.53 23.22 12.94
O4 NAG H . 31.42 23.65 10.28
O5 NAG H . 31.63 19.89 10.54
O6 NAG H . 33.96 20.88 9.42
O7 NAG H . 30.90 19.71 15.20
C1 NAG H . 32.58 24.62 10.31
C2 NAG H . 32.10 25.98 9.66
C3 NAG H . 33.34 26.95 9.64
C4 NAG H . 33.89 27.16 11.08
C5 NAG H . 34.29 25.76 11.67
C6 NAG H . 34.78 25.85 13.12
C7 NAG H . 30.38 25.63 7.90
C8 NAG H . 30.04 25.38 6.45
N2 NAG H . 31.67 25.73 8.26
O3 NAG H . 32.93 28.22 9.10
O4 NAG H . 35.02 28.02 11.03
O5 NAG H . 33.12 24.85 11.66
O6 NAG H . 35.98 26.62 13.23
O7 NAG H . 29.46 25.72 8.72
C1 NAG I . 19.89 28.56 21.04
C2 NAG I . 20.55 27.44 21.97
C3 NAG I . 19.53 27.08 23.09
C4 NAG I . 19.12 28.32 23.95
C5 NAG I . 18.56 29.42 22.97
C6 NAG I . 18.26 30.74 23.69
C7 NAG I . 21.86 25.57 20.98
C8 NAG I . 21.85 24.23 20.31
N2 NAG I . 20.71 26.20 21.19
O3 NAG I . 20.20 26.12 23.91
O4 NAG I . 17.96 27.93 24.77
O5 NAG I . 19.55 29.73 21.90
O6 NAG I . 17.72 31.70 22.80
O7 NAG I . 22.94 26.08 21.31
C1 NAG I . 18.20 27.27 26.11
C2 NAG I . 17.77 25.74 26.04
C3 NAG I . 17.92 25.15 27.51
C4 NAG I . 19.40 25.33 28.00
C5 NAG I . 19.78 26.86 27.97
C6 NAG I . 21.25 27.13 28.35
C7 NAG I . 15.83 24.49 25.03
C8 NAG I . 14.47 24.46 24.40
N2 NAG I . 16.37 25.65 25.50
O3 NAG I . 17.58 23.75 27.54
O4 NAG I . 19.73 24.70 29.30
O5 NAG I . 19.59 27.42 26.60
O6 NAG I . 22.16 26.61 27.39
O7 NAG I . 16.46 23.42 25.12
C1 NAG J . 8.39 36.63 -3.26
C2 NAG J . 9.68 37.55 -3.01
C3 NAG J . 9.21 38.91 -2.40
C4 NAG J . 8.22 39.60 -3.40
C5 NAG J . 6.98 38.66 -3.62
C6 NAG J . 5.97 39.21 -4.63
C7 NAG J . 11.82 36.48 -2.32
C8 NAG J . 12.58 35.66 -1.33
N2 NAG J . 10.57 36.89 -2.03
O3 NAG J . 10.35 39.74 -2.15
O4 NAG J . 7.77 40.86 -2.83
O5 NAG J . 7.46 37.35 -4.14
O6 NAG J . 4.90 38.31 -4.84
O7 NAG J . 12.36 36.78 -3.40
C1 NAG J . 8.25 42.14 -3.49
C2 NAG J . 9.21 42.87 -2.48
C3 NAG J . 9.64 44.23 -3.10
C4 NAG J . 10.38 43.99 -4.50
C5 NAG J . 9.37 43.21 -5.43
C6 NAG J . 9.98 42.79 -6.77
C7 NAG J . 8.65 42.43 -0.07
C8 NAG J . 7.84 42.79 1.14
N2 NAG J . 8.46 43.13 -1.22
O3 NAG J . 10.54 44.82 -2.16
O4 NAG J . 10.80 45.17 -5.28
O5 NAG J . 8.94 41.95 -4.78
O6 NAG J . 10.35 43.91 -7.56
O7 NAG J . 9.45 41.49 0.00
C1 BMA J . 10.91 46.52 -4.60
C2 BMA J . 11.58 47.53 -5.59
C3 BMA J . 11.72 48.89 -4.86
C4 BMA J . 10.32 49.39 -4.39
C5 BMA J . 9.71 48.31 -3.45
C6 BMA J . 8.31 48.68 -2.96
O2 BMA J . 10.78 47.62 -6.77
O3 BMA J . 12.46 49.89 -5.62
O4 BMA J . 10.47 50.64 -3.71
O5 BMA J . 9.62 47.02 -4.16
O6 BMA J . 8.32 49.02 -1.57
C1 MAN J . 11.91 50.44 -6.94
C2 MAN J . 12.81 49.94 -8.13
C3 MAN J . 14.21 50.60 -7.99
C4 MAN J . 14.09 52.16 -7.97
C5 MAN J . 13.16 52.58 -6.77
C6 MAN J . 12.88 54.09 -6.73
O2 MAN J . 12.21 50.25 -9.39
O3 MAN J . 15.03 50.19 -9.10
O4 MAN J . 15.38 52.73 -7.81
O5 MAN J . 11.83 51.91 -6.92
O6 MAN J . 14.08 54.84 -6.59
C1 MAN J . 6.99 49.44 -1.06
C2 MAN J . 7.11 49.82 0.46
C3 MAN J . 7.41 48.52 1.27
C4 MAN J . 6.28 47.46 1.03
C5 MAN J . 6.21 47.14 -0.51
C6 MAN J . 5.07 46.18 -0.87
O2 MAN J . 5.93 50.47 0.92
O3 MAN J . 7.47 48.84 2.67
O4 MAN J . 6.60 46.28 1.77
O5 MAN J . 5.96 48.41 -1.26
O6 MAN J . 5.21 44.92 -0.20
C1 NAG K . 11.87 33.12 12.81
C2 NAG K . 11.06 34.24 12.05
C3 NAG K . 11.26 35.58 12.80
C4 NAG K . 10.77 35.45 14.26
C5 NAG K . 11.60 34.31 14.94
C6 NAG K . 11.20 34.02 16.37
C7 NAG K . 11.01 33.77 9.65
C8 NAG K . 11.54 33.96 8.25
N2 NAG K . 11.57 34.39 10.67
O3 NAG K . 10.52 36.60 12.14
O4 NAG K . 11.00 36.73 14.89
O5 NAG K . 11.41 33.05 14.19
O6 NAG K . 12.33 33.57 17.13
O7 NAG K . 10.03 33.01 9.81
C1 NAG K . 9.96 37.28 15.87
C2 NAG K . 9.78 38.83 15.64
C3 NAG K . 8.81 39.36 16.76
C4 NAG K . 7.44 38.60 16.70
C5 NAG K . 7.71 37.06 16.89
C6 NAG K . 6.44 36.21 16.77
C7 NAG K . 11.37 40.70 15.18
C8 NAG K . 12.74 41.30 15.31
N2 NAG K . 11.10 39.51 15.73
O3 NAG K . 8.54 40.77 16.59
O4 NAG K . 6.60 39.10 17.75
O5 NAG K . 8.66 36.60 15.84
O6 NAG K . 6.66 34.86 17.17
O7 NAG K . 10.50 41.31 14.54
C1 FUC K . 12.22 33.38 18.64
C2 FUC K . 12.76 34.64 19.43
C3 FUC K . 11.69 35.76 19.46
C4 FUC K . 10.35 35.23 20.09
C5 FUC K . 9.85 33.98 19.26
C6 FUC K . 8.67 33.26 19.92
O2 FUC K . 13.94 35.12 18.79
O3 FUC K . 12.17 36.82 20.30
O4 FUC K . 10.56 34.98 21.49
O5 FUC K . 10.92 32.96 19.20
C1 NAG L . 24.08 25.72 -5.40
C2 NAG L . 25.67 25.69 -5.40
C3 NAG L . 26.18 27.05 -5.98
C4 NAG L . 25.66 27.25 -7.44
C5 NAG L . 24.09 27.21 -7.40
C6 NAG L . 23.43 27.28 -8.79
C7 NAG L . 27.28 24.77 -3.75
C8 NAG L . 27.84 24.72 -2.36
N2 NAG L . 26.19 25.51 -4.03
O3 NAG L . 27.62 27.08 -5.97
O4 NAG L . 26.13 28.54 -7.90
O5 NAG L . 23.63 25.93 -6.79
O6 NAG L . 24.05 26.46 -9.77
O7 NAG L . 27.86 24.13 -4.65
C1 NAG L . 26.71 28.61 -9.31
C2 NAG L . 26.52 30.07 -9.86
C3 NAG L . 27.09 30.11 -11.33
C4 NAG L . 28.60 29.69 -11.33
C5 NAG L . 28.73 28.24 -10.72
C6 NAG L . 30.16 27.77 -10.61
C7 NAG L . 24.48 31.31 -9.13
C8 NAG L . 22.99 31.47 -9.15
N2 NAG L . 25.07 30.37 -9.89
O3 NAG L . 26.97 31.44 -11.86
O4 NAG L . 29.08 29.72 -12.67
O5 NAG L . 28.13 28.23 -9.35
O6 NAG L . 30.80 27.67 -11.89
O7 NAG L . 25.14 32.07 -8.40
C1 NAG M . 23.92 1.47 11.26
C2 NAG M . 24.60 2.54 10.31
C3 NAG M . 26.14 2.37 10.41
C4 NAG M . 26.65 2.55 11.88
C5 NAG M . 25.88 1.51 12.76
C6 NAG M . 26.22 1.56 14.24
C7 NAG M . 23.54 3.12 8.13
C8 NAG M . 23.33 2.79 6.68
N2 NAG M . 24.23 2.28 8.91
O3 NAG M . 26.77 3.33 9.54
O4 NAG M . 28.07 2.18 11.93
O5 NAG M . 24.42 1.67 12.63
O6 NAG M . 26.25 2.88 14.77
O7 NAG M . 23.05 4.17 8.57
C1 NAG M . 29.09 3.30 11.98
C2 NAG M . 30.41 2.74 12.62
C3 NAG M . 31.43 3.93 12.71
C4 NAG M . 31.71 4.51 11.26
C5 NAG M . 30.35 4.98 10.65
C6 NAG M . 30.49 5.47 9.21
C7 NAG M . 30.07 0.90 14.26
C8 NAG M . 29.74 0.44 15.66
N2 NAG M . 30.12 2.21 13.98
O3 NAG M . 32.67 3.49 13.29
O4 NAG M . 32.55 5.70 11.38
O5 NAG M . 29.36 3.85 10.66
O6 NAG M . 30.91 4.44 8.32
O7 NAG M . 30.29 0.03 13.40
C1 BMA M . 34.05 5.53 11.31
C2 BMA M . 34.65 6.60 10.32
C3 BMA M . 36.19 6.36 10.23
C4 BMA M . 36.79 6.50 11.66
C5 BMA M . 36.13 5.44 12.60
C6 BMA M . 36.62 5.55 14.04
O2 BMA M . 34.37 7.91 10.80
O3 BMA M . 36.80 7.31 9.34
O4 BMA M . 38.20 6.27 11.58
O5 BMA M . 34.67 5.65 12.61
O6 BMA M . 37.74 4.70 14.27
C1 MAN M . 37.10 6.81 7.93
C2 MAN M . 38.22 7.69 7.23
C3 MAN M . 37.64 9.11 6.92
C4 MAN M . 36.36 8.98 6.04
C5 MAN M . 35.30 8.10 6.80
C6 MAN M . 34.03 7.86 5.99
O2 MAN M . 38.69 7.06 6.04
O3 MAN M . 38.63 9.87 6.23
O4 MAN M . 35.86 10.29 5.80
O5 MAN M . 35.89 6.76 7.09
O6 MAN M . 33.41 9.08 5.62
C1 MAN M . 37.71 4.09 15.63
C2 MAN M . 39.03 3.26 15.86
C3 MAN M . 38.99 2.01 14.92
C4 MAN M . 37.70 1.16 15.20
C5 MAN M . 36.43 2.07 14.97
C6 MAN M . 35.12 1.36 15.29
O2 MAN M . 39.17 2.88 17.23
O3 MAN M . 40.15 1.21 15.17
O4 MAN M . 37.68 0.04 14.32
O5 MAN M . 36.52 3.26 15.86
O6 MAN M . 34.95 0.18 14.49
C1 NAG N . 30.52 -19.59 3.18
C2 NAG N . 31.12 -18.26 2.55
C3 NAG N . 32.01 -18.66 1.32
C4 NAG N . 33.14 -19.65 1.78
C5 NAG N . 32.47 -20.92 2.42
C6 NAG N . 33.48 -21.92 2.98
C7 NAG N . 29.38 -16.96 1.15
C8 NAG N . 28.08 -16.21 1.23
N2 NAG N . 29.94 -17.35 2.32
O3 NAG N . 32.65 -17.48 0.77
O4 NAG N . 33.95 -20.07 0.66
O5 NAG N . 31.62 -20.50 3.54
O6 NAG N . 34.34 -21.34 3.95
O7 NAG N . 29.89 -17.19 0.04
C1 NAG N . 35.40 -19.68 0.72
C2 NAG N . 36.20 -20.56 -0.31
C3 NAG N . 37.71 -20.14 -0.22
C4 NAG N . 37.85 -18.61 -0.54
C5 NAG N . 37.00 -17.80 0.50
C6 NAG N . 36.98 -16.29 0.25
C7 NAG N . 35.67 -22.97 -0.74
C8 NAG N . 35.51 -24.37 -0.22
N2 NAG N . 36.06 -21.99 0.10
O3 NAG N . 38.45 -20.91 -1.19
O4 NAG N . 39.26 -18.23 -0.39
O5 NAG N . 35.58 -18.26 0.44
O6 NAG N . 36.32 -15.95 -0.97
O7 NAG N . 35.45 -22.74 -1.95
C1 BMA N . 40.10 -18.15 -1.65
C2 BMA N . 39.97 -16.70 -2.28
C3 BMA N . 40.83 -16.66 -3.58
C4 BMA N . 42.33 -17.01 -3.24
C5 BMA N . 42.38 -18.44 -2.58
C6 BMA N . 43.77 -18.83 -2.10
O2 BMA N . 40.39 -15.71 -1.35
O3 BMA N . 40.79 -15.34 -4.15
O4 BMA N . 43.09 -17.00 -4.45
O5 BMA N . 41.50 -18.45 -1.38
O6 BMA N . 43.74 -20.03 -1.34
C1 NAG O . -8.36 0.85 29.23
C2 NAG O . -9.14 -0.21 30.09
C3 NAG O . -8.28 -0.50 31.37
C4 NAG O . -6.87 -1.06 30.98
C5 NAG O . -6.19 -0.04 30.01
C6 NAG O . -4.94 -0.60 29.33
C7 NAG O . -11.60 -0.38 30.32
C8 NAG O . -12.94 0.24 30.61
N2 NAG O . -10.47 0.33 30.44
O3 NAG O . -8.98 -1.47 32.18
O4 NAG O . -6.03 -1.05 32.16
O5 NAG O . -7.06 0.28 28.88
O6 NAG O . -5.20 -1.83 28.63
O7 NAG O . -11.58 -1.58 29.96
C1 NAG O . -5.76 -2.37 32.85
C2 NAG O . -4.51 -2.18 33.80
C3 NAG O . -4.25 -3.55 34.51
C4 NAG O . -5.52 -4.01 35.30
C5 NAG O . -6.72 -4.12 34.30
C6 NAG O . -8.05 -4.50 34.99
C7 NAG O . -2.94 -0.55 32.78
C8 NAG O . -1.75 -0.26 31.91
N2 NAG O . -3.33 -1.82 32.98
O3 NAG O . -3.16 -3.41 35.43
O4 NAG O . -5.28 -5.34 35.82
O5 NAG O . -6.92 -2.82 33.61
O6 NAG O . -8.96 -5.13 34.08
O7 NAG O . -3.53 0.41 33.31
C1 BMA O . -5.15 -5.50 37.31
C2 BMA O . -5.53 -6.97 37.66
C3 BMA O . -5.43 -7.16 39.21
C4 BMA O . -3.98 -6.83 39.66
C5 BMA O . -3.66 -5.35 39.24
C6 BMA O . -2.23 -4.96 39.59
O2 BMA O . -4.66 -7.85 36.97
O3 BMA O . -5.97 -8.47 39.54
O4 BMA O . -3.88 -6.94 41.07
O5 BMA O . -3.81 -5.19 37.77
O6 BMA O . -2.01 -3.59 39.24
C1 MAN O . -5.12 -9.66 40.03
C2 MAN O . -4.34 -10.38 38.85
C3 MAN O . -5.37 -11.07 37.90
C4 MAN O . -6.23 -12.08 38.72
C5 MAN O . -6.97 -11.31 39.88
C6 MAN O . -7.78 -12.24 40.79
O2 MAN O . -3.41 -11.32 39.39
O3 MAN O . -4.68 -11.75 36.85
O4 MAN O . -7.19 -12.67 37.84
O5 MAN O . -5.96 -10.64 40.74
O6 MAN O . -8.77 -12.97 40.06
C1 MAN O . -0.83 -2.99 39.93
C2 MAN O . -0.68 -1.50 39.48
C3 MAN O . -0.24 -1.49 37.98
C4 MAN O . 1.09 -2.30 37.79
C5 MAN O . 0.85 -3.78 38.28
C6 MAN O . 2.10 -4.64 38.22
O2 MAN O . 0.24 -0.80 40.30
O3 MAN O . -0.04 -0.13 37.56
O4 MAN O . 1.46 -2.26 36.41
O5 MAN O . 0.40 -3.75 39.71
O6 MAN O . 1.84 -5.97 38.65
C1 NAG P . -30.10 7.18 22.19
C2 NAG P . -31.50 7.81 21.79
C3 NAG P . -31.44 9.34 22.11
C4 NAG P . -31.17 9.55 23.64
C5 NAG P . -29.82 8.84 24.01
C6 NAG P . -29.50 8.91 25.51
C7 NAG P . -32.62 6.64 19.93
C8 NAG P . -32.73 6.36 18.45
N2 NAG P . -31.77 7.57 20.35
O3 NAG P . -32.66 9.99 21.73
O4 NAG P . -31.04 10.99 23.84
O5 NAG P . -29.90 7.40 23.63
O6 NAG P . -30.37 8.09 26.28
O7 NAG P . -33.32 5.97 20.71
C1 NAG P . -31.94 11.59 24.89
C2 NAG P . -31.73 13.15 24.89
C3 NAG P . -32.62 13.75 26.03
C4 NAG P . -34.12 13.37 25.81
C5 NAG P . -34.23 11.80 25.78
C6 NAG P . -35.65 11.32 25.51
C7 NAG P . -29.41 13.80 24.23
C8 NAG P . -27.99 14.09 24.62
N2 NAG P . -30.30 13.46 25.18
O3 NAG P . -32.50 15.19 26.02
O4 NAG P . -34.89 13.91 26.88
O5 NAG P . -33.36 11.26 24.71
O6 NAG P . -36.56 11.71 26.54
O7 NAG P . -29.72 13.85 23.02
C1 NAG Q . -36.75 14.99 8.85
C2 NAG Q . -37.36 13.52 8.91
C3 NAG Q . -37.70 13.09 7.43
C4 NAG Q . -38.70 14.06 6.74
C5 NAG Q . -38.09 15.51 6.81
C6 NAG Q . -39.05 16.58 6.29
C7 NAG Q . -36.39 11.78 10.40
C8 NAG Q . -35.33 10.75 10.64
N2 NAG Q . -36.32 12.57 9.34
O3 NAG Q . -38.29 11.79 7.56
O4 NAG Q . -38.72 13.73 5.32
O5 NAG Q . -37.76 15.89 8.23
O6 NAG Q . -38.47 17.87 6.32
O7 NAG Q . -37.33 11.89 11.23
C1 NAG Q . -39.67 12.66 4.82
C2 NAG Q . -38.83 11.38 4.38
C3 NAG Q . -39.87 10.34 3.75
C4 NAG Q . -40.97 9.99 4.82
C5 NAG Q . -41.70 11.32 5.26
C6 NAG Q . -42.75 11.10 6.37
C7 NAG Q . -36.69 11.00 3.11
C8 NAG Q . -35.58 11.50 2.23
N2 NAG Q . -37.75 11.79 3.43
O3 NAG Q . -39.20 9.13 3.35
O4 NAG Q . -41.93 8.94 4.42
O5 NAG Q . -40.71 12.30 5.79
O6 NAG Q . -42.15 10.70 7.61
O7 NAG Q . -36.61 9.84 3.54
C1 NAG R . -15.09 32.67 11.29
C2 NAG R . -16.21 33.13 12.35
C3 NAG R . -17.02 34.31 11.72
C4 NAG R . -16.05 35.49 11.40
C5 NAG R . -14.98 35.00 10.37
C6 NAG R . -13.94 36.06 10.03
C7 NAG R . -17.27 31.42 13.79
C8 NAG R . -18.10 30.18 13.92
N2 NAG R . -17.13 32.01 12.60
O3 NAG R . -18.03 34.72 12.65
O4 NAG R . -16.80 36.59 10.82
O5 NAG R . -14.25 33.84 10.95
O6 NAG R . -12.95 35.56 9.14
O7 NAG R . -16.74 31.89 14.81
C1 NAG R . -16.97 37.85 11.65
C2 NAG R . -18.49 37.97 12.01
C3 NAG R . -18.69 39.31 12.80
C4 NAG R . -17.78 39.35 14.10
C5 NAG R . -16.29 39.16 13.63
C6 NAG R . -15.29 39.03 14.78
C7 NAG R . -20.04 36.97 10.33
C8 NAG R . -20.84 37.12 9.06
N2 NAG R . -19.30 38.01 10.77
O3 NAG R . -20.08 39.35 13.15
O4 NAG R . -17.78 40.57 14.92
O5 NAG R . -16.14 37.90 12.86
O6 NAG R . -15.23 40.22 15.58
O7 NAG R . -20.08 35.89 10.93
C1 BMA R . -18.90 41.57 14.78
C2 BMA R . -18.76 42.65 15.91
C3 BMA R . -19.96 43.64 15.77
C4 BMA R . -19.92 44.30 14.36
C5 BMA R . -20.02 43.16 13.29
C6 BMA R . -19.96 43.69 11.86
O2 BMA R . -17.50 43.28 15.79
O3 BMA R . -20.03 44.61 16.85
O4 BMA R . -21.02 45.20 14.23
O5 BMA R . -18.90 42.21 13.47
O6 BMA R . -21.22 43.57 11.21
C1 MAN R . -18.94 45.66 17.05
C2 MAN R . -18.15 45.35 18.39
C3 MAN R . -19.14 45.57 19.57
C4 MAN R . -19.69 47.04 19.56
C5 MAN R . -20.44 47.28 18.19
C6 MAN R . -20.93 48.72 18.03
O2 MAN R . -16.99 46.17 18.50
O3 MAN R . -18.43 45.34 20.81
O4 MAN R . -20.60 47.20 20.66
O5 MAN R . -19.48 47.03 17.07
O6 MAN R . -21.86 49.07 19.06
C1 MAN R . -21.22 44.12 9.82
C2 MAN R . -22.66 43.98 9.21
C3 MAN R . -22.96 42.46 8.99
C4 MAN R . -21.86 41.83 8.05
C5 MAN R . -20.46 42.03 8.73
C6 MAN R . -19.30 41.53 7.86
O2 MAN R . -22.78 44.72 8.00
O3 MAN R . -24.25 42.31 8.38
O4 MAN R . -22.15 40.44 7.89
O5 MAN R . -20.22 43.49 8.96
O6 MAN R . -19.41 40.14 7.57
C1 NAG S . -28.34 23.66 6.21
C2 NAG S . -27.81 25.12 5.95
C3 NAG S . -29.02 26.08 5.85
C4 NAG S . -29.95 25.63 4.70
C5 NAG S . -30.43 24.16 5.02
C6 NAG S . -31.31 23.56 3.94
C7 NAG S . -25.63 25.44 7.05
C8 NAG S . -24.82 25.91 8.21
N2 NAG S . -26.96 25.56 7.08
O3 NAG S . -28.56 27.40 5.60
O4 NAG S . -31.06 26.55 4.68
O5 NAG S . -29.25 23.28 5.14
O6 NAG S . -32.24 22.64 4.52
O7 NAG S . -25.07 24.93 6.08
C1 NAG S . -31.63 27.01 3.33
C2 NAG S . -31.95 28.56 3.39
C3 NAG S . -32.66 28.93 2.02
C4 NAG S . -31.73 28.58 0.82
C5 NAG S . -31.40 27.05 0.86
C6 NAG S . -30.43 26.60 -0.24
C7 NAG S . -32.99 30.03 5.11
C8 NAG S . -33.92 30.21 6.27
N2 NAG S . -32.87 28.82 4.53
O3 NAG S . -32.95 30.35 1.98
O4 NAG S . -32.41 28.93 -0.39
O5 NAG S . -30.77 26.71 2.17
O6 NAG S . -30.32 25.19 -0.34
O7 NAG S . -32.34 31.00 4.71
C1 FUC S . -33.36 22.03 3.69
C2 FUC S . -34.72 22.81 3.85
C3 FUC S . -34.71 24.09 2.97
C4 FUC S . -34.45 23.73 1.47
C5 FUC S . -33.07 22.96 1.35
C6 FUC S . -32.83 22.38 -0.04
O2 FUC S . -34.88 23.16 5.22
O3 FUC S . -36.02 24.69 3.05
O4 FUC S . -35.58 23.03 0.95
O5 FUC S . -33.08 21.78 2.26
C1 NAG T . -15.88 19.49 25.26
C2 NAG T . -16.55 19.08 26.64
C3 NAG T . -16.83 20.39 27.46
C4 NAG T . -15.49 21.14 27.73
C5 NAG T . -14.83 21.48 26.35
C6 NAG T . -13.44 22.12 26.45
C7 NAG T . -18.24 17.34 27.18
C8 NAG T . -19.60 16.73 26.98
N2 NAG T . -17.83 18.36 26.40
O3 NAG T . -17.46 20.06 28.70
O4 NAG T . -15.82 22.36 28.46
O5 NAG T . -14.64 20.22 25.56
O6 NAG T . -12.59 21.52 27.42
O7 NAG T . -17.51 16.88 28.07
C1 NAG T . -14.95 22.71 29.65
C2 NAG T . -14.97 24.27 29.85
C3 NAG T . -14.04 24.62 31.06
C4 NAG T . -14.53 23.87 32.35
C5 NAG T . -14.51 22.32 32.07
C6 NAG T . -15.05 21.50 33.24
C7 NAG T . -15.18 25.69 27.80
C8 NAG T . -14.57 26.20 26.52
N2 NAG T . -14.44 24.91 28.61
O3 NAG T . -14.07 26.04 31.31
O4 NAG T . -13.65 24.19 33.44
O5 NAG T . -15.38 22.03 30.89
O6 NAG T . -14.24 21.65 34.41
O7 NAG T . -16.35 26.00 28.08
C1 NAG U . -20.05 -7.91 15.38
C2 NAG U . -19.99 -6.79 16.50
C3 NAG U . -20.66 -7.36 17.79
C4 NAG U . -22.15 -7.77 17.52
C5 NAG U . -22.14 -8.81 16.35
C6 NAG U . -23.51 -9.30 15.92
C7 NAG U . -17.97 -5.33 16.69
C8 NAG U . -16.57 -5.14 17.20
N2 NAG U . -18.58 -6.51 16.87
O3 NAG U . -20.58 -6.36 18.82
O4 NAG U . -22.66 -8.47 18.71
O5 NAG U . -21.46 -8.26 15.15
O6 NAG U . -24.46 -8.26 15.77
O7 NAG U . -18.53 -4.39 16.11
C1 NAG U . -23.56 -7.70 19.64
C2 NAG U . -24.45 -8.73 20.44
C3 NAG U . -25.42 -7.91 21.37
C4 NAG U . -24.58 -7.00 22.35
C5 NAG U . -23.68 -6.05 21.49
C6 NAG U . -22.76 -5.19 22.35
C7 NAG U . -24.93 -10.85 19.22
C8 NAG U . -25.75 -11.62 18.22
N2 NAG U . -25.22 -9.57 19.49
O3 NAG U . -26.26 -8.79 22.12
O4 NAG U . -25.50 -6.14 23.11
O5 NAG U . -22.82 -6.85 20.56
O6 NAG U . -21.81 -5.96 23.10
O7 NAG U . -23.99 -11.44 19.78
C1 BMA U . -26.02 -6.64 24.43
C2 BMA U . -25.88 -5.50 25.50
C3 BMA U . -26.38 -6.07 26.86
C4 BMA U . -27.86 -6.52 26.71
C5 BMA U . -27.93 -7.62 25.60
C6 BMA U . -29.35 -8.08 25.33
O2 BMA U . -26.66 -4.37 25.12
O3 BMA U . -26.29 -5.07 27.91
O4 BMA U . -28.31 -7.05 27.95
O5 BMA U . -27.40 -7.09 24.33
O6 BMA U . -29.70 -9.21 26.12
C1 MAN U . -25.06 -5.16 28.82
C2 MAN U . -25.32 -4.41 30.19
C3 MAN U . -25.37 -2.87 29.93
C4 MAN U . -24.05 -2.40 29.24
C5 MAN U . -23.87 -3.20 27.90
C6 MAN U . -22.57 -2.86 27.17
O2 MAN U . -24.31 -4.74 31.15
O3 MAN U . -25.52 -2.19 31.17
O4 MAN U . -24.14 -1.00 29.01
O5 MAN U . -23.85 -4.66 28.18
O6 MAN U . -22.47 -1.47 26.88
C1 MAN U . -30.57 -10.18 25.40
C2 MAN U . -31.00 -11.34 26.38
C3 MAN U . -29.74 -12.19 26.72
C4 MAN U . -29.08 -12.74 25.41
C5 MAN U . -28.70 -11.53 24.49
C6 MAN U . -28.12 -11.96 23.15
O2 MAN U . -32.04 -12.14 25.80
O3 MAN U . -30.13 -13.28 27.56
O4 MAN U . -27.92 -13.50 25.76
O5 MAN U . -29.92 -10.73 24.20
O6 MAN U . -26.94 -12.76 23.29
C1 NAG V . -8.18 -26.40 23.69
C2 NAG V . -8.43 -25.13 24.61
C3 NAG V . -7.64 -25.33 25.97
C4 NAG V . -8.13 -26.66 26.65
C5 NAG V . -7.88 -27.86 25.69
C6 NAG V . -8.38 -29.20 26.21
C7 NAG V . -7.04 -23.08 23.87
C8 NAG V . -6.84 -22.10 22.75
N2 NAG V . -8.08 -23.93 23.76
O3 NAG V . -7.94 -24.24 26.87
O4 NAG V . -7.40 -26.90 27.87
O5 NAG V . -8.59 -27.61 24.42
O6 NAG V . -9.77 -29.18 26.53
O7 NAG V . -6.26 -23.07 24.84
C1 NAG V . -8.22 -26.90 29.14
C2 NAG V . -7.40 -27.60 30.28
C3 NAG V . -8.27 -27.60 31.58
C4 NAG V . -8.67 -26.14 31.97
C5 NAG V . -9.46 -25.50 30.76
C6 NAG V . -9.82 -24.03 30.97
C7 NAG V . -5.89 -29.55 29.88
C8 NAG V . -5.70 -30.96 29.40
N2 NAG V . -7.11 -29.00 29.86
O3 NAG V . -7.52 -28.20 32.64
O4 NAG V . -9.55 -26.17 33.14
O5 NAG V . -8.62 -25.56 29.52
O6 NAG V . -8.69 -23.18 31.02
O7 NAG V . -4.90 -28.92 30.29
C1 BMA V . -8.91 -25.91 34.49
C2 BMA V . -8.89 -24.35 34.77
C3 BMA V . -8.23 -24.13 36.18
C4 BMA V . -9.02 -24.92 37.28
C5 BMA V . -9.03 -26.45 36.90
C6 BMA V . -9.87 -27.30 37.86
O2 BMA V . -10.22 -23.82 34.76
O3 BMA V . -8.25 -22.73 36.49
O4 BMA V . -8.36 -24.72 38.53
O5 BMA V . -9.62 -26.62 35.55
O6 BMA V . -10.01 -28.62 37.37
C1 NAG W . -20.58 -6.18 -21.53
C2 NAG W . -20.53 -7.23 -22.70
C3 NAG W . -21.83 -8.10 -22.60
C4 NAG W . -21.91 -8.84 -21.21
C5 NAG W . -21.81 -7.76 -20.08
C6 NAG W . -21.57 -8.37 -18.70
C7 NAG W . -19.59 -6.85 -24.95
C8 NAG W . -19.50 -6.05 -26.22
N2 NAG W . -20.45 -6.51 -23.99
O3 NAG W . -21.82 -9.07 -23.66
O4 NAG W . -23.24 -9.40 -21.06
O5 NAG W . -20.63 -6.91 -20.27
O6 NAG W . -20.41 -9.22 -18.66
O7 NAG W . -18.85 -7.85 -24.85
C1 NAG W . -23.40 -10.88 -21.25
C2 NAG W . -24.79 -11.30 -20.62
C3 NAG W . -24.95 -12.85 -20.82
C4 NAG W . -24.89 -13.20 -22.35
C5 NAG W . -23.50 -12.71 -22.92
C6 NAG W . -23.35 -12.94 -24.43
C7 NAG W . -25.26 -9.87 -18.64
C8 NAG W . -25.18 -9.63 -17.16
N2 NAG W . -24.78 -11.00 -19.17
O3 NAG W . -26.24 -13.26 -20.31
O4 NAG W . -24.89 -14.65 -22.47
O5 NAG W . -23.35 -11.25 -22.66
O6 NAG W . -21.97 -13.02 -24.82
O7 NAG W . -25.81 -9.01 -19.36
C1 BMA W . -26.10 -15.28 -23.11
C2 BMA W . -25.66 -16.65 -23.71
C3 BMA W . -26.88 -17.32 -24.39
C4 BMA W . -28.01 -17.51 -23.32
C5 BMA W . -28.37 -16.10 -22.75
C6 BMA W . -29.42 -16.19 -21.65
O2 BMA W . -25.12 -17.46 -22.67
O3 BMA W . -26.42 -18.50 -25.11
O4 BMA W . -29.17 -18.08 -23.94
O5 BMA W . -27.17 -15.47 -22.15
O6 BMA W . -29.76 -14.88 -21.19
C1 MAN W . -26.72 -19.95 -24.68
C2 MAN W . -25.83 -20.44 -23.47
C3 MAN W . -24.34 -20.53 -23.96
C4 MAN W . -24.24 -21.51 -25.18
C5 MAN W . -25.17 -20.98 -26.33
C6 MAN W . -25.21 -21.92 -27.54
O2 MAN W . -26.31 -21.70 -23.00
O3 MAN W . -23.52 -21.01 -22.89
O4 MAN W . -22.89 -21.55 -25.61
O5 MAN W . -26.57 -20.87 -25.83
O6 MAN W . -23.90 -22.13 -28.09
C1 MAN W . -31.06 -14.83 -20.47
C2 MAN W . -31.34 -13.35 -20.03
C3 MAN W . -30.30 -12.98 -18.91
C4 MAN W . -30.41 -14.00 -17.71
C5 MAN W . -30.14 -15.45 -18.26
C6 MAN W . -30.30 -16.53 -17.20
O2 MAN W . -32.68 -13.19 -19.58
O3 MAN W . -30.58 -11.66 -18.44
O4 MAN W . -29.46 -13.63 -16.71
O5 MAN W . -31.12 -15.75 -19.34
O6 MAN W . -30.03 -17.83 -17.72
C1 NAG X . -7.93 7.08 -36.56
C2 NAG X . -7.23 8.12 -37.55
C3 NAG X . -8.12 9.42 -37.55
C4 NAG X . -9.56 9.08 -38.05
C5 NAG X . -10.16 7.99 -37.11
C6 NAG X . -11.55 7.51 -37.56
C7 NAG X . -4.78 7.89 -37.68
C8 NAG X . -3.43 8.11 -37.07
N2 NAG X . -5.85 8.41 -37.09
O3 NAG X . -7.52 10.42 -38.39
O4 NAG X . -10.32 10.30 -37.94
O5 NAG X . -9.27 6.79 -37.08
O6 NAG X . -11.49 6.72 -38.74
O7 NAG X . -4.86 7.20 -38.72
C1 NAG X . -11.03 10.75 -39.20
C2 NAG X . -11.72 12.14 -38.91
C3 NAG X . -12.50 12.56 -40.21
C4 NAG X . -11.54 12.64 -41.43
C5 NAG X . -10.85 11.23 -41.62
C6 NAG X . -9.83 11.22 -42.75
C7 NAG X . -12.43 12.37 -36.53
C8 NAG X . -13.47 12.18 -35.47
N2 NAG X . -12.69 11.99 -37.79
O3 NAG X . -13.10 13.85 -40.00
O4 NAG X . -12.28 12.99 -42.59
O5 NAG X . -10.14 10.85 -40.37
O6 NAG X . -10.43 11.48 -44.02
O7 NAG X . -11.34 12.87 -36.21
C1 NAG Y . 2.81 19.98 -35.31
C2 NAG Y . 3.61 18.76 -35.95
C3 NAG Y . 5.11 18.90 -35.56
C4 NAG Y . 5.73 20.25 -36.03
C5 NAG Y . 4.85 21.41 -35.44
C6 NAG Y . 5.28 22.79 -35.95
C7 NAG Y . 2.63 16.46 -35.97
C8 NAG Y . 2.38 15.19 -35.23
N2 NAG Y . 3.17 17.50 -35.32
O3 NAG Y . 5.77 17.80 -36.22
O4 NAG Y . 7.03 20.39 -35.38
O5 NAG Y . 3.41 21.24 -35.81
O6 NAG Y . 4.51 23.83 -35.36
O7 NAG Y . 2.33 16.54 -37.17
C1 NAG Y . 8.25 19.78 -36.03
C2 NAG Y . 8.75 18.53 -35.16
C3 NAG Y . 10.11 18.03 -35.82
C4 NAG Y . 9.85 17.65 -37.34
C5 NAG Y . 9.29 18.91 -38.10
C6 NAG Y . 8.92 18.62 -39.55
C7 NAG Y . 9.01 18.06 -32.70
C8 NAG Y . 9.05 18.52 -31.27
N2 NAG Y . 8.90 18.95 -33.73
O3 NAG Y . 10.62 16.87 -35.13
O4 NAG Y . 10.99 17.03 -38.03
O5 NAG Y . 8.05 19.41 -37.43
O6 NAG Y . 7.81 17.73 -39.67
O7 NAG Y . 9.07 16.84 -32.93
C1 NAG Z . -15.32 30.25 -16.51
C2 NAG Z . -15.89 30.62 -17.97
C3 NAG Z . -15.48 32.09 -18.29
C4 NAG Z . -16.09 33.04 -17.22
C5 NAG Z . -15.52 32.64 -15.81
C6 NAG Z . -16.10 33.48 -14.66
C7 NAG Z . -15.95 28.85 -19.72
C8 NAG Z . -15.21 27.88 -20.59
N2 NAG Z . -15.26 29.73 -18.97
O3 NAG Z . -15.97 32.43 -19.60
O4 NAG Z . -15.71 34.42 -17.52
O5 NAG Z . -15.87 31.22 -15.54
O6 NAG Z . -15.61 33.05 -13.41
O7 NAG Z . -17.19 28.85 -19.72
C1 NAG Z . -16.80 35.36 -17.98
C2 NAG Z . -16.50 35.73 -19.47
C3 NAG Z . -17.57 36.77 -19.95
C4 NAG Z . -19.03 36.18 -19.79
C5 NAG Z . -19.22 35.79 -18.27
C6 NAG Z . -20.55 35.08 -17.98
C7 NAG Z . -14.07 35.71 -20.06
C8 NAG Z . -12.75 36.42 -20.13
N2 NAG Z . -15.15 36.34 -19.56
O3 NAG Z . -17.28 37.04 -21.32
O4 NAG Z . -20.18 37.05 -20.11
O5 NAG Z . -18.17 34.83 -17.85
O6 NAG Z . -21.67 35.92 -18.25
O7 NAG Z . -14.12 34.53 -20.46
C1 BMA Z . -19.97 38.29 -20.95
C2 BMA Z . -21.36 38.90 -21.32
C3 BMA Z . -21.11 40.15 -22.22
C4 BMA Z . -20.23 41.18 -21.45
C5 BMA Z . -18.89 40.48 -21.09
C6 BMA Z . -17.95 41.40 -20.29
O2 BMA Z . -22.06 39.22 -20.13
O3 BMA Z . -22.34 40.73 -22.75
O4 BMA Z . -20.01 42.31 -22.29
O5 BMA Z . -19.15 39.28 -20.27
O6 BMA Z . -16.83 41.79 -21.09
C1 MAN Z . -23.38 41.37 -21.82
C2 MAN Z . -24.69 40.47 -21.82
C3 MAN Z . -25.32 40.55 -23.25
C4 MAN Z . -25.63 42.04 -23.63
C5 MAN Z . -24.30 42.87 -23.58
C6 MAN Z . -24.51 44.36 -23.84
O2 MAN Z . -25.60 40.91 -20.81
O3 MAN Z . -26.54 39.79 -23.24
O4 MAN Z . -26.20 42.07 -24.93
O5 MAN Z . -23.69 42.75 -22.22
O6 MAN Z . -25.09 44.59 -25.13
C1 MAN Z . -15.91 42.72 -20.38
C2 MAN Z . -14.74 43.13 -21.35
C3 MAN Z . -13.84 41.88 -21.58
C4 MAN Z . -13.30 41.32 -20.22
C5 MAN Z . -14.53 40.95 -19.31
C6 MAN Z . -14.13 40.48 -17.91
O2 MAN Z . -13.99 44.21 -20.80
O3 MAN Z . -12.73 42.24 -22.41
O4 MAN Z . -12.52 40.16 -20.47
O5 MAN Z . -15.39 42.16 -19.12
O6 MAN Z . -13.31 39.31 -17.96
C1 NAG AA . -1.99 26.73 -26.14
C2 NAG AA . -2.58 28.03 -25.45
C3 NAG AA . -2.34 29.23 -26.39
C4 NAG AA . -0.83 29.40 -26.67
C5 NAG AA . -0.32 28.07 -27.32
C6 NAG AA . 1.17 28.05 -27.61
C7 NAG AA . -4.54 27.45 -24.08
C8 NAG AA . -6.02 27.34 -23.90
N2 NAG AA . -4.03 27.88 -25.24
O3 NAG AA . -2.85 30.41 -25.78
O4 NAG AA . -0.69 30.52 -27.56
O5 NAG AA . -0.59 26.93 -26.43
O6 NAG AA . 1.45 27.26 -28.76
O7 NAG AA . -3.79 27.14 -23.14
C1 NAG AA . 0.47 31.50 -27.37
C2 NAG AA . -0.02 32.98 -27.57
C3 NAG AA . 1.24 33.92 -27.49
C4 NAG AA . 1.96 33.74 -26.12
C5 NAG AA . 2.38 32.24 -25.95
C6 NAG AA . 3.04 31.93 -24.60
C7 NAG AA . -1.57 34.05 -29.22
C8 NAG AA . -2.18 34.09 -30.59
N2 NAG AA . -0.68 33.10 -28.91
O3 NAG AA . 0.86 35.30 -27.63
O4 NAG AA . 3.11 34.59 -26.09
O5 NAG AA . 1.17 31.37 -26.08
O6 NAG AA . 3.61 30.63 -24.56
O7 NAG AA . -1.88 34.92 -28.39
C1 FUC AA . 2.85 27.22 -29.37
C2 FUC AA . 3.00 28.22 -30.57
C3 FUC AA . 3.22 29.67 -30.06
C4 FUC AA . 4.47 29.74 -29.12
C5 FUC AA . 4.27 28.73 -27.91
C6 FUC AA . 5.53 28.56 -27.06
O2 FUC AA . 1.82 28.17 -31.37
O3 FUC AA . 3.49 30.51 -31.19
O4 FUC AA . 5.65 29.52 -29.89
O5 FUC AA . 4.00 27.37 -28.45
C1 NAG BA . -21.30 14.01 -24.90
C2 NAG BA . -21.97 13.38 -26.19
C3 NAG BA . -23.03 14.40 -26.74
C4 NAG BA . -24.12 14.68 -25.67
C5 NAG BA . -23.40 15.26 -24.39
C6 NAG BA . -24.34 15.48 -23.19
C7 NAG BA . -21.02 12.02 -28.04
C8 NAG BA . -20.04 11.84 -29.16
N2 NAG BA . -20.96 13.10 -27.23
O3 NAG BA . -23.64 13.86 -27.93
O4 NAG BA . -25.05 15.66 -26.23
O5 NAG BA . -22.35 14.30 -23.93
O6 NAG BA . -25.26 14.42 -22.97
O7 NAG BA . -21.89 11.14 -27.88
C1 NAG BA . -26.53 15.40 -26.04
C2 NAG BA . -27.28 16.79 -26.05
C3 NAG BA . -28.80 16.51 -25.81
C4 NAG BA . -29.36 15.54 -26.92
C5 NAG BA . -28.53 14.20 -26.86
C6 NAG BA . -28.95 13.21 -27.96
C7 NAG BA . -26.06 18.77 -25.13
C8 NAG BA . -25.49 19.49 -23.95
N2 NAG BA . -26.74 17.63 -24.94
O3 NAG BA . -29.55 17.74 -25.87
O4 NAG BA . -30.74 15.29 -26.67
O5 NAG BA . -27.08 14.50 -27.06
O6 NAG BA . -30.30 12.79 -27.81
O7 NAG BA . -25.91 19.25 -26.26
C1 NAG CA . -0.86 -7.15 -25.48
C2 NAG CA . -2.24 -6.48 -25.90
C3 NAG CA . -2.78 -7.23 -27.17
C4 NAG CA . -1.76 -7.17 -28.35
C5 NAG CA . -0.41 -7.77 -27.83
C6 NAG CA . 0.72 -7.75 -28.84
C7 NAG CA . -3.82 -5.68 -24.14
C8 NAG CA . -4.91 -6.00 -23.16
N2 NAG CA . -3.25 -6.67 -24.83
O3 NAG CA . -4.04 -6.65 -27.53
O4 NAG CA . -2.24 -8.05 -29.41
O5 NAG CA . 0.06 -7.06 -26.61
O6 NAG CA . 0.85 -6.52 -29.53
O7 NAG CA . -3.48 -4.50 -24.29
C1 NAG CA . -2.91 -7.41 -30.60
C2 NAG CA . -2.78 -8.39 -31.83
C3 NAG CA . -3.44 -7.69 -33.08
C4 NAG CA . -4.94 -7.35 -32.78
C5 NAG CA . -5.00 -6.44 -31.51
C6 NAG CA . -6.44 -6.13 -31.06
C7 NAG CA . -0.76 -9.85 -31.79
C8 NAG CA . 0.71 -10.05 -32.07
N2 NAG CA . -1.35 -8.68 -32.10
O3 NAG CA . -3.35 -8.52 -34.23
O4 NAG CA . -5.50 -6.58 -33.89
O5 NAG CA . -4.31 -7.09 -30.36
O6 NAG CA . -7.16 -7.30 -30.66
O7 NAG CA . -1.40 -10.79 -31.29
C1 BMA CA . -6.17 -7.31 -35.02
C2 BMA CA . -7.54 -6.63 -35.36
C3 BMA CA . -8.22 -7.45 -36.49
C4 BMA CA . -7.28 -7.46 -37.73
C5 BMA CA . -5.92 -8.11 -37.32
C6 BMA CA . -4.91 -8.11 -38.46
O2 BMA CA . -7.33 -5.28 -35.77
O3 BMA CA . -9.49 -6.87 -36.86
O4 BMA CA . -7.90 -8.22 -38.76
O5 BMA CA . -5.32 -7.36 -36.20
O6 BMA CA . -4.98 -9.31 -39.22
C1 MAN CA . -10.73 -7.53 -36.25
C2 MAN CA . -12.03 -7.20 -37.08
C3 MAN CA . -12.39 -5.70 -36.90
C4 MAN CA . -12.58 -5.37 -35.38
C5 MAN CA . -11.24 -5.73 -34.62
C6 MAN CA . -11.35 -5.51 -33.11
O2 MAN CA . -13.12 -8.05 -36.70
O3 MAN CA . -13.61 -5.42 -37.59
O4 MAN CA . -12.89 -3.99 -35.26
O5 MAN CA . -10.92 -7.17 -34.83
O6 MAN CA . -11.70 -4.17 -32.80
C1 MAN CA . -3.63 -9.77 -39.68
C2 MAN CA . -3.80 -11.03 -40.61
C3 MAN CA . -4.29 -12.22 -39.73
C4 MAN CA . -3.29 -12.49 -38.56
C5 MAN CA . -3.18 -11.19 -37.69
C6 MAN CA . -2.16 -11.30 -36.56
O2 MAN CA . -2.58 -11.34 -41.28
O3 MAN CA . -4.39 -13.39 -40.56
O4 MAN CA . -3.79 -13.58 -37.77
O5 MAN CA . -2.73 -10.06 -38.57
O6 MAN CA . -2.49 -12.37 -35.66
C1 NAG DA . -5.63 -29.60 -20.44
C2 NAG DA . -6.75 -28.64 -21.03
C3 NAG DA . -8.12 -29.44 -21.02
C4 NAG DA . -7.95 -30.76 -21.86
C5 NAG DA . -6.81 -31.63 -21.25
C6 NAG DA . -6.51 -32.90 -22.03
C7 NAG DA . -7.53 -26.87 -19.32
C8 NAG DA . -7.09 -25.67 -18.54
N2 NAG DA . -6.67 -27.37 -20.23
O3 NAG DA . -9.14 -28.64 -21.64
O4 NAG DA . -9.18 -31.53 -21.84
O5 NAG DA . -5.56 -30.83 -21.23
O6 NAG DA . -6.18 -32.63 -23.40
O7 NAG DA . -8.67 -27.35 -19.11
C1 NAG DA . -9.84 -31.72 -23.19
C2 NAG DA . -10.87 -32.91 -23.06
C3 NAG DA . -11.55 -33.10 -24.46
C4 NAG DA . -12.26 -31.77 -24.90
C5 NAG DA . -11.17 -30.62 -24.95
C6 NAG DA . -11.76 -29.25 -25.28
C7 NAG DA . -10.43 -34.95 -21.68
C8 NAG DA . -9.58 -36.14 -21.37
N2 NAG DA . -10.10 -34.14 -22.70
O3 NAG DA . -12.51 -34.16 -24.36
O4 NAG DA . -12.82 -31.95 -26.24
O5 NAG DA . -10.51 -30.51 -23.62
O6 NAG DA . -12.62 -28.76 -24.26
O7 NAG DA . -11.44 -34.73 -20.98
C1 BMA DA . -14.30 -32.29 -26.33
C2 BMA DA . -15.15 -30.94 -26.35
C3 BMA DA . -16.66 -31.33 -26.45
C4 BMA DA . -16.91 -32.20 -27.72
C5 BMA DA . -16.01 -33.50 -27.65
C6 BMA DA . -16.11 -34.36 -28.90
O2 BMA DA . -14.76 -30.13 -27.46
O3 BMA DA . -17.44 -30.13 -26.54
O4 BMA DA . -18.30 -32.56 -27.75
O5 BMA DA . -14.59 -33.09 -27.51
O6 BMA DA . -15.14 -35.40 -28.87
C1 NAG EA . 32.00 12.31 -11.60
C2 NAG EA . 32.35 10.83 -12.07
C3 NAG EA . 33.91 10.64 -11.95
C4 NAG EA . 34.64 11.70 -12.82
C5 NAG EA . 34.22 13.14 -12.36
C6 NAG EA . 34.83 14.24 -13.22
C7 NAG EA . 30.51 9.22 -11.61
C8 NAG EA . 29.82 8.29 -10.66
N2 NAG EA . 31.65 9.82 -11.23
O3 NAG EA . 34.27 9.32 -12.38
O4 NAG EA . 36.06 11.53 -12.67
O5 NAG EA . 32.73 13.28 -12.45
O6 NAG EA . 36.26 14.25 -13.13
O7 NAG EA . 30.01 9.43 -12.72
C1 NAG FA . 23.20 3.21 26.25
C2 NAG FA . 22.59 2.32 27.43
C3 NAG FA . 22.89 3.02 28.79
C4 NAG FA . 24.44 3.18 28.96
C5 NAG FA . 24.99 4.05 27.76
C6 NAG FA . 26.51 4.19 27.80
C7 NAG FA . 20.53 1.10 26.70
C8 NAG FA . 19.05 1.08 26.45
N2 NAG FA . 21.12 2.19 27.25
O3 NAG FA . 22.39 2.22 29.88
O4 NAG FA . 24.72 3.83 30.20
O5 NAG FA . 24.65 3.38 26.47
O6 NAG FA . 26.97 4.87 28.96
O7 NAG FA . 21.19 0.09 26.40
C1 NAG GA . 30.05 -7.76 22.89
C2 NAG GA . 30.59 -8.77 23.99
C3 NAG GA . 31.88 -8.14 24.65
C4 NAG GA . 32.94 -7.86 23.56
C5 NAG GA . 32.34 -6.90 22.47
C6 NAG GA . 33.30 -6.61 21.32
C7 NAG GA . 29.19 -10.17 25.50
C8 NAG GA . 28.02 -10.28 26.43
N2 NAG GA . 29.52 -8.97 24.99
O3 NAG GA . 32.43 -9.05 25.61
O4 NAG GA . 34.09 -7.27 24.18
O5 NAG GA . 31.10 -7.51 21.89
O6 NAG GA . 34.45 -5.88 21.75
O7 NAG GA . 29.84 -11.18 25.22
C1 NAG HA . -9.06 7.14 34.31
C2 NAG HA . -8.26 5.83 34.75
C3 NAG HA . -8.96 5.24 36.02
C4 NAG HA . -8.97 6.32 37.17
C5 NAG HA . -9.71 7.60 36.66
C6 NAG HA . -9.70 8.73 37.68
C7 NAG HA . -7.23 4.66 32.82
C8 NAG HA . -7.34 3.68 31.69
N2 NAG HA . -8.26 4.82 33.67
O3 NAG HA . -8.25 4.07 36.47
O4 NAG HA . -9.63 5.76 38.31
O5 NAG HA . -9.05 8.11 35.41
O6 NAG HA . -10.39 8.36 38.88
O7 NAG HA . -6.17 5.31 32.93
C1 NAG IA . -32.64 -10.74 7.52
C2 NAG IA . -33.00 -11.77 6.35
C3 NAG IA . -34.52 -11.62 6.00
C4 NAG IA . -35.37 -11.90 7.28
C5 NAG IA . -34.97 -10.87 8.41
C6 NAG IA . -35.71 -11.12 9.73
C7 NAG IA . -31.05 -12.18 4.85
C8 NAG IA . -30.20 -11.76 3.69
N2 NAG IA . -32.16 -11.48 5.16
O3 NAG IA . -34.88 -12.57 4.99
O4 NAG IA . -36.76 -11.75 6.95
O5 NAG IA . -33.51 -11.00 8.69
O6 NAG IA . -37.12 -10.96 9.58
O7 NAG IA . -30.71 -13.17 5.50
C1 NAG JA . -28.62 -21.46 14.41
C2 NAG JA . -29.36 -22.86 14.28
C3 NAG JA . -30.69 -22.79 15.11
C4 NAG JA . -30.36 -22.46 16.60
C5 NAG JA . -29.60 -21.09 16.65
C6 NAG JA . -29.18 -20.71 18.08
C7 NAG JA . -29.44 -24.27 12.23
C8 NAG JA . -29.66 -24.38 10.75
N2 NAG JA . -29.64 -23.09 12.84
O3 NAG JA . -31.37 -24.07 15.06
O4 NAG JA . -31.59 -22.38 17.32
O5 NAG JA . -28.36 -21.18 15.83
O6 NAG JA . -30.31 -20.45 18.91
O7 NAG JA . -29.10 -25.27 12.86
C1 NAG KA . -26.84 -1.78 -24.21
C2 NAG KA . -27.06 -3.31 -23.82
C3 NAG KA . -27.56 -4.08 -25.09
C4 NAG KA . -28.90 -3.44 -25.59
C5 NAG KA . -28.66 -1.92 -25.90
C6 NAG KA . -29.94 -1.21 -26.32
C7 NAG KA . -25.46 -4.05 -22.05
C8 NAG KA . -24.11 -4.57 -21.66
N2 NAG KA . -25.77 -3.91 -23.35
O3 NAG KA . -27.77 -5.46 -24.77
O4 NAG KA . -29.33 -4.14 -26.76
O5 NAG KA . -28.13 -1.23 -24.69
O6 NAG KA . -30.49 -1.75 -27.52
O7 NAG KA . -26.27 -3.74 -21.15
C1 NAG LA . 12.06 -4.28 -32.77
C2 NAG LA . 13.56 -4.79 -32.58
C3 NAG LA . 14.44 -4.17 -33.70
C4 NAG LA . 13.88 -4.61 -35.10
C5 NAG LA . 12.40 -4.11 -35.23
C6 NAG LA . 11.73 -4.56 -36.53
C7 NAG LA . 14.11 -5.17 -30.17
C8 NAG LA . 14.53 -4.63 -28.83
N2 NAG LA . 14.06 -4.35 -31.24
O3 NAG LA . 15.80 -4.64 -33.59
O4 NAG LA . 14.69 -4.04 -36.13
O5 NAG LA . 11.59 -4.68 -34.11
O6 NAG LA . 12.39 -4.03 -37.68
O7 NAG LA . 13.81 -6.37 -30.26
C1 NAG MA . 8.84 -17.24 -33.34
C2 NAG MA . 9.81 -18.31 -34.01
C3 NAG MA . 9.69 -18.18 -35.57
C4 NAG MA . 8.20 -18.41 -36.00
C5 NAG MA . 7.30 -17.36 -35.27
C6 NAG MA . 5.81 -17.54 -35.57
C7 NAG MA . 12.07 -18.96 -33.17
C8 NAG MA . 13.42 -18.54 -32.64
N2 NAG MA . 11.20 -18.01 -33.56
O3 NAG MA . 10.50 -19.17 -36.22
O4 NAG MA . 8.10 -18.27 -37.42
O5 NAG MA . 7.46 -17.48 -33.79
O6 NAG MA . 5.52 -17.29 -36.95
O7 NAG MA . 11.79 -20.16 -33.26
#